data_2WEU
#
_entry.id   2WEU
#
_cell.length_a   142.700
_cell.length_b   141.080
_cell.length_c   122.950
_cell.angle_alpha   90.00
_cell.angle_beta   90.00
_cell.angle_gamma   90.00
#
_symmetry.space_group_name_H-M   'P 21 21 21'
#
loop_
_entity.id
_entity.type
_entity.pdbx_description
1 polymer 'TRYPTOPHAN 5-HALOGENASE'
2 non-polymer TRYPTOPHAN
3 water water
#
_entity_poly.entity_id   1
_entity_poly.type   'polypeptide(L)'
_entity_poly.pdbx_seq_one_letter_code
;MIRSVVIVGGGTAGWMTASYLKAAFDDRIDVTLVESGNVRRIGVGEATFSTVRHFFDYLGLDEREWLPRCAGGYKLGIRF
ENWSEPGEYFYHPFERLRVVDGFNMAEWWLAVGDRRTSFSEACYLTHRLCEAKRAPRMLDGSLFASQVDESLGRSTLAEQ
RAQFPYAYHFDADEVARYLSEYAIARGVRHVVDDVQHVGQDERGWISGVHTKQHGEISGDLFVDCTGFRGLLINQTLGGR
FQSFSDVLPNNRAVALRVPRENDEDMRPYTTATAMSAGWMWTIPLFKRDGNGYVYSDEFISPEEAERELRSTVAPGRDDL
EANHIQMRIGRNERTWINNCVAVGLSAAFVEPLESTGIFFIQHAIEQLVKHFPGERWDPVLISAYNERMAHMVDGVKEFL
VLHYKGAQREDTPYWKAAKTRAMPDGLARKLELSASHLLDEQTIYPYYHGFETYSWITMNLGLGIVPERPRPALLHMDPA
PALAEFERLRREGDELIAALPSCYEYLASIQ
;
_entity_poly.pdbx_strand_id   A,B,C,D
#
# COMPACT_ATOMS: atom_id res chain seq x y z
N MET A 1 -23.58 11.53 -33.39
CA MET A 1 -24.53 10.69 -32.54
C MET A 1 -24.94 9.38 -33.21
N ILE A 2 -25.22 8.36 -32.42
CA ILE A 2 -25.92 7.18 -32.95
C ILE A 2 -27.40 7.50 -33.06
N ARG A 3 -28.14 6.68 -33.78
CA ARG A 3 -29.51 7.04 -34.12
C ARG A 3 -30.54 6.04 -33.63
N SER A 4 -30.20 4.76 -33.65
CA SER A 4 -31.20 3.70 -33.57
C SER A 4 -30.83 2.61 -32.59
N VAL A 5 -31.84 2.12 -31.89
CA VAL A 5 -31.70 1.06 -30.94
C VAL A 5 -32.68 -0.07 -31.31
N VAL A 6 -32.18 -1.31 -31.35
CA VAL A 6 -33.02 -2.47 -31.64
C VAL A 6 -33.00 -3.37 -30.39
N ILE A 7 -34.17 -3.59 -29.81
CA ILE A 7 -34.32 -4.37 -28.55
C ILE A 7 -34.83 -5.74 -28.98
N VAL A 8 -34.09 -6.79 -28.62
CA VAL A 8 -34.52 -8.14 -28.91
C VAL A 8 -35.08 -8.79 -27.64
N GLY A 9 -36.38 -9.03 -27.65
CA GLY A 9 -37.12 -9.56 -26.52
C GLY A 9 -38.06 -8.53 -25.89
N GLY A 10 -39.24 -9.00 -25.50
CA GLY A 10 -40.24 -8.17 -24.84
C GLY A 10 -40.19 -8.37 -23.35
N GLY A 11 -41.36 -8.56 -22.75
CA GLY A 11 -41.48 -8.72 -21.32
C GLY A 11 -41.12 -7.45 -20.60
N THR A 12 -40.87 -7.59 -19.32
CA THR A 12 -40.52 -6.48 -18.46
C THR A 12 -39.18 -5.82 -18.87
N ALA A 13 -38.17 -6.62 -19.17
CA ALA A 13 -36.87 -6.01 -19.51
C ALA A 13 -36.98 -5.24 -20.83
N GLY A 14 -37.58 -5.83 -21.84
CA GLY A 14 -37.66 -5.17 -23.16
C GLY A 14 -38.50 -3.92 -23.14
N TRP A 15 -39.64 -3.97 -22.50
CA TRP A 15 -40.57 -2.85 -22.55
C TRP A 15 -40.18 -1.77 -21.55
N MET A 16 -39.49 -2.14 -20.47
CA MET A 16 -38.93 -1.10 -19.59
C MET A 16 -37.84 -0.34 -20.35
N THR A 17 -37.04 -1.06 -21.13
CA THR A 17 -35.97 -0.41 -21.91
C THR A 17 -36.55 0.51 -22.96
N ALA A 18 -37.53 -0.01 -23.69
CA ALA A 18 -38.19 0.77 -24.76
C ALA A 18 -38.83 2.07 -24.25
N SER A 19 -39.57 1.95 -23.16
CA SER A 19 -40.32 3.05 -22.63
C SER A 19 -39.35 4.09 -22.07
N TYR A 20 -38.29 3.66 -21.40
CA TYR A 20 -37.31 4.57 -20.82
C TYR A 20 -36.50 5.35 -21.84
N LEU A 21 -36.04 4.65 -22.86
CA LEU A 21 -35.37 5.34 -23.96
C LEU A 21 -36.22 6.48 -24.56
N LYS A 22 -37.51 6.24 -24.78
CA LYS A 22 -38.39 7.27 -25.32
C LYS A 22 -38.68 8.38 -24.30
N ALA A 23 -38.80 8.03 -23.03
CA ALA A 23 -38.97 9.05 -21.99
C ALA A 23 -37.73 9.93 -21.94
N ALA A 24 -36.54 9.33 -22.02
CA ALA A 24 -35.30 10.04 -21.89
C ALA A 24 -34.95 10.89 -23.11
N PHE A 25 -35.09 10.31 -24.30
CA PHE A 25 -34.60 10.91 -25.55
C PHE A 25 -35.68 11.36 -26.55
N ASP A 26 -36.93 11.04 -26.28
CA ASP A 26 -38.08 11.36 -27.16
C ASP A 26 -37.76 11.09 -28.64
N ASP A 27 -37.93 12.09 -29.48
CA ASP A 27 -37.69 11.94 -30.92
C ASP A 27 -36.21 12.03 -31.31
N ARG A 28 -35.31 12.01 -30.33
CA ARG A 28 -33.88 11.99 -30.64
C ARG A 28 -33.28 10.59 -30.58
N ILE A 29 -34.14 9.58 -30.61
CA ILE A 29 -33.72 8.20 -30.75
C ILE A 29 -34.80 7.41 -31.47
N ASP A 30 -34.38 6.53 -32.36
CA ASP A 30 -35.31 5.58 -32.99
C ASP A 30 -35.19 4.26 -32.23
N VAL A 31 -36.34 3.68 -31.90
CA VAL A 31 -36.38 2.44 -31.17
C VAL A 31 -37.30 1.43 -31.82
N THR A 32 -36.77 0.23 -32.04
CA THR A 32 -37.56 -0.92 -32.51
C THR A 32 -37.44 -2.07 -31.52
N LEU A 33 -38.57 -2.69 -31.17
CA LEU A 33 -38.56 -3.88 -30.32
C LEU A 33 -39.07 -5.09 -31.10
N VAL A 34 -38.24 -6.13 -31.18
CA VAL A 34 -38.61 -7.41 -31.82
C VAL A 34 -38.86 -8.45 -30.74
N GLU A 35 -40.07 -9.03 -30.72
CA GLU A 35 -40.35 -10.16 -29.83
C GLU A 35 -41.13 -11.28 -30.53
N SER A 36 -41.00 -12.48 -29.99
CA SER A 36 -41.73 -13.64 -30.51
C SER A 36 -43.24 -13.56 -30.20
N VAL A 44 -48.40 -14.82 -12.51
CA VAL A 44 -47.65 -15.39 -11.39
C VAL A 44 -47.48 -14.34 -10.29
N GLY A 45 -46.56 -13.38 -10.50
CA GLY A 45 -46.39 -12.21 -9.63
C GLY A 45 -44.93 -11.90 -9.28
N GLU A 46 -44.62 -10.62 -9.10
CA GLU A 46 -43.26 -10.17 -8.79
C GLU A 46 -43.31 -9.00 -7.80
N ALA A 47 -42.20 -8.83 -7.08
CA ALA A 47 -42.05 -7.77 -6.10
C ALA A 47 -40.98 -6.79 -6.57
N THR A 48 -40.96 -5.59 -6.00
CA THR A 48 -40.04 -4.57 -6.44
C THR A 48 -39.37 -4.01 -5.21
N PHE A 49 -38.38 -3.14 -5.48
CA PHE A 49 -37.82 -2.24 -4.47
C PHE A 49 -38.66 -0.98 -4.37
N SER A 50 -38.49 -0.24 -3.27
CA SER A 50 -39.16 1.05 -3.13
C SER A 50 -38.67 2.02 -4.18
N THR A 51 -37.44 1.84 -4.64
CA THR A 51 -36.81 2.78 -5.57
C THR A 51 -37.25 2.59 -7.01
N VAL A 52 -38.05 1.57 -7.28
CA VAL A 52 -38.71 1.49 -8.59
C VAL A 52 -39.56 2.74 -8.89
N ARG A 53 -39.93 3.51 -7.85
CA ARG A 53 -40.65 4.75 -8.08
C ARG A 53 -39.89 5.75 -8.94
N HIS A 54 -38.56 5.76 -8.87
CA HIS A 54 -37.77 6.65 -9.70
C HIS A 54 -38.05 6.37 -11.18
N PHE A 55 -38.16 5.10 -11.54
CA PHE A 55 -38.42 4.72 -12.92
C PHE A 55 -39.83 5.16 -13.37
N PHE A 56 -40.83 4.81 -12.60
CA PHE A 56 -42.21 5.18 -12.96
C PHE A 56 -42.41 6.69 -13.01
N ASP A 57 -41.87 7.40 -12.03
CA ASP A 57 -41.93 8.87 -12.09
C ASP A 57 -41.21 9.46 -13.29
N TYR A 58 -40.06 8.89 -13.66
CA TYR A 58 -39.32 9.37 -14.81
C TYR A 58 -40.19 9.27 -16.08
N LEU A 59 -40.90 8.15 -16.19
CA LEU A 59 -41.88 7.92 -17.27
C LEU A 59 -43.14 8.78 -17.17
N GLY A 60 -43.41 9.30 -15.97
CA GLY A 60 -44.54 10.19 -15.71
C GLY A 60 -45.82 9.48 -15.36
N LEU A 61 -45.72 8.29 -14.79
CA LEU A 61 -46.88 7.48 -14.52
C LEU A 61 -47.23 7.60 -13.07
N ASP A 62 -48.53 7.61 -12.77
CA ASP A 62 -49.01 7.57 -11.40
C ASP A 62 -49.54 6.18 -11.11
N GLU A 63 -49.26 5.68 -9.89
CA GLU A 63 -49.64 4.32 -9.52
C GLU A 63 -51.14 4.01 -9.66
N ARG A 64 -51.98 5.02 -9.44
CA ARG A 64 -53.43 4.81 -9.51
C ARG A 64 -53.90 4.43 -10.92
N GLU A 65 -53.12 4.82 -11.94
CA GLU A 65 -53.40 4.38 -13.32
C GLU A 65 -53.15 2.89 -13.48
N TRP A 66 -51.95 2.46 -13.16
CA TRP A 66 -51.49 1.16 -13.62
C TRP A 66 -51.60 0.03 -12.61
N LEU A 67 -51.49 0.35 -11.32
CA LEU A 67 -51.36 -0.71 -10.32
C LEU A 67 -52.62 -1.62 -10.32
N PRO A 68 -53.84 -1.03 -10.39
CA PRO A 68 -55.05 -1.86 -10.45
C PRO A 68 -55.14 -2.76 -11.68
N ARG A 69 -54.78 -2.22 -12.83
CA ARG A 69 -54.73 -2.99 -14.06
C ARG A 69 -53.69 -4.12 -13.98
N CYS A 70 -52.66 -3.93 -13.16
CA CYS A 70 -51.62 -4.96 -12.99
C CYS A 70 -51.79 -5.83 -11.75
N ALA A 71 -53.04 -5.94 -11.31
CA ALA A 71 -53.44 -6.79 -10.18
C ALA A 71 -52.55 -6.51 -8.97
N GLY A 72 -52.23 -5.23 -8.79
CA GLY A 72 -51.18 -4.82 -7.91
C GLY A 72 -51.49 -4.83 -6.43
N GLY A 73 -50.42 -4.87 -5.66
CA GLY A 73 -50.50 -4.79 -4.21
C GLY A 73 -49.34 -3.94 -3.70
N TYR A 74 -49.37 -3.64 -2.40
CA TYR A 74 -48.31 -2.87 -1.74
C TYR A 74 -47.39 -3.78 -0.90
N LYS A 75 -46.09 -3.49 -0.95
CA LYS A 75 -45.07 -4.19 -0.22
C LYS A 75 -44.36 -3.28 0.76
N LEU A 76 -44.46 -3.59 2.05
CA LEU A 76 -43.75 -2.84 3.09
C LEU A 76 -42.39 -3.46 3.42
N GLY A 77 -42.13 -4.67 2.92
CA GLY A 77 -40.89 -5.39 3.15
C GLY A 77 -41.09 -6.88 2.91
N ILE A 78 -40.19 -7.70 3.47
CA ILE A 78 -40.25 -9.16 3.38
C ILE A 78 -40.30 -9.76 4.80
N ARG A 79 -41.25 -10.69 4.96
CA ARG A 79 -41.35 -11.54 6.16
C ARG A 79 -40.52 -12.79 5.95
N PHE A 80 -39.42 -12.92 6.71
CA PHE A 80 -38.60 -14.13 6.70
C PHE A 80 -39.06 -15.09 7.79
N GLU A 81 -39.56 -16.25 7.39
CA GLU A 81 -40.15 -17.20 8.33
C GLU A 81 -39.46 -18.54 8.28
N ASN A 82 -39.22 -19.12 9.46
CA ASN A 82 -38.70 -20.49 9.59
C ASN A 82 -37.29 -20.76 9.09
N TRP A 83 -36.49 -19.71 8.97
CA TRP A 83 -35.07 -19.85 8.56
C TRP A 83 -34.18 -20.32 9.68
N SER A 84 -34.62 -20.04 10.90
CA SER A 84 -33.87 -20.38 12.09
C SER A 84 -34.74 -21.17 13.07
N GLU A 85 -35.22 -20.56 14.14
CA GLU A 85 -36.08 -21.31 15.07
C GLU A 85 -37.45 -21.58 14.42
N PRO A 86 -37.91 -22.86 14.44
CA PRO A 86 -39.20 -23.18 13.87
C PRO A 86 -40.33 -22.28 14.37
N GLY A 87 -41.05 -21.70 13.42
CA GLY A 87 -42.17 -20.80 13.72
C GLY A 87 -41.82 -19.35 14.01
N GLU A 88 -40.54 -19.01 14.05
N GLU A 88 -40.53 -19.01 14.05
CA GLU A 88 -40.15 -17.62 14.27
CA GLU A 88 -40.13 -17.63 14.30
C GLU A 88 -40.02 -16.89 12.94
C GLU A 88 -39.97 -16.89 12.95
N TYR A 89 -40.19 -15.58 12.99
CA TYR A 89 -40.05 -14.76 11.81
C TYR A 89 -39.68 -13.33 12.19
N PHE A 90 -39.31 -12.56 11.18
CA PHE A 90 -38.98 -11.15 11.37
C PHE A 90 -39.19 -10.52 10.01
N TYR A 91 -39.15 -9.19 9.97
CA TYR A 91 -39.33 -8.43 8.73
C TYR A 91 -38.07 -7.67 8.31
N HIS A 92 -37.83 -7.66 7.01
CA HIS A 92 -36.83 -6.82 6.42
C HIS A 92 -37.65 -5.69 5.75
N PRO A 93 -37.64 -4.47 6.32
CA PRO A 93 -38.55 -3.43 5.89
C PRO A 93 -37.95 -2.39 4.93
N PHE A 94 -38.84 -1.58 4.37
CA PHE A 94 -38.46 -0.34 3.70
C PHE A 94 -38.45 0.76 4.76
N GLU A 95 -37.43 0.69 5.62
CA GLU A 95 -37.37 1.58 6.79
C GLU A 95 -35.94 1.59 7.37
N ARG A 96 -35.39 2.79 7.52
CA ARG A 96 -34.05 2.94 8.11
C ARG A 96 -34.19 2.92 9.61
N LEU A 97 -33.14 2.48 10.28
CA LEU A 97 -33.09 2.51 11.73
C LEU A 97 -32.91 3.94 12.16
N ARG A 98 -33.57 4.29 13.24
CA ARG A 98 -33.33 5.58 13.85
C ARG A 98 -32.00 5.59 14.58
N VAL A 99 -31.47 6.79 14.79
CA VAL A 99 -30.14 6.97 15.43
C VAL A 99 -30.29 7.88 16.64
N VAL A 100 -29.87 7.38 17.80
CA VAL A 100 -29.87 8.16 19.03
C VAL A 100 -28.44 8.26 19.58
N ASP A 101 -28.00 9.50 19.82
CA ASP A 101 -26.69 9.79 20.39
C ASP A 101 -25.57 9.10 19.60
N GLY A 102 -25.72 9.05 18.28
CA GLY A 102 -24.70 8.48 17.41
C GLY A 102 -24.74 6.99 17.18
N PHE A 103 -25.70 6.27 17.78
CA PHE A 103 -25.82 4.80 17.61
C PHE A 103 -27.21 4.42 17.15
N ASN A 104 -27.30 3.54 16.14
CA ASN A 104 -28.60 3.19 15.61
C ASN A 104 -29.36 2.28 16.59
N MET A 105 -30.66 2.14 16.35
CA MET A 105 -31.52 1.45 17.29
C MET A 105 -31.19 -0.04 17.42
N ALA A 106 -30.56 -0.63 16.41
CA ALA A 106 -30.13 -2.04 16.54
C ALA A 106 -29.06 -2.14 17.64
N GLU A 107 -28.12 -1.22 17.62
CA GLU A 107 -27.06 -1.22 18.61
C GLU A 107 -27.68 -1.07 19.99
N TRP A 108 -28.63 -0.14 20.11
CA TRP A 108 -29.26 0.09 21.39
C TRP A 108 -30.08 -1.09 21.83
N TRP A 109 -30.76 -1.72 20.90
CA TRP A 109 -31.53 -2.92 21.18
C TRP A 109 -30.65 -3.98 21.83
N LEU A 110 -29.46 -4.21 21.27
CA LEU A 110 -28.50 -5.16 21.86
C LEU A 110 -28.16 -4.81 23.31
N ALA A 111 -28.04 -3.52 23.61
CA ALA A 111 -27.60 -3.07 24.93
C ALA A 111 -28.69 -2.97 25.96
N VAL A 112 -29.83 -2.39 25.59
CA VAL A 112 -30.87 -2.11 26.58
C VAL A 112 -32.24 -2.58 26.16
N GLY A 113 -32.32 -3.39 25.11
CA GLY A 113 -33.56 -3.94 24.61
C GLY A 113 -34.03 -5.14 25.41
N SER A 118 -38.71 -8.99 19.94
CA SER A 118 -37.76 -9.21 18.85
C SER A 118 -37.19 -7.89 18.37
N PHE A 119 -36.02 -7.97 17.73
CA PHE A 119 -35.35 -6.80 17.18
C PHE A 119 -36.29 -6.02 16.24
N SER A 120 -36.89 -6.74 15.32
CA SER A 120 -37.65 -6.06 14.29
C SER A 120 -38.96 -5.44 14.84
N GLU A 121 -39.57 -6.04 15.85
CA GLU A 121 -40.76 -5.43 16.48
C GLU A 121 -40.36 -4.18 17.29
N ALA A 122 -39.21 -4.24 17.96
CA ALA A 122 -38.75 -3.11 18.77
C ALA A 122 -38.28 -1.92 17.94
N CYS A 123 -37.66 -2.19 16.78
CA CYS A 123 -36.93 -1.17 15.99
C CYS A 123 -37.60 -0.58 14.76
N TYR A 124 -38.66 -1.21 14.27
CA TYR A 124 -39.27 -0.81 13.02
C TYR A 124 -40.79 -0.68 13.13
N LEU A 125 -41.33 0.49 12.79
CA LEU A 125 -42.78 0.71 12.63
C LEU A 125 -43.34 -0.34 11.70
N THR A 126 -42.58 -0.67 10.66
CA THR A 126 -43.02 -1.58 9.61
C THR A 126 -43.44 -2.94 10.14
N HIS A 127 -42.77 -3.45 11.18
CA HIS A 127 -43.16 -4.72 11.81
C HIS A 127 -44.63 -4.74 12.19
N ARG A 128 -45.08 -3.74 12.90
CA ARG A 128 -46.44 -3.73 13.39
C ARG A 128 -47.46 -3.36 12.34
N LEU A 129 -47.08 -2.52 11.40
CA LEU A 129 -47.89 -2.26 10.24
C LEU A 129 -48.18 -3.56 9.50
N CYS A 130 -47.16 -4.38 9.33
CA CYS A 130 -47.33 -5.68 8.66
C CYS A 130 -48.20 -6.65 9.45
N GLU A 131 -47.95 -6.76 10.75
CA GLU A 131 -48.75 -7.63 11.60
C GLU A 131 -50.23 -7.23 11.51
N ALA A 132 -50.50 -5.93 11.43
CA ALA A 132 -51.87 -5.41 11.38
C ALA A 132 -52.44 -5.33 9.96
N LYS A 133 -51.66 -5.77 8.98
CA LYS A 133 -52.00 -5.70 7.57
C LYS A 133 -52.49 -4.33 7.13
N ARG A 134 -51.78 -3.29 7.52
CA ARG A 134 -52.11 -1.94 7.08
C ARG A 134 -51.60 -1.61 5.68
N ALA A 135 -52.33 -0.73 5.01
CA ALA A 135 -51.86 -0.04 3.82
C ALA A 135 -50.95 1.12 4.22
N PRO A 136 -50.04 1.52 3.32
CA PRO A 136 -49.17 2.67 3.63
C PRO A 136 -49.80 4.06 3.36
N ARG A 137 -51.06 4.07 2.91
CA ARG A 137 -51.77 5.31 2.60
C ARG A 137 -53.14 5.34 3.28
N MET A 138 -53.53 6.54 3.68
CA MET A 138 -54.87 6.80 4.15
C MET A 138 -55.81 6.80 2.95
N LEU A 139 -57.10 6.67 3.21
CA LEU A 139 -58.08 6.58 2.11
C LEU A 139 -58.11 7.82 1.26
N ASP A 140 -57.78 8.98 1.84
CA ASP A 140 -57.62 10.23 1.05
C ASP A 140 -56.34 10.28 0.19
N GLY A 141 -55.51 9.22 0.26
CA GLY A 141 -54.35 9.08 -0.60
C GLY A 141 -53.04 9.44 0.09
N SER A 142 -53.13 10.02 1.29
CA SER A 142 -51.96 10.56 1.93
C SER A 142 -51.07 9.46 2.50
N LEU A 143 -49.77 9.66 2.36
CA LEU A 143 -48.77 8.69 2.82
C LEU A 143 -48.68 8.74 4.33
N PHE A 144 -48.49 7.58 4.95
CA PHE A 144 -48.40 7.54 6.42
C PHE A 144 -47.17 8.28 6.99
N ALA A 145 -46.08 8.33 6.21
CA ALA A 145 -44.79 8.89 6.63
C ALA A 145 -44.69 10.40 6.38
N LEU A 152 -41.16 12.69 -8.28
CA LEU A 152 -39.70 12.84 -8.41
C LEU A 152 -39.30 13.43 -9.77
N GLY A 153 -40.24 13.46 -10.71
CA GLY A 153 -39.94 13.89 -12.06
C GLY A 153 -38.96 12.95 -12.71
N ARG A 154 -37.95 13.51 -13.36
CA ARG A 154 -36.98 12.70 -14.04
C ARG A 154 -35.78 12.57 -13.12
N SER A 155 -35.79 11.53 -12.27
CA SER A 155 -34.65 11.19 -11.44
C SER A 155 -34.33 9.70 -11.59
N THR A 156 -33.14 9.34 -11.10
CA THR A 156 -32.65 7.97 -11.12
C THR A 156 -32.43 7.45 -9.70
N LEU A 157 -32.03 6.18 -9.60
CA LEU A 157 -31.71 5.55 -8.33
C LEU A 157 -30.71 6.34 -7.50
N ALA A 158 -29.79 7.04 -8.18
CA ALA A 158 -28.75 7.84 -7.50
C ALA A 158 -29.34 8.95 -6.66
N GLU A 159 -30.59 9.33 -6.96
CA GLU A 159 -31.28 10.42 -6.28
C GLU A 159 -32.15 9.96 -5.10
N GLN A 160 -32.08 8.69 -4.76
CA GLN A 160 -32.76 8.23 -3.55
C GLN A 160 -32.16 9.01 -2.39
N ARG A 161 -33.01 9.64 -1.58
CA ARG A 161 -32.58 10.33 -0.39
C ARG A 161 -33.26 9.72 0.83
N ALA A 162 -34.45 10.20 1.20
CA ALA A 162 -35.18 9.53 2.30
C ALA A 162 -35.60 8.13 1.83
N GLN A 163 -35.74 7.22 2.80
CA GLN A 163 -36.18 5.86 2.49
C GLN A 163 -37.67 5.91 2.23
N PHE A 164 -38.08 5.72 0.99
CA PHE A 164 -39.52 5.62 0.70
C PHE A 164 -40.11 4.33 1.29
N PRO A 165 -41.31 4.39 1.88
CA PRO A 165 -41.66 3.31 2.83
C PRO A 165 -42.33 2.09 2.21
N TYR A 166 -42.50 2.05 0.89
CA TYR A 166 -43.10 0.87 0.27
C TYR A 166 -42.75 0.67 -1.18
N ALA A 167 -42.98 -0.54 -1.64
CA ALA A 167 -42.80 -0.94 -3.01
C ALA A 167 -44.05 -1.67 -3.49
N TYR A 168 -43.95 -2.39 -4.60
CA TYR A 168 -45.09 -3.02 -5.22
C TYR A 168 -44.95 -4.52 -5.36
N HIS A 169 -46.12 -5.16 -5.32
CA HIS A 169 -46.35 -6.49 -5.87
C HIS A 169 -47.16 -6.29 -7.14
N PHE A 170 -46.83 -6.98 -8.22
CA PHE A 170 -47.66 -6.86 -9.43
C PHE A 170 -47.51 -8.04 -10.34
N ASP A 171 -48.47 -8.16 -11.25
CA ASP A 171 -48.41 -9.10 -12.36
C ASP A 171 -47.49 -8.47 -13.43
N ALA A 172 -46.30 -9.02 -13.56
CA ALA A 172 -45.28 -8.43 -14.42
C ALA A 172 -45.66 -8.45 -15.89
N ASP A 173 -46.40 -9.49 -16.30
CA ASP A 173 -46.86 -9.58 -17.70
C ASP A 173 -47.77 -8.39 -17.99
N GLU A 174 -48.63 -8.02 -17.03
CA GLU A 174 -49.51 -6.87 -17.22
C GLU A 174 -48.74 -5.57 -17.20
N VAL A 175 -47.69 -5.46 -16.39
CA VAL A 175 -46.89 -4.25 -16.41
C VAL A 175 -46.22 -4.11 -17.77
N ALA A 176 -45.70 -5.20 -18.30
CA ALA A 176 -45.05 -5.20 -19.61
C ALA A 176 -46.02 -4.75 -20.67
N ARG A 177 -47.24 -5.27 -20.62
CA ARG A 177 -48.29 -4.87 -21.54
C ARG A 177 -48.56 -3.37 -21.46
N TYR A 178 -48.69 -2.86 -20.24
CA TYR A 178 -48.95 -1.45 -20.01
C TYR A 178 -47.85 -0.59 -20.62
N LEU A 179 -46.61 -0.98 -20.34
CA LEU A 179 -45.46 -0.22 -20.79
C LEU A 179 -45.36 -0.30 -22.30
N SER A 180 -45.70 -1.45 -22.88
CA SER A 180 -45.70 -1.59 -24.34
C SER A 180 -46.62 -0.55 -25.01
N GLU A 181 -47.78 -0.34 -24.39
CA GLU A 181 -48.72 0.63 -24.90
C GLU A 181 -48.13 2.05 -24.77
N TYR A 182 -47.53 2.33 -23.63
CA TYR A 182 -46.82 3.59 -23.41
C TYR A 182 -45.75 3.85 -24.48
N ALA A 183 -44.93 2.83 -24.74
CA ALA A 183 -43.76 2.97 -25.61
C ALA A 183 -44.18 3.08 -27.08
N ILE A 184 -45.13 2.25 -27.50
CA ILE A 184 -45.65 2.30 -28.86
C ILE A 184 -46.31 3.67 -29.17
N ALA A 185 -47.07 4.19 -28.22
CA ALA A 185 -47.70 5.51 -28.33
C ALA A 185 -46.66 6.59 -28.55
N ARG A 186 -45.46 6.39 -28.00
CA ARG A 186 -44.39 7.38 -28.10
C ARG A 186 -43.42 7.11 -29.26
N GLY A 187 -43.76 6.16 -30.12
CA GLY A 187 -43.05 5.99 -31.40
C GLY A 187 -42.21 4.73 -31.55
N VAL A 188 -42.20 3.85 -30.56
CA VAL A 188 -41.44 2.62 -30.67
C VAL A 188 -42.10 1.71 -31.70
N ARG A 189 -41.28 1.17 -32.61
CA ARG A 189 -41.77 0.28 -33.66
C ARG A 189 -41.78 -1.14 -33.12
N HIS A 190 -42.97 -1.72 -33.07
CA HIS A 190 -43.15 -3.06 -32.55
C HIS A 190 -43.14 -4.04 -33.70
N VAL A 191 -42.26 -5.04 -33.64
CA VAL A 191 -42.20 -6.12 -34.61
C VAL A 191 -42.39 -7.46 -33.91
N VAL A 192 -43.46 -8.18 -34.26
CA VAL A 192 -43.70 -9.51 -33.69
C VAL A 192 -43.24 -10.54 -34.72
N ASP A 193 -42.15 -11.22 -34.39
CA ASP A 193 -41.49 -12.13 -35.31
C ASP A 193 -40.41 -12.91 -34.55
N ASP A 194 -39.90 -13.96 -35.20
CA ASP A 194 -38.79 -14.76 -34.63
C ASP A 194 -37.49 -14.33 -35.28
N VAL A 195 -36.41 -14.33 -34.52
CA VAL A 195 -35.11 -14.03 -35.08
C VAL A 195 -34.51 -15.34 -35.55
N GLN A 196 -34.20 -15.40 -36.84
CA GLN A 196 -33.64 -16.59 -37.46
C GLN A 196 -32.14 -16.58 -37.39
N HIS A 197 -31.56 -15.39 -37.55
CA HIS A 197 -30.12 -15.20 -37.52
C HIS A 197 -29.80 -13.81 -37.01
N VAL A 198 -28.74 -13.69 -36.23
CA VAL A 198 -28.20 -12.41 -35.80
C VAL A 198 -26.93 -12.16 -36.60
N GLY A 199 -26.96 -11.14 -37.47
CA GLY A 199 -25.82 -10.85 -38.33
C GLY A 199 -24.69 -10.16 -37.61
N GLN A 200 -23.46 -10.42 -38.05
CA GLN A 200 -22.27 -9.74 -37.53
C GLN A 200 -21.40 -9.22 -38.68
N ASP A 201 -20.75 -8.08 -38.46
CA ASP A 201 -19.79 -7.53 -39.41
C ASP A 201 -18.40 -8.13 -39.16
N GLU A 202 -17.40 -7.66 -39.92
CA GLU A 202 -16.06 -8.27 -39.85
C GLU A 202 -15.34 -8.08 -38.51
N ARG A 203 -15.79 -7.10 -37.72
CA ARG A 203 -15.27 -6.81 -36.39
C ARG A 203 -15.98 -7.60 -35.29
N GLY A 204 -17.04 -8.33 -35.67
CA GLY A 204 -17.80 -9.06 -34.69
C GLY A 204 -18.91 -8.23 -34.06
N TRP A 205 -19.13 -7.02 -34.57
CA TRP A 205 -20.21 -6.18 -34.08
C TRP A 205 -21.51 -6.59 -34.75
N ILE A 206 -22.61 -6.57 -33.99
CA ILE A 206 -23.92 -6.95 -34.56
C ILE A 206 -24.39 -5.97 -35.65
N SER A 207 -24.70 -6.49 -36.83
CA SER A 207 -25.15 -5.67 -37.95
C SER A 207 -26.68 -5.58 -38.01
N GLY A 208 -27.36 -6.63 -37.57
CA GLY A 208 -28.82 -6.67 -37.65
C GLY A 208 -29.39 -7.99 -37.20
N VAL A 209 -30.71 -8.04 -37.05
CA VAL A 209 -31.39 -9.29 -36.73
C VAL A 209 -32.31 -9.68 -37.88
N HIS A 210 -32.15 -10.91 -38.32
CA HIS A 210 -32.86 -11.42 -39.49
C HIS A 210 -34.10 -12.17 -39.01
N THR A 211 -35.25 -11.67 -39.45
CA THR A 211 -36.55 -12.13 -38.97
C THR A 211 -37.19 -12.98 -40.07
N LYS A 212 -38.14 -13.82 -39.67
CA LYS A 212 -38.84 -14.70 -40.62
C LYS A 212 -39.62 -13.95 -41.70
N GLN A 213 -40.27 -12.86 -41.33
CA GLN A 213 -41.24 -12.20 -42.19
C GLN A 213 -41.07 -10.69 -42.36
N HIS A 214 -40.15 -10.09 -41.60
CA HIS A 214 -39.92 -8.65 -41.66
C HIS A 214 -38.51 -8.32 -42.15
N GLY A 215 -37.83 -9.31 -42.73
CA GLY A 215 -36.47 -9.12 -43.21
C GLY A 215 -35.46 -8.76 -42.12
N GLU A 216 -34.39 -8.06 -42.50
CA GLU A 216 -33.34 -7.64 -41.57
C GLU A 216 -33.74 -6.35 -40.85
N ILE A 217 -33.63 -6.36 -39.52
CA ILE A 217 -33.89 -5.17 -38.72
C ILE A 217 -32.55 -4.75 -38.21
N SER A 218 -32.03 -3.65 -38.76
CA SER A 218 -30.71 -3.14 -38.43
C SER A 218 -30.82 -1.98 -37.46
N GLY A 219 -29.72 -1.71 -36.76
CA GLY A 219 -29.62 -0.54 -35.87
C GLY A 219 -28.18 -0.30 -35.48
N ASP A 220 -27.98 0.72 -34.65
CA ASP A 220 -26.66 1.05 -34.13
C ASP A 220 -26.35 0.30 -32.82
N LEU A 221 -27.31 0.33 -31.89
CA LEU A 221 -27.16 -0.33 -30.59
C LEU A 221 -28.20 -1.42 -30.46
N PHE A 222 -27.77 -2.58 -29.96
CA PHE A 222 -28.66 -3.73 -29.79
C PHE A 222 -28.77 -4.04 -28.31
N VAL A 223 -29.99 -4.19 -27.85
CA VAL A 223 -30.26 -4.57 -26.45
C VAL A 223 -30.79 -5.99 -26.41
N ASP A 224 -30.07 -6.83 -25.67
CA ASP A 224 -30.46 -8.24 -25.52
C ASP A 224 -31.37 -8.40 -24.31
N CYS A 225 -32.67 -8.52 -24.59
CA CYS A 225 -33.69 -8.83 -23.61
C CYS A 225 -34.27 -10.23 -23.82
N THR A 226 -33.44 -11.16 -24.27
CA THR A 226 -33.90 -12.51 -24.59
C THR A 226 -33.91 -13.48 -23.43
N GLY A 227 -33.62 -13.00 -22.22
CA GLY A 227 -33.69 -13.83 -21.03
C GLY A 227 -32.52 -14.79 -20.92
N PHE A 228 -32.77 -15.93 -20.27
CA PHE A 228 -31.70 -16.89 -19.99
C PHE A 228 -30.95 -17.35 -21.26
N ARG A 229 -31.67 -17.38 -22.39
CA ARG A 229 -31.08 -17.65 -23.71
C ARG A 229 -29.80 -16.90 -24.03
N GLY A 230 -29.77 -15.61 -23.74
CA GLY A 230 -28.62 -14.79 -24.05
C GLY A 230 -28.30 -14.79 -25.54
N LEU A 231 -29.32 -14.67 -26.36
CA LEU A 231 -29.19 -14.86 -27.81
C LEU A 231 -28.12 -13.98 -28.44
N LEU A 232 -28.04 -12.71 -28.03
CA LEU A 232 -27.03 -11.81 -28.55
C LEU A 232 -25.72 -11.91 -27.74
N ILE A 233 -25.81 -11.67 -26.45
CA ILE A 233 -24.64 -11.44 -25.62
C ILE A 233 -23.83 -12.72 -25.41
N ASN A 234 -24.50 -13.87 -25.41
CA ASN A 234 -23.83 -15.17 -25.15
C ASN A 234 -23.73 -15.99 -26.43
N GLN A 235 -24.87 -16.31 -27.02
CA GLN A 235 -24.87 -17.15 -28.21
C GLN A 235 -24.22 -16.52 -29.45
N THR A 236 -24.36 -15.21 -29.62
CA THR A 236 -23.77 -14.55 -30.78
C THR A 236 -22.36 -14.01 -30.51
N LEU A 237 -22.23 -13.22 -29.45
CA LEU A 237 -20.98 -12.55 -29.11
C LEU A 237 -20.04 -13.34 -28.19
N GLY A 238 -20.47 -14.50 -27.72
CA GLY A 238 -19.57 -15.39 -27.00
C GLY A 238 -19.20 -14.86 -25.63
N GLY A 239 -20.07 -14.04 -25.06
CA GLY A 239 -19.85 -13.52 -23.73
C GLY A 239 -19.76 -14.66 -22.73
N ARG A 240 -18.86 -14.51 -21.77
CA ARG A 240 -18.66 -15.52 -20.75
C ARG A 240 -19.61 -15.36 -19.58
N PHE A 241 -20.30 -16.44 -19.24
CA PHE A 241 -21.24 -16.38 -18.14
C PHE A 241 -20.64 -16.99 -16.89
N GLN A 242 -20.65 -16.25 -15.80
CA GLN A 242 -20.13 -16.67 -14.53
C GLN A 242 -21.26 -17.26 -13.67
N SER A 243 -21.28 -18.58 -13.51
CA SER A 243 -22.31 -19.22 -12.66
C SER A 243 -22.04 -19.01 -11.18
N PHE A 244 -23.09 -18.78 -10.38
CA PHE A 244 -22.95 -18.72 -8.91
C PHE A 244 -23.33 -20.02 -8.21
N SER A 245 -23.49 -21.11 -8.95
CA SER A 245 -23.95 -22.35 -8.38
C SER A 245 -23.11 -22.88 -7.21
N ASP A 246 -21.80 -22.65 -7.24
CA ASP A 246 -20.92 -23.10 -6.18
C ASP A 246 -21.22 -22.50 -4.79
N VAL A 247 -21.79 -21.27 -4.77
CA VAL A 247 -22.16 -20.59 -3.53
C VAL A 247 -23.68 -20.42 -3.30
N LEU A 248 -24.43 -20.43 -4.39
CA LEU A 248 -25.89 -20.35 -4.35
C LEU A 248 -26.46 -21.45 -5.24
N PRO A 249 -26.71 -22.65 -4.68
CA PRO A 249 -26.99 -23.80 -5.55
C PRO A 249 -28.45 -23.91 -6.09
N ASN A 250 -29.36 -23.09 -5.58
CA ASN A 250 -30.75 -23.16 -6.07
C ASN A 250 -30.82 -22.94 -7.57
N ASN A 251 -31.37 -23.91 -8.29
CA ASN A 251 -31.35 -23.92 -9.75
C ASN A 251 -32.69 -24.15 -10.45
N ARG A 252 -33.74 -24.37 -9.66
CA ARG A 252 -35.08 -24.52 -10.22
C ARG A 252 -36.12 -23.86 -9.34
N ALA A 253 -37.30 -23.68 -9.92
CA ALA A 253 -38.46 -23.16 -9.17
C ALA A 253 -39.72 -23.83 -9.66
N VAL A 254 -40.72 -23.92 -8.79
CA VAL A 254 -42.05 -24.37 -9.17
C VAL A 254 -43.02 -23.36 -8.57
N ALA A 255 -44.01 -22.90 -9.36
CA ALA A 255 -44.92 -21.83 -8.90
C ALA A 255 -46.38 -22.18 -9.14
N LEU A 256 -47.24 -21.59 -8.31
CA LEU A 256 -48.69 -21.78 -8.36
C LEU A 256 -49.37 -20.44 -8.14
N ARG A 257 -50.47 -20.22 -8.83
CA ARG A 257 -51.33 -19.08 -8.52
C ARG A 257 -52.47 -19.59 -7.63
N VAL A 258 -52.64 -18.92 -6.49
CA VAL A 258 -53.67 -19.32 -5.55
C VAL A 258 -54.68 -18.17 -5.32
N PRO A 259 -55.90 -18.32 -5.87
CA PRO A 259 -56.96 -17.34 -5.57
C PRO A 259 -57.17 -17.15 -4.06
N ARG A 260 -57.38 -15.92 -3.64
CA ARG A 260 -57.56 -15.63 -2.22
C ARG A 260 -59.05 -15.66 -1.91
N GLU A 261 -59.45 -16.52 -0.97
CA GLU A 261 -60.86 -16.64 -0.59
C GLU A 261 -61.35 -15.45 0.22
N ASN A 262 -60.58 -15.04 1.21
CA ASN A 262 -60.97 -13.92 2.06
C ASN A 262 -60.10 -12.71 1.74
N ASP A 263 -60.73 -11.65 1.23
CA ASP A 263 -60.00 -10.43 0.84
C ASP A 263 -59.11 -9.91 1.97
N GLU A 264 -59.60 -10.00 3.20
CA GLU A 264 -58.93 -9.41 4.36
C GLU A 264 -57.66 -10.18 4.77
N ASP A 265 -57.42 -11.34 4.14
CA ASP A 265 -56.17 -12.07 4.34
C ASP A 265 -55.00 -11.46 3.55
N MET A 266 -55.27 -10.49 2.68
CA MET A 266 -54.20 -9.86 1.89
C MET A 266 -53.11 -9.18 2.74
N ARG A 267 -51.87 -9.61 2.55
CA ARG A 267 -50.72 -9.11 3.31
C ARG A 267 -50.01 -7.98 2.57
N PRO A 268 -49.62 -6.92 3.30
CA PRO A 268 -48.89 -5.85 2.61
C PRO A 268 -47.36 -6.09 2.61
N TYR A 269 -46.96 -7.31 2.27
CA TYR A 269 -45.54 -7.69 2.27
C TYR A 269 -45.35 -9.02 1.56
N THR A 270 -44.14 -9.27 1.09
CA THR A 270 -43.77 -10.56 0.50
C THR A 270 -43.37 -11.49 1.62
N THR A 271 -43.64 -12.79 1.49
CA THR A 271 -43.12 -13.73 2.49
C THR A 271 -42.05 -14.63 1.85
N ALA A 272 -40.97 -14.86 2.58
CA ALA A 272 -39.93 -15.83 2.22
C ALA A 272 -39.87 -16.87 3.33
N THR A 273 -40.40 -18.06 3.05
CA THR A 273 -40.57 -19.11 4.04
C THR A 273 -39.58 -20.22 3.73
N ALA A 274 -38.67 -20.49 4.66
CA ALA A 274 -37.67 -21.57 4.46
C ALA A 274 -38.36 -22.94 4.38
N MET A 275 -38.00 -23.72 3.36
CA MET A 275 -38.59 -25.04 3.11
C MET A 275 -37.56 -26.13 3.34
N SER A 276 -37.87 -27.40 3.00
CA SER A 276 -36.92 -28.50 3.23
C SER A 276 -35.62 -28.47 2.41
N ALA A 277 -35.68 -27.89 1.21
CA ALA A 277 -34.58 -27.90 0.25
C ALA A 277 -34.56 -26.59 -0.54
N GLY A 278 -34.86 -25.50 0.16
CA GLY A 278 -34.89 -24.16 -0.43
C GLY A 278 -35.83 -23.25 0.35
N TRP A 279 -36.52 -22.35 -0.34
CA TRP A 279 -37.47 -21.47 0.29
C TRP A 279 -38.64 -21.14 -0.65
N MET A 280 -39.75 -20.69 -0.07
CA MET A 280 -40.98 -20.38 -0.83
C MET A 280 -41.31 -18.89 -0.78
N TRP A 281 -41.67 -18.30 -1.91
CA TRP A 281 -42.14 -16.91 -1.91
C TRP A 281 -43.66 -16.90 -1.83
N THR A 282 -44.21 -15.89 -1.16
CA THR A 282 -45.63 -15.58 -1.27
C THR A 282 -45.70 -14.12 -1.69
N ILE A 283 -46.20 -13.88 -2.90
CA ILE A 283 -46.40 -12.52 -3.42
C ILE A 283 -47.91 -12.17 -3.52
N PRO A 284 -48.41 -11.32 -2.60
CA PRO A 284 -49.84 -10.99 -2.64
C PRO A 284 -50.26 -9.97 -3.71
N LEU A 285 -51.12 -10.42 -4.61
CA LEU A 285 -51.71 -9.58 -5.62
C LEU A 285 -53.15 -9.29 -5.20
N PHE A 286 -53.84 -8.48 -5.97
CA PHE A 286 -55.13 -7.98 -5.50
C PHE A 286 -56.16 -9.10 -5.24
N LYS A 287 -56.23 -10.14 -6.05
CA LYS A 287 -57.23 -11.19 -5.78
C LYS A 287 -56.66 -12.60 -5.67
N ARG A 288 -55.35 -12.69 -5.56
CA ARG A 288 -54.69 -13.98 -5.50
C ARG A 288 -53.30 -13.78 -4.96
N ASP A 289 -52.72 -14.86 -4.48
CA ASP A 289 -51.31 -14.88 -4.13
C ASP A 289 -50.57 -15.66 -5.22
N GLY A 290 -49.34 -15.21 -5.50
CA GLY A 290 -48.43 -16.02 -6.27
C GLY A 290 -47.51 -16.70 -5.27
N ASN A 291 -47.34 -18.01 -5.42
CA ASN A 291 -46.47 -18.80 -4.56
C ASN A 291 -45.44 -19.57 -5.38
N GLY A 292 -44.19 -19.58 -4.96
CA GLY A 292 -43.17 -20.32 -5.67
C GLY A 292 -42.10 -20.89 -4.76
N TYR A 293 -41.76 -22.16 -4.99
CA TYR A 293 -40.69 -22.85 -4.29
C TYR A 293 -39.39 -22.81 -5.11
N VAL A 294 -38.41 -22.11 -4.58
CA VAL A 294 -37.04 -22.06 -5.16
C VAL A 294 -36.21 -23.11 -4.47
N TYR A 295 -35.63 -24.03 -5.25
CA TYR A 295 -34.91 -25.16 -4.65
C TYR A 295 -33.70 -25.61 -5.46
N SER A 296 -32.92 -26.51 -4.87
CA SER A 296 -31.81 -27.13 -5.58
C SER A 296 -32.20 -28.53 -5.94
N ASP A 297 -32.06 -28.88 -7.21
CA ASP A 297 -32.44 -30.22 -7.64
C ASP A 297 -31.41 -31.27 -7.26
N GLU A 298 -30.29 -30.86 -6.68
CA GLU A 298 -29.38 -31.80 -6.04
C GLU A 298 -29.95 -32.39 -4.74
N PHE A 299 -30.92 -31.71 -4.15
CA PHE A 299 -31.49 -32.12 -2.86
C PHE A 299 -32.94 -32.60 -2.88
N ILE A 300 -33.68 -32.24 -3.91
CA ILE A 300 -35.10 -32.58 -4.00
C ILE A 300 -35.46 -32.58 -5.47
N SER A 301 -36.30 -33.50 -5.90
CA SER A 301 -36.70 -33.61 -7.30
C SER A 301 -37.81 -32.60 -7.59
N PRO A 302 -38.01 -32.26 -8.89
CA PRO A 302 -39.09 -31.34 -9.20
C PRO A 302 -40.45 -31.85 -8.76
N GLU A 303 -40.67 -33.16 -8.90
CA GLU A 303 -41.92 -33.78 -8.52
C GLU A 303 -42.16 -33.63 -7.01
N GLU A 304 -41.11 -33.88 -6.22
CA GLU A 304 -41.15 -33.70 -4.77
C GLU A 304 -41.35 -32.23 -4.40
N ALA A 305 -40.70 -31.34 -5.14
CA ALA A 305 -40.81 -29.89 -4.90
C ALA A 305 -42.25 -29.43 -5.11
N GLU A 306 -42.86 -29.85 -6.22
CA GLU A 306 -44.26 -29.52 -6.44
C GLU A 306 -45.17 -30.04 -5.30
N ARG A 307 -44.95 -31.28 -4.87
CA ARG A 307 -45.73 -31.84 -3.75
C ARG A 307 -45.62 -31.02 -2.46
N GLU A 308 -44.41 -30.56 -2.15
CA GLU A 308 -44.17 -29.80 -0.93
C GLU A 308 -44.83 -28.42 -1.01
N LEU A 309 -44.70 -27.78 -2.18
CA LEU A 309 -45.36 -26.52 -2.43
C LEU A 309 -46.89 -26.63 -2.29
N ARG A 310 -47.48 -27.61 -2.97
CA ARG A 310 -48.94 -27.79 -2.92
C ARG A 310 -49.41 -28.04 -1.49
N SER A 311 -48.76 -28.96 -0.79
CA SER A 311 -49.13 -29.26 0.60
C SER A 311 -49.10 -28.03 1.49
N THR A 312 -48.18 -27.11 1.19
CA THR A 312 -47.99 -25.92 2.01
C THR A 312 -49.05 -24.85 1.73
N VAL A 313 -49.34 -24.61 0.46
CA VAL A 313 -50.18 -23.46 0.10
C VAL A 313 -51.52 -23.75 -0.59
N ALA A 314 -51.72 -24.96 -1.09
CA ALA A 314 -52.98 -25.29 -1.76
C ALA A 314 -53.22 -26.79 -1.88
N PRO A 315 -53.28 -27.49 -0.73
CA PRO A 315 -53.46 -28.95 -0.81
C PRO A 315 -54.80 -29.29 -1.43
N GLY A 316 -54.86 -30.38 -2.19
CA GLY A 316 -56.07 -30.81 -2.87
C GLY A 316 -56.64 -29.81 -3.86
N ARG A 317 -55.77 -29.05 -4.52
CA ARG A 317 -56.18 -28.09 -5.56
C ARG A 317 -55.53 -28.42 -6.91
N ASP A 318 -55.76 -29.63 -7.39
CA ASP A 318 -55.21 -30.06 -8.67
C ASP A 318 -55.84 -29.33 -9.87
N ASP A 319 -56.91 -28.59 -9.61
CA ASP A 319 -57.38 -27.61 -10.58
C ASP A 319 -56.36 -26.48 -10.86
N LEU A 320 -55.41 -26.26 -9.95
CA LEU A 320 -54.39 -25.22 -10.16
C LEU A 320 -53.12 -25.79 -10.80
N GLU A 321 -52.70 -25.19 -11.91
CA GLU A 321 -51.57 -25.71 -12.66
C GLU A 321 -50.25 -25.19 -12.07
N ALA A 322 -49.31 -26.10 -11.82
CA ALA A 322 -47.96 -25.73 -11.37
C ALA A 322 -47.12 -25.40 -12.59
N ASN A 323 -46.29 -24.37 -12.49
CA ASN A 323 -45.31 -24.07 -13.52
C ASN A 323 -43.89 -24.28 -13.03
N HIS A 324 -43.13 -25.03 -13.83
CA HIS A 324 -41.77 -25.45 -13.51
C HIS A 324 -40.78 -24.67 -14.33
N ILE A 325 -39.69 -24.27 -13.70
CA ILE A 325 -38.72 -23.40 -14.32
C ILE A 325 -37.31 -23.87 -13.96
N GLN A 326 -36.40 -23.84 -14.95
CA GLN A 326 -34.97 -23.92 -14.67
C GLN A 326 -34.36 -22.50 -14.72
N MET A 327 -33.51 -22.16 -13.74
CA MET A 327 -32.94 -20.82 -13.65
C MET A 327 -31.45 -20.82 -14.02
N ARG A 328 -30.99 -19.77 -14.70
CA ARG A 328 -29.56 -19.57 -14.94
C ARG A 328 -29.09 -18.52 -13.95
N ILE A 329 -28.38 -18.99 -12.92
CA ILE A 329 -27.94 -18.18 -11.81
C ILE A 329 -26.49 -17.75 -12.01
N GLY A 330 -26.28 -16.43 -11.98
CA GLY A 330 -24.94 -15.85 -12.08
C GLY A 330 -25.00 -14.55 -12.88
N ARG A 331 -23.89 -14.21 -13.52
CA ARG A 331 -23.84 -13.03 -14.35
C ARG A 331 -22.88 -13.15 -15.49
N ASN A 332 -23.17 -12.43 -16.56
CA ASN A 332 -22.20 -12.25 -17.58
C ASN A 332 -21.02 -11.48 -17.03
N GLU A 333 -19.81 -11.89 -17.44
CA GLU A 333 -18.61 -11.18 -17.03
C GLU A 333 -18.69 -9.71 -17.50
N ARG A 334 -19.11 -9.50 -18.75
CA ARG A 334 -19.43 -8.16 -19.28
C ARG A 334 -20.84 -8.22 -19.85
N THR A 335 -21.70 -7.32 -19.41
CA THR A 335 -23.07 -7.22 -19.97
C THR A 335 -23.10 -6.35 -21.24
N TRP A 336 -22.03 -5.59 -21.48
CA TRP A 336 -21.92 -4.77 -22.69
C TRP A 336 -20.68 -5.18 -23.46
N ILE A 337 -20.89 -5.76 -24.64
CA ILE A 337 -19.84 -6.19 -25.54
C ILE A 337 -20.11 -5.59 -26.93
N ASN A 338 -19.09 -4.94 -27.49
CA ASN A 338 -19.21 -4.26 -28.78
C ASN A 338 -20.45 -3.34 -28.75
N ASN A 339 -21.41 -3.53 -29.66
CA ASN A 339 -22.62 -2.68 -29.72
C ASN A 339 -23.87 -3.38 -29.16
N CYS A 340 -23.66 -4.27 -28.19
CA CYS A 340 -24.75 -5.06 -27.61
C CYS A 340 -24.72 -4.94 -26.11
N VAL A 341 -25.87 -4.60 -25.51
CA VAL A 341 -26.01 -4.53 -24.05
C VAL A 341 -27.13 -5.44 -23.60
N ALA A 342 -26.84 -6.29 -22.61
CA ALA A 342 -27.86 -7.19 -22.08
C ALA A 342 -28.55 -6.51 -20.88
N VAL A 343 -29.87 -6.62 -20.84
CA VAL A 343 -30.73 -6.08 -19.80
C VAL A 343 -31.64 -7.22 -19.33
N GLY A 344 -31.69 -7.45 -18.01
CA GLY A 344 -32.52 -8.51 -17.45
C GLY A 344 -31.83 -9.85 -17.31
N LEU A 345 -32.60 -10.91 -17.51
CA LEU A 345 -32.10 -12.27 -17.26
C LEU A 345 -30.94 -12.65 -18.18
N SER A 346 -30.85 -12.01 -19.35
CA SER A 346 -29.73 -12.21 -20.24
C SER A 346 -28.42 -11.72 -19.63
N ALA A 347 -28.50 -10.68 -18.80
CA ALA A 347 -27.35 -10.07 -18.23
C ALA A 347 -26.94 -10.82 -16.98
N ALA A 348 -27.91 -11.09 -16.13
CA ALA A 348 -27.65 -11.70 -14.83
C ALA A 348 -28.94 -12.13 -14.16
N PHE A 349 -28.84 -13.01 -13.17
CA PHE A 349 -30.00 -13.40 -12.37
C PHE A 349 -29.54 -14.06 -11.09
N VAL A 350 -30.22 -13.71 -10.02
CA VAL A 350 -30.14 -14.45 -8.76
C VAL A 350 -31.56 -14.83 -8.34
N GLU A 351 -31.67 -15.84 -7.47
CA GLU A 351 -32.96 -16.21 -6.90
C GLU A 351 -33.59 -14.97 -6.27
N PRO A 352 -34.94 -14.89 -6.36
CA PRO A 352 -35.61 -13.64 -5.98
C PRO A 352 -35.81 -13.46 -4.45
N LEU A 353 -34.86 -13.92 -3.66
CA LEU A 353 -34.94 -13.91 -2.22
C LEU A 353 -35.03 -12.50 -1.62
N GLU A 354 -34.48 -11.53 -2.32
CA GLU A 354 -34.57 -10.12 -1.91
C GLU A 354 -35.14 -9.25 -3.04
N SER A 355 -35.97 -9.84 -3.88
CA SER A 355 -36.80 -9.10 -4.86
C SER A 355 -35.97 -8.25 -5.82
N THR A 356 -34.87 -8.79 -6.33
CA THR A 356 -33.89 -7.96 -7.04
C THR A 356 -34.07 -7.85 -8.56
N GLY A 357 -35.01 -8.59 -9.15
CA GLY A 357 -35.11 -8.69 -10.59
C GLY A 357 -35.41 -7.41 -11.35
N ILE A 358 -36.44 -6.71 -10.90
CA ILE A 358 -36.79 -5.43 -11.53
C ILE A 358 -35.71 -4.41 -11.25
N PHE A 359 -35.14 -4.44 -10.05
CA PHE A 359 -34.00 -3.56 -9.73
C PHE A 359 -32.84 -3.74 -10.68
N PHE A 360 -32.49 -4.97 -11.03
CA PHE A 360 -31.35 -5.20 -11.92
C PHE A 360 -31.65 -4.61 -13.32
N ILE A 361 -32.90 -4.75 -13.77
CA ILE A 361 -33.32 -4.18 -15.02
C ILE A 361 -33.25 -2.64 -14.94
N GLN A 362 -33.86 -2.08 -13.92
CA GLN A 362 -33.92 -0.63 -13.74
C GLN A 362 -32.53 -0.02 -13.70
N HIS A 363 -31.65 -0.59 -12.89
CA HIS A 363 -30.29 -0.04 -12.82
C HIS A 363 -29.58 -0.14 -14.16
N ALA A 364 -29.72 -1.26 -14.85
CA ALA A 364 -29.07 -1.45 -16.14
C ALA A 364 -29.55 -0.48 -17.20
N ILE A 365 -30.84 -0.15 -17.16
CA ILE A 365 -31.44 0.82 -18.09
C ILE A 365 -31.05 2.26 -17.73
N GLU A 366 -31.11 2.60 -16.45
CA GLU A 366 -30.75 3.95 -16.05
C GLU A 366 -29.28 4.26 -16.41
N GLN A 367 -28.42 3.28 -16.16
CA GLN A 367 -26.99 3.38 -16.39
C GLN A 367 -26.67 3.27 -17.87
N LEU A 368 -27.54 2.59 -18.63
CA LEU A 368 -27.40 2.61 -20.08
C LEU A 368 -27.54 4.03 -20.63
N VAL A 369 -28.55 4.75 -20.15
CA VAL A 369 -28.75 6.15 -20.53
C VAL A 369 -27.54 6.96 -20.08
N LYS A 370 -27.11 6.78 -18.82
CA LYS A 370 -25.95 7.52 -18.34
C LYS A 370 -24.68 7.22 -19.17
N HIS A 371 -24.54 5.98 -19.62
CA HIS A 371 -23.36 5.57 -20.37
C HIS A 371 -23.64 5.44 -21.87
N PHE A 372 -24.69 6.11 -22.33
CA PHE A 372 -25.13 5.95 -23.73
C PHE A 372 -23.98 6.27 -24.66
N PRO A 373 -23.80 5.48 -25.73
CA PRO A 373 -22.62 5.70 -26.56
C PRO A 373 -22.79 6.80 -27.57
N GLY A 374 -21.68 7.43 -27.91
CA GLY A 374 -21.61 8.23 -29.13
C GLY A 374 -21.09 7.39 -30.28
N GLU A 375 -20.97 8.03 -31.44
CA GLU A 375 -20.46 7.34 -32.63
C GLU A 375 -19.02 6.84 -32.46
N ARG A 376 -18.29 7.35 -31.47
CA ARG A 376 -16.91 6.88 -31.21
C ARG A 376 -16.89 5.62 -30.35
N TRP A 377 -18.01 5.29 -29.70
CA TRP A 377 -18.09 4.07 -28.89
C TRP A 377 -16.90 3.99 -27.90
N ASP A 378 -16.74 5.06 -27.13
CA ASP A 378 -15.69 5.17 -26.13
C ASP A 378 -15.59 3.91 -25.26
N PRO A 379 -14.47 3.15 -25.35
CA PRO A 379 -14.37 1.94 -24.53
C PRO A 379 -14.24 2.20 -23.05
N VAL A 380 -13.84 3.41 -22.64
CA VAL A 380 -13.68 3.69 -21.20
C VAL A 380 -15.05 3.82 -20.55
N LEU A 381 -15.95 4.45 -21.28
CA LEU A 381 -17.35 4.56 -20.85
C LEU A 381 -18.02 3.18 -20.77
N ILE A 382 -17.81 2.35 -21.77
CA ILE A 382 -18.34 0.99 -21.74
C ILE A 382 -17.75 0.20 -20.59
N SER A 383 -16.44 0.29 -20.39
CA SER A 383 -15.79 -0.38 -19.26
C SER A 383 -16.40 -0.01 -17.90
N ALA A 384 -16.63 1.28 -17.69
CA ALA A 384 -17.25 1.77 -16.47
C ALA A 384 -18.64 1.17 -16.25
N TYR A 385 -19.41 1.09 -17.32
CA TYR A 385 -20.73 0.47 -17.28
C TYR A 385 -20.61 -0.97 -16.83
N ASN A 386 -19.73 -1.72 -17.47
CA ASN A 386 -19.57 -3.12 -17.10
C ASN A 386 -19.19 -3.29 -15.65
N GLU A 387 -18.29 -2.44 -15.17
CA GLU A 387 -17.84 -2.54 -13.78
C GLU A 387 -18.98 -2.30 -12.78
N ARG A 388 -19.79 -1.28 -13.04
CA ARG A 388 -20.99 -0.99 -12.24
C ARG A 388 -21.94 -2.20 -12.20
N MET A 389 -22.18 -2.78 -13.35
CA MET A 389 -23.11 -3.89 -13.46
C MET A 389 -22.60 -5.11 -12.70
N ALA A 390 -21.28 -5.35 -12.76
CA ALA A 390 -20.65 -6.45 -12.04
C ALA A 390 -20.76 -6.25 -10.53
N HIS A 391 -20.48 -5.05 -10.04
CA HIS A 391 -20.56 -4.80 -8.59
C HIS A 391 -21.98 -4.89 -8.09
N MET A 392 -22.93 -4.45 -8.92
CA MET A 392 -24.35 -4.52 -8.55
C MET A 392 -24.68 -5.96 -8.18
N VAL A 393 -24.41 -6.90 -9.08
CA VAL A 393 -24.73 -8.31 -8.86
C VAL A 393 -23.85 -8.99 -7.77
N ASP A 394 -22.54 -8.76 -7.80
CA ASP A 394 -21.64 -9.36 -6.83
C ASP A 394 -21.98 -8.97 -5.39
N GLY A 395 -22.39 -7.71 -5.17
CA GLY A 395 -22.81 -7.29 -3.82
C GLY A 395 -24.06 -8.01 -3.37
N VAL A 396 -25.00 -8.20 -4.27
CA VAL A 396 -26.25 -8.95 -3.96
C VAL A 396 -25.88 -10.44 -3.75
N LYS A 397 -24.95 -10.94 -4.54
CA LYS A 397 -24.44 -12.31 -4.31
C LYS A 397 -23.95 -12.49 -2.87
N GLU A 398 -23.09 -11.59 -2.41
CA GLU A 398 -22.60 -11.70 -1.04
C GLU A 398 -23.75 -11.65 -0.05
N PHE A 399 -24.62 -10.65 -0.23
CA PHE A 399 -25.76 -10.44 0.67
C PHE A 399 -26.63 -11.71 0.74
N LEU A 400 -26.89 -12.34 -0.40
CA LEU A 400 -27.68 -13.56 -0.41
C LEU A 400 -27.01 -14.74 0.25
N VAL A 401 -25.70 -14.92 0.05
CA VAL A 401 -25.03 -16.04 0.72
C VAL A 401 -25.14 -15.88 2.24
N LEU A 402 -25.04 -14.63 2.71
CA LEU A 402 -25.19 -14.30 4.12
C LEU A 402 -26.54 -14.79 4.70
N HIS A 403 -27.57 -14.80 3.86
CA HIS A 403 -28.88 -15.34 4.26
C HIS A 403 -28.73 -16.81 4.60
N TYR A 404 -28.09 -17.54 3.70
CA TYR A 404 -27.91 -18.94 3.94
C TYR A 404 -26.94 -19.21 5.11
N LYS A 405 -25.91 -18.39 5.27
CA LYS A 405 -24.98 -18.57 6.40
C LYS A 405 -25.60 -18.20 7.76
N GLY A 406 -26.48 -17.21 7.77
CA GLY A 406 -27.18 -16.80 8.97
C GLY A 406 -28.25 -17.77 9.42
N ALA A 407 -28.92 -18.43 8.47
CA ALA A 407 -29.99 -19.40 8.78
C ALA A 407 -29.49 -20.46 9.76
N GLN A 408 -30.15 -20.61 10.91
CA GLN A 408 -29.68 -21.54 11.95
C GLN A 408 -30.17 -22.97 11.79
N ARG A 409 -31.25 -23.16 11.03
CA ARG A 409 -31.79 -24.51 10.90
C ARG A 409 -30.79 -25.43 10.24
N GLU A 410 -30.81 -26.69 10.68
CA GLU A 410 -29.81 -27.68 10.28
C GLU A 410 -30.47 -29.06 10.17
N ASP A 411 -31.74 -29.07 9.76
CA ASP A 411 -32.61 -30.23 9.97
C ASP A 411 -32.73 -31.18 8.78
N THR A 412 -32.32 -30.72 7.60
CA THR A 412 -32.32 -31.53 6.40
C THR A 412 -30.93 -31.50 5.77
N PRO A 413 -30.68 -32.42 4.83
CA PRO A 413 -29.41 -32.41 4.10
C PRO A 413 -29.08 -31.07 3.49
N TYR A 414 -30.09 -30.41 2.94
CA TYR A 414 -29.91 -29.11 2.30
C TYR A 414 -29.37 -28.05 3.27
N TRP A 415 -29.96 -27.99 4.46
CA TRP A 415 -29.58 -26.94 5.40
C TRP A 415 -28.23 -27.27 6.02
N LYS A 416 -27.90 -28.56 6.13
CA LYS A 416 -26.59 -28.96 6.64
C LYS A 416 -25.48 -28.58 5.65
N ALA A 417 -25.74 -28.79 4.36
CA ALA A 417 -24.83 -28.40 3.29
C ALA A 417 -24.64 -26.87 3.23
N ALA A 418 -25.73 -26.14 3.47
CA ALA A 418 -25.65 -24.70 3.50
C ALA A 418 -24.60 -24.23 4.51
N LYS A 419 -24.48 -24.93 5.64
CA LYS A 419 -23.55 -24.52 6.70
C LYS A 419 -22.08 -24.56 6.28
N THR A 420 -21.72 -25.55 5.48
CA THR A 420 -20.34 -25.81 5.13
C THR A 420 -19.98 -25.41 3.69
N ARG A 421 -20.95 -24.88 2.93
CA ARG A 421 -20.71 -24.63 1.52
C ARG A 421 -19.72 -23.47 1.38
N ALA A 422 -18.91 -23.52 0.33
CA ALA A 422 -18.03 -22.38 -0.01
C ALA A 422 -18.79 -21.06 -0.08
N MET A 423 -18.10 -19.97 0.26
N MET A 423 -18.13 -19.96 0.29
CA MET A 423 -18.69 -18.62 0.21
CA MET A 423 -18.75 -18.63 0.15
C MET A 423 -17.80 -17.70 -0.62
C MET A 423 -17.81 -17.69 -0.58
N PRO A 424 -18.35 -16.57 -1.09
CA PRO A 424 -17.46 -15.60 -1.73
C PRO A 424 -16.44 -15.09 -0.71
N ASP A 425 -15.21 -14.89 -1.17
CA ASP A 425 -14.08 -14.54 -0.30
C ASP A 425 -14.30 -13.30 0.59
N GLY A 426 -15.00 -12.27 0.10
CA GLY A 426 -15.25 -11.07 0.89
C GLY A 426 -16.17 -11.23 2.09
N LEU A 427 -16.92 -12.33 2.13
CA LEU A 427 -17.88 -12.58 3.20
C LEU A 427 -17.22 -13.03 4.52
N ALA A 428 -16.06 -13.71 4.46
CA ALA A 428 -15.34 -14.13 5.65
C ALA A 428 -15.13 -12.96 6.62
N ARG A 429 -14.58 -11.86 6.08
CA ARG A 429 -14.30 -10.66 6.91
C ARG A 429 -15.59 -10.13 7.55
N LYS A 430 -16.66 -10.13 6.78
CA LYS A 430 -17.96 -9.62 7.27
C LYS A 430 -18.52 -10.47 8.40
N LEU A 431 -18.44 -11.79 8.24
CA LEU A 431 -18.79 -12.72 9.33
C LEU A 431 -17.92 -12.59 10.58
N GLU A 432 -16.62 -12.40 10.41
CA GLU A 432 -15.70 -12.24 11.53
C GLU A 432 -16.05 -10.97 12.29
N LEU A 433 -16.27 -9.88 11.54
CA LEU A 433 -16.69 -8.61 12.15
C LEU A 433 -18.01 -8.82 12.86
N SER A 434 -18.96 -9.50 12.21
CA SER A 434 -20.35 -9.60 12.73
C SER A 434 -20.42 -10.38 14.05
N ALA A 435 -19.41 -11.19 14.34
CA ALA A 435 -19.35 -11.95 15.62
C ALA A 435 -19.00 -11.02 16.77
N SER A 436 -18.41 -9.89 16.43
CA SER A 436 -17.88 -8.94 17.40
C SER A 436 -18.80 -7.73 17.54
N HIS A 437 -19.26 -7.20 16.41
CA HIS A 437 -20.08 -5.98 16.40
C HIS A 437 -20.86 -5.86 15.09
N LEU A 438 -21.79 -4.93 15.04
CA LEU A 438 -22.66 -4.81 13.88
C LEU A 438 -21.88 -4.24 12.69
N LEU A 439 -22.16 -4.73 11.51
CA LEU A 439 -21.65 -4.11 10.31
C LEU A 439 -22.14 -2.67 10.17
N ASP A 440 -21.40 -1.87 9.44
CA ASP A 440 -21.85 -0.53 9.17
C ASP A 440 -21.53 -0.13 7.73
N GLU A 441 -21.68 1.15 7.44
CA GLU A 441 -21.52 1.62 6.06
C GLU A 441 -20.13 1.30 5.53
N GLN A 442 -19.13 1.28 6.41
CA GLN A 442 -17.76 1.04 5.97
C GLN A 442 -17.40 -0.44 5.82
N THR A 443 -18.28 -1.35 6.26
CA THR A 443 -17.94 -2.75 6.31
C THR A 443 -18.86 -3.70 5.57
N ILE A 444 -19.98 -3.18 5.07
CA ILE A 444 -20.78 -3.93 4.11
C ILE A 444 -20.12 -3.85 2.72
N TYR A 445 -20.72 -4.46 1.72
CA TYR A 445 -20.18 -4.43 0.37
C TYR A 445 -20.12 -2.96 -0.07
N PRO A 446 -18.95 -2.51 -0.56
CA PRO A 446 -18.65 -1.09 -0.63
C PRO A 446 -19.11 -0.38 -1.91
N TYR A 447 -19.63 -1.13 -2.88
CA TYR A 447 -20.05 -0.52 -4.14
C TYR A 447 -21.57 -0.69 -4.24
N TYR A 448 -22.20 0.13 -5.08
CA TYR A 448 -23.66 0.15 -5.12
C TYR A 448 -24.21 -1.21 -5.52
N HIS A 449 -25.11 -1.75 -4.68
CA HIS A 449 -25.71 -3.05 -4.96
C HIS A 449 -27.19 -3.11 -4.56
N GLY A 450 -27.78 -1.93 -4.31
CA GLY A 450 -29.19 -1.80 -4.00
C GLY A 450 -29.59 -1.96 -2.54
N PHE A 451 -28.62 -2.31 -1.67
CA PHE A 451 -28.86 -2.44 -0.24
C PHE A 451 -27.91 -1.60 0.56
N GLU A 452 -28.43 -1.13 1.70
CA GLU A 452 -27.74 -0.29 2.64
C GLU A 452 -27.44 -1.04 3.95
N THR A 453 -26.74 -0.36 4.85
CA THR A 453 -26.33 -0.97 6.12
C THR A 453 -27.49 -1.67 6.85
N TYR A 454 -28.63 -1.00 7.03
CA TYR A 454 -29.69 -1.59 7.84
C TYR A 454 -30.20 -2.92 7.29
N SER A 455 -30.18 -3.11 5.97
CA SER A 455 -30.56 -4.40 5.38
C SER A 455 -29.64 -5.53 5.83
N TRP A 456 -28.33 -5.26 5.83
CA TRP A 456 -27.32 -6.24 6.19
C TRP A 456 -27.48 -6.62 7.64
N ILE A 457 -27.62 -5.63 8.50
CA ILE A 457 -27.70 -5.97 9.91
C ILE A 457 -29.05 -6.54 10.29
N THR A 458 -30.13 -6.15 9.60
CA THR A 458 -31.47 -6.72 9.87
C THR A 458 -31.49 -8.20 9.54
N MET A 459 -30.89 -8.56 8.42
CA MET A 459 -30.76 -10.00 8.13
C MET A 459 -29.91 -10.78 9.17
N ASN A 460 -28.78 -10.21 9.59
CA ASN A 460 -27.95 -10.82 10.57
C ASN A 460 -28.69 -11.01 11.87
N LEU A 461 -29.29 -9.94 12.40
CA LEU A 461 -29.97 -10.08 13.67
C LEU A 461 -31.20 -10.97 13.58
N GLY A 462 -31.90 -10.91 12.46
CA GLY A 462 -33.13 -11.67 12.31
C GLY A 462 -32.84 -13.17 12.24
N LEU A 463 -31.77 -13.51 11.52
CA LEU A 463 -31.46 -14.92 11.30
C LEU A 463 -30.69 -15.49 12.47
N GLY A 464 -29.88 -14.66 13.13
CA GLY A 464 -29.11 -15.10 14.28
C GLY A 464 -27.60 -14.92 14.27
N ILE A 465 -27.04 -14.10 13.39
CA ILE A 465 -25.62 -13.72 13.51
C ILE A 465 -25.56 -12.45 14.37
N VAL A 466 -25.36 -12.63 15.67
CA VAL A 466 -25.47 -11.56 16.64
C VAL A 466 -24.13 -11.33 17.32
N PRO A 467 -23.76 -10.06 17.59
CA PRO A 467 -22.50 -9.84 18.29
C PRO A 467 -22.51 -10.55 19.64
N GLU A 468 -21.35 -11.02 20.06
CA GLU A 468 -21.21 -11.76 21.32
C GLU A 468 -21.71 -10.92 22.49
N ARG A 469 -21.42 -9.63 22.44
CA ARG A 469 -21.84 -8.68 23.49
C ARG A 469 -22.20 -7.37 22.81
N PRO A 470 -23.00 -6.54 23.48
CA PRO A 470 -23.28 -5.21 22.90
C PRO A 470 -22.05 -4.32 22.86
N ARG A 471 -22.13 -3.24 22.07
CA ARG A 471 -21.03 -2.29 21.94
C ARG A 471 -20.64 -1.78 23.28
N PRO A 472 -19.38 -1.98 23.67
CA PRO A 472 -19.00 -1.55 25.00
C PRO A 472 -19.35 -0.08 25.34
N ALA A 473 -19.27 0.82 24.37
CA ALA A 473 -19.50 2.24 24.65
C ALA A 473 -20.86 2.47 25.31
N LEU A 474 -21.83 1.64 24.93
CA LEU A 474 -23.22 1.89 25.34
C LEU A 474 -23.39 1.70 26.84
N LEU A 475 -22.52 0.92 27.45
CA LEU A 475 -22.60 0.74 28.92
C LEU A 475 -22.15 1.97 29.69
N HIS A 476 -21.44 2.87 29.01
CA HIS A 476 -20.94 4.10 29.58
C HIS A 476 -21.92 5.26 29.36
N MET A 477 -23.01 5.02 28.65
CA MET A 477 -23.88 6.12 28.21
C MET A 477 -25.24 6.06 28.88
N ASP A 478 -25.86 7.23 28.98
CA ASP A 478 -27.21 7.38 29.48
C ASP A 478 -28.18 6.68 28.53
N PRO A 479 -28.91 5.68 29.03
CA PRO A 479 -29.84 4.95 28.16
C PRO A 479 -31.21 5.61 27.94
N ALA A 480 -31.50 6.70 28.65
CA ALA A 480 -32.82 7.36 28.56
C ALA A 480 -33.25 7.78 27.14
N PRO A 481 -32.37 8.48 26.40
CA PRO A 481 -32.71 8.85 25.04
C PRO A 481 -33.13 7.65 24.19
N ALA A 482 -32.38 6.55 24.28
CA ALA A 482 -32.72 5.33 23.49
C ALA A 482 -34.06 4.72 23.93
N LEU A 483 -34.26 4.63 25.26
CA LEU A 483 -35.47 4.07 25.79
C LEU A 483 -36.69 4.92 25.41
N ALA A 484 -36.55 6.24 25.42
CA ALA A 484 -37.56 7.17 24.93
C ALA A 484 -37.87 6.99 23.42
N GLU A 485 -36.87 6.67 22.61
CA GLU A 485 -37.11 6.40 21.19
C GLU A 485 -37.83 5.06 20.97
N PHE A 486 -37.48 4.05 21.75
CA PHE A 486 -38.19 2.78 21.69
C PHE A 486 -39.67 3.01 22.03
N GLU A 487 -39.92 3.93 22.95
CA GLU A 487 -41.29 4.22 23.34
C GLU A 487 -42.04 4.97 22.26
N ARG A 488 -41.39 5.96 21.66
CA ARG A 488 -41.94 6.66 20.49
C ARG A 488 -42.31 5.67 19.38
N LEU A 489 -41.40 4.75 19.06
CA LEU A 489 -41.68 3.77 18.00
C LEU A 489 -42.93 2.92 18.29
N ARG A 490 -43.07 2.49 19.54
CA ARG A 490 -44.23 1.70 19.96
C ARG A 490 -45.55 2.51 19.88
N ARG A 491 -45.52 3.75 20.39
CA ARG A 491 -46.66 4.66 20.36
C ARG A 491 -47.05 5.13 18.94
N GLU A 492 -46.07 5.50 18.13
CA GLU A 492 -46.35 5.81 16.74
C GLU A 492 -46.99 4.60 16.04
N GLY A 493 -46.44 3.41 16.28
CA GLY A 493 -47.03 2.18 15.77
C GLY A 493 -48.50 2.03 16.13
N ASP A 494 -48.79 2.27 17.40
CA ASP A 494 -50.16 2.21 17.93
C ASP A 494 -51.08 3.14 17.18
N GLU A 495 -50.65 4.40 17.03
CA GLU A 495 -51.47 5.42 16.37
C GLU A 495 -51.72 5.04 14.90
N LEU A 496 -50.65 4.65 14.20
CA LEU A 496 -50.75 4.32 12.79
C LEU A 496 -51.67 3.15 12.50
N ILE A 497 -51.62 2.11 13.33
CA ILE A 497 -52.45 0.95 13.04
C ILE A 497 -53.93 1.27 13.29
N ALA A 498 -54.19 2.16 14.25
CA ALA A 498 -55.55 2.63 14.51
C ALA A 498 -56.07 3.51 13.36
N ALA A 499 -55.19 4.30 12.75
CA ALA A 499 -55.58 5.32 11.79
C ALA A 499 -55.64 4.79 10.36
N LEU A 500 -54.75 3.89 10.00
CA LEU A 500 -54.63 3.44 8.62
C LEU A 500 -55.70 2.40 8.27
N PRO A 501 -56.13 2.37 6.99
CA PRO A 501 -56.95 1.29 6.47
C PRO A 501 -56.13 0.01 6.29
N SER A 502 -56.81 -1.11 6.02
CA SER A 502 -56.07 -2.32 5.69
C SER A 502 -55.51 -2.24 4.28
N CYS A 503 -54.58 -3.14 3.97
CA CYS A 503 -54.05 -3.28 2.63
C CYS A 503 -55.17 -3.48 1.59
N TYR A 504 -56.06 -4.42 1.86
CA TYR A 504 -57.16 -4.67 0.92
C TYR A 504 -58.12 -3.47 0.76
N GLU A 505 -58.45 -2.85 1.88
CA GLU A 505 -59.35 -1.70 1.88
C GLU A 505 -58.81 -0.58 1.04
N TYR A 506 -57.53 -0.23 1.20
CA TYR A 506 -56.95 0.85 0.39
C TYR A 506 -56.93 0.47 -1.09
N LEU A 507 -56.52 -0.76 -1.39
CA LEU A 507 -56.47 -1.19 -2.79
C LEU A 507 -57.87 -1.24 -3.41
N ALA A 508 -58.84 -1.74 -2.66
CA ALA A 508 -60.23 -1.69 -3.12
C ALA A 508 -60.59 -0.25 -3.50
N SER A 509 -60.18 0.71 -2.68
CA SER A 509 -60.53 2.13 -2.89
C SER A 509 -59.88 2.79 -4.12
N ILE A 510 -58.88 2.18 -4.75
CA ILE A 510 -58.28 2.77 -5.94
C ILE A 510 -58.60 2.01 -7.22
N GLN A 511 -59.36 0.92 -7.11
CA GLN A 511 -59.73 0.17 -8.30
C GLN A 511 -60.65 1.00 -9.18
N MET B 1 -16.45 -3.35 32.31
CA MET B 1 -16.13 -2.03 31.71
C MET B 1 -14.74 -1.56 32.10
N ILE B 2 -14.07 -0.83 31.19
CA ILE B 2 -12.86 -0.11 31.58
C ILE B 2 -13.29 1.18 32.33
N ARG B 3 -12.38 1.82 33.04
CA ARG B 3 -12.75 2.96 33.90
C ARG B 3 -12.10 4.30 33.55
N SER B 4 -10.88 4.25 33.05
CA SER B 4 -10.00 5.40 33.01
C SER B 4 -9.29 5.56 31.68
N VAL B 5 -9.19 6.82 31.26
CA VAL B 5 -8.45 7.19 30.09
C VAL B 5 -7.39 8.24 30.50
N VAL B 6 -6.19 8.06 29.98
CA VAL B 6 -5.12 9.04 30.16
C VAL B 6 -4.77 9.58 28.79
N ILE B 7 -4.94 10.89 28.60
CA ILE B 7 -4.61 11.57 27.32
C ILE B 7 -3.27 12.29 27.50
N VAL B 8 -2.32 12.00 26.63
CA VAL B 8 -0.99 12.60 26.71
C VAL B 8 -0.83 13.61 25.60
N GLY B 9 -0.81 14.88 25.97
CA GLY B 9 -0.75 15.96 25.01
C GLY B 9 -2.07 16.72 25.04
N GLY B 10 -1.97 18.05 24.94
CA GLY B 10 -3.17 18.89 24.92
C GLY B 10 -3.47 19.39 23.53
N GLY B 11 -3.58 20.71 23.38
CA GLY B 11 -3.91 21.30 22.09
C GLY B 11 -5.26 20.84 21.59
N THR B 12 -5.48 21.01 20.29
CA THR B 12 -6.74 20.63 19.68
C THR B 12 -7.04 19.13 19.87
N ALA B 13 -6.07 18.30 19.56
CA ALA B 13 -6.28 16.86 19.62
C ALA B 13 -6.65 16.42 21.05
N GLY B 14 -5.89 16.90 22.02
CA GLY B 14 -6.07 16.46 23.39
C GLY B 14 -7.40 16.89 23.98
N TRP B 15 -7.71 18.15 23.78
CA TRP B 15 -8.88 18.73 24.40
C TRP B 15 -10.15 18.41 23.65
N MET B 16 -10.08 18.21 22.33
CA MET B 16 -11.23 17.63 21.61
C MET B 16 -11.54 16.23 22.15
N THR B 17 -10.49 15.46 22.41
CA THR B 17 -10.67 14.08 22.92
C THR B 17 -11.31 14.15 24.29
N ALA B 18 -10.74 14.96 25.16
CA ALA B 18 -11.18 14.99 26.57
C ALA B 18 -12.63 15.47 26.68
N SER B 19 -12.95 16.50 25.91
CA SER B 19 -14.28 17.10 25.95
C SER B 19 -15.30 16.12 25.41
N TYR B 20 -14.95 15.43 24.33
CA TYR B 20 -15.87 14.49 23.68
C TYR B 20 -16.14 13.27 24.56
N LEU B 21 -15.12 12.75 25.23
CA LEU B 21 -15.30 11.61 26.15
C LEU B 21 -16.26 11.97 27.28
N LYS B 22 -16.11 13.16 27.83
CA LYS B 22 -17.00 13.57 28.90
C LYS B 22 -18.41 13.86 28.41
N ALA B 23 -18.54 14.44 27.21
CA ALA B 23 -19.84 14.63 26.61
C ALA B 23 -20.55 13.29 26.40
N ALA B 24 -19.79 12.27 25.98
CA ALA B 24 -20.37 10.97 25.68
C ALA B 24 -20.73 10.17 26.91
N PHE B 25 -19.81 10.15 27.88
CA PHE B 25 -19.88 9.21 28.97
C PHE B 25 -20.04 9.85 30.32
N ASP B 26 -19.95 11.17 30.37
CA ASP B 26 -20.11 11.92 31.64
C ASP B 26 -19.35 11.28 32.80
N ASP B 27 -20.02 10.99 33.93
CA ASP B 27 -19.32 10.44 35.12
C ASP B 27 -19.13 8.93 35.07
N ARG B 28 -19.37 8.31 33.92
CA ARG B 28 -19.10 6.87 33.73
C ARG B 28 -17.72 6.62 33.07
N ILE B 29 -16.89 7.65 33.02
CA ILE B 29 -15.50 7.52 32.60
C ILE B 29 -14.63 8.50 33.38
N ASP B 30 -13.43 8.07 33.77
CA ASP B 30 -12.44 8.96 34.39
C ASP B 30 -11.44 9.37 33.35
N VAL B 31 -11.12 10.67 33.28
CA VAL B 31 -10.18 11.19 32.30
C VAL B 31 -9.17 12.10 32.92
N THR B 32 -7.91 11.82 32.62
CA THR B 32 -6.79 12.66 32.97
C THR B 32 -6.09 13.10 31.68
N LEU B 33 -5.77 14.39 31.60
CA LEU B 33 -4.99 14.90 30.50
C LEU B 33 -3.67 15.45 31.03
N VAL B 34 -2.55 14.88 30.57
CA VAL B 34 -1.20 15.30 30.96
C VAL B 34 -0.60 16.11 29.81
N GLU B 35 -0.24 17.38 30.02
CA GLU B 35 0.38 18.13 28.93
C GLU B 35 1.55 18.97 29.42
N SER B 36 2.51 19.19 28.53
CA SER B 36 3.69 19.93 28.89
C SER B 36 3.41 21.42 28.90
N GLY B 37 4.17 22.16 29.68
CA GLY B 37 4.30 23.60 29.44
C GLY B 37 5.26 23.84 28.29
N VAL B 44 -1.70 29.69 15.24
CA VAL B 44 -2.17 30.29 14.01
C VAL B 44 -3.62 29.87 13.68
N GLY B 45 -4.14 30.48 12.61
CA GLY B 45 -5.48 30.26 12.19
C GLY B 45 -5.60 28.96 11.43
N GLU B 46 -6.77 28.34 11.56
CA GLU B 46 -7.05 27.08 10.94
C GLU B 46 -8.48 27.04 10.42
N ALA B 47 -8.71 26.20 9.40
CA ALA B 47 -10.05 26.07 8.79
C ALA B 47 -10.63 24.72 9.17
N THR B 48 -11.93 24.53 8.93
CA THR B 48 -12.60 23.28 9.26
C THR B 48 -13.49 22.88 8.11
N PHE B 49 -14.06 21.68 8.22
CA PHE B 49 -15.16 21.20 7.39
C PHE B 49 -16.48 21.72 7.96
N SER B 50 -17.51 21.78 7.11
CA SER B 50 -18.86 22.04 7.61
C SER B 50 -19.29 21.03 8.68
N THR B 51 -18.79 19.79 8.56
CA THR B 51 -19.17 18.70 9.43
C THR B 51 -18.60 18.79 10.83
N VAL B 52 -17.73 19.77 11.10
CA VAL B 52 -17.34 20.01 12.49
C VAL B 52 -18.52 20.37 13.40
N ARG B 53 -19.63 20.81 12.79
CA ARG B 53 -20.83 21.15 13.55
C ARG B 53 -21.36 19.96 14.36
N HIS B 54 -21.20 18.73 13.86
CA HIS B 54 -21.64 17.54 14.59
C HIS B 54 -20.92 17.43 15.92
N PHE B 55 -19.63 17.79 15.93
CA PHE B 55 -18.84 17.71 17.15
C PHE B 55 -19.31 18.77 18.15
N PHE B 56 -19.39 20.00 17.67
CA PHE B 56 -19.82 21.12 18.52
C PHE B 56 -21.24 20.92 19.05
N ASP B 57 -22.14 20.41 18.21
CA ASP B 57 -23.50 20.15 18.67
C ASP B 57 -23.55 19.00 19.67
N TYR B 58 -22.66 18.02 19.52
CA TYR B 58 -22.62 16.89 20.43
C TYR B 58 -22.25 17.39 21.82
N LEU B 59 -21.31 18.34 21.89
CA LEU B 59 -20.91 18.93 23.17
C LEU B 59 -21.99 19.86 23.72
N GLY B 60 -22.89 20.37 22.88
CA GLY B 60 -23.92 21.31 23.30
C GLY B 60 -23.51 22.78 23.21
N LEU B 61 -22.58 23.10 22.32
CA LEU B 61 -22.06 24.46 22.21
C LEU B 61 -22.67 25.17 21.02
N ASP B 62 -22.96 26.46 21.18
CA ASP B 62 -23.43 27.31 20.08
C ASP B 62 -22.35 28.30 19.67
N GLU B 63 -22.25 28.56 18.37
CA GLU B 63 -21.17 29.39 17.82
C GLU B 63 -21.15 30.81 18.37
N ARG B 64 -22.31 31.34 18.76
CA ARG B 64 -22.35 32.68 19.36
C ARG B 64 -21.60 32.70 20.71
N GLU B 65 -21.42 31.55 21.33
CA GLU B 65 -20.65 31.46 22.58
C GLU B 65 -19.14 31.59 22.34
N TRP B 66 -18.62 30.82 21.37
CA TRP B 66 -17.17 30.60 21.28
C TRP B 66 -16.50 31.27 20.09
N LEU B 67 -17.22 31.43 18.99
CA LEU B 67 -16.58 31.87 17.74
C LEU B 67 -15.87 33.24 17.91
N PRO B 68 -16.55 34.26 18.51
CA PRO B 68 -15.90 35.55 18.78
C PRO B 68 -14.65 35.52 19.69
N ARG B 69 -14.71 34.74 20.76
CA ARG B 69 -13.57 34.54 21.63
C ARG B 69 -12.39 33.95 20.85
N CYS B 70 -12.69 33.12 19.85
CA CYS B 70 -11.66 32.45 19.06
C CYS B 70 -11.34 33.16 17.72
N ALA B 71 -11.60 34.46 17.69
CA ALA B 71 -11.23 35.31 16.55
C ALA B 71 -11.87 34.81 15.25
N GLY B 72 -13.05 34.23 15.38
CA GLY B 72 -13.59 33.39 14.33
C GLY B 72 -14.16 34.08 13.08
N GLY B 73 -14.16 33.33 11.99
CA GLY B 73 -14.76 33.73 10.74
C GLY B 73 -15.54 32.59 10.12
N TYR B 74 -16.27 32.89 9.04
CA TYR B 74 -17.02 31.87 8.32
C TYR B 74 -16.30 31.47 7.07
N LYS B 75 -16.43 30.18 6.74
CA LYS B 75 -15.79 29.61 5.55
C LYS B 75 -16.88 29.00 4.67
N LEU B 76 -17.01 29.51 3.45
CA LEU B 76 -17.97 28.98 2.50
C LEU B 76 -17.33 27.98 1.55
N GLY B 77 -16.00 27.93 1.59
CA GLY B 77 -15.22 26.98 0.79
C GLY B 77 -13.78 27.48 0.64
N ILE B 78 -13.08 26.95 -0.36
CA ILE B 78 -11.71 27.35 -0.65
C ILE B 78 -11.64 27.95 -2.04
N ARG B 79 -11.08 29.15 -2.14
CA ARG B 79 -10.69 29.74 -3.41
C ARG B 79 -9.29 29.24 -3.84
N PHE B 80 -9.25 28.50 -4.95
CA PHE B 80 -8.00 28.02 -5.55
C PHE B 80 -7.58 28.98 -6.66
N GLU B 81 -6.45 29.66 -6.47
CA GLU B 81 -5.97 30.61 -7.45
C GLU B 81 -4.56 30.31 -7.94
N ASN B 82 -4.37 30.51 -9.24
CA ASN B 82 -3.06 30.50 -9.86
C ASN B 82 -2.46 29.14 -10.04
N TRP B 83 -3.27 28.09 -9.90
CA TRP B 83 -2.79 26.72 -10.06
C TRP B 83 -2.62 26.34 -11.52
N SER B 84 -3.41 26.94 -12.39
CA SER B 84 -3.33 26.62 -13.81
C SER B 84 -3.13 27.90 -14.64
N GLU B 85 -4.19 28.48 -15.21
CA GLU B 85 -4.02 29.79 -15.90
C GLU B 85 -3.65 30.90 -14.93
N PRO B 86 -2.63 31.73 -15.27
CA PRO B 86 -2.20 32.79 -14.35
C PRO B 86 -3.34 33.73 -13.99
N GLY B 87 -3.53 33.94 -12.70
CA GLY B 87 -4.55 34.87 -12.21
C GLY B 87 -5.97 34.35 -12.18
N GLU B 88 -6.20 33.12 -12.66
CA GLU B 88 -7.54 32.57 -12.70
C GLU B 88 -7.78 31.76 -11.42
N TYR B 89 -9.05 31.63 -11.06
CA TYR B 89 -9.41 30.98 -9.80
C TYR B 89 -10.80 30.35 -9.90
N PHE B 90 -11.10 29.50 -8.92
CA PHE B 90 -12.41 28.92 -8.80
C PHE B 90 -12.59 28.56 -7.34
N TYR B 91 -13.82 28.20 -6.98
CA TYR B 91 -14.13 27.82 -5.60
C TYR B 91 -14.48 26.36 -5.48
N HIS B 92 -13.97 25.76 -4.42
CA HIS B 92 -14.43 24.47 -3.92
C HIS B 92 -15.38 24.75 -2.75
N PRO B 93 -16.68 24.57 -2.96
CA PRO B 93 -17.65 25.06 -1.97
C PRO B 93 -18.17 23.97 -1.02
N PHE B 94 -18.81 24.41 0.06
CA PHE B 94 -19.72 23.57 0.83
C PHE B 94 -21.13 23.55 0.19
N GLU B 95 -21.22 22.97 -0.99
CA GLU B 95 -22.47 22.97 -1.75
C GLU B 95 -22.44 21.80 -2.75
N ARG B 96 -23.50 21.00 -2.76
CA ARG B 96 -23.56 19.89 -3.70
C ARG B 96 -24.00 20.39 -5.09
N LEU B 97 -23.66 19.63 -6.12
CA LEU B 97 -24.16 19.91 -7.46
C LEU B 97 -25.62 19.54 -7.53
N ARG B 98 -26.41 20.38 -8.18
CA ARG B 98 -27.79 20.01 -8.48
C ARG B 98 -27.85 18.98 -9.61
N VAL B 99 -28.96 18.25 -9.69
CA VAL B 99 -29.15 17.18 -10.66
C VAL B 99 -30.42 17.46 -11.44
N VAL B 100 -30.28 17.45 -12.75
CA VAL B 100 -31.37 17.70 -13.65
C VAL B 100 -31.46 16.53 -14.60
N ASP B 101 -32.64 15.91 -14.61
CA ASP B 101 -32.92 14.76 -15.46
C ASP B 101 -31.89 13.62 -15.36
N GLY B 102 -31.44 13.32 -14.14
CA GLY B 102 -30.46 12.26 -13.89
C GLY B 102 -28.99 12.62 -14.02
N PHE B 103 -28.66 13.83 -14.50
CA PHE B 103 -27.26 14.27 -14.66
C PHE B 103 -26.99 15.52 -13.81
N ASN B 104 -25.86 15.54 -13.10
CA ASN B 104 -25.50 16.70 -12.29
C ASN B 104 -25.12 17.87 -13.17
N MET B 105 -25.07 19.06 -12.56
CA MET B 105 -24.85 20.29 -13.34
C MET B 105 -23.48 20.34 -14.03
N ALA B 106 -22.49 19.66 -13.46
CA ALA B 106 -21.15 19.65 -14.09
C ALA B 106 -21.24 18.93 -15.41
N GLU B 107 -21.92 17.80 -15.44
CA GLU B 107 -22.16 17.12 -16.73
C GLU B 107 -22.85 18.06 -17.72
N TRP B 108 -23.90 18.75 -17.28
CA TRP B 108 -24.63 19.64 -18.17
C TRP B 108 -23.76 20.80 -18.64
N TRP B 109 -22.87 21.27 -17.76
CA TRP B 109 -22.01 22.39 -18.04
C TRP B 109 -21.09 22.05 -19.19
N LEU B 110 -20.55 20.83 -19.18
CA LEU B 110 -19.74 20.35 -20.28
C LEU B 110 -20.51 20.41 -21.59
N ALA B 111 -21.80 20.16 -21.55
CA ALA B 111 -22.62 20.13 -22.76
C ALA B 111 -23.17 21.51 -23.21
N VAL B 112 -23.63 22.33 -22.27
CA VAL B 112 -24.36 23.55 -22.64
C VAL B 112 -23.94 24.80 -21.89
N GLY B 113 -22.84 24.72 -21.14
CA GLY B 113 -22.39 25.80 -20.27
C GLY B 113 -21.50 26.81 -20.96
N ASP B 114 -21.32 27.96 -20.30
CA ASP B 114 -20.40 28.98 -20.77
C ASP B 114 -19.00 28.56 -20.37
N ARG B 115 -18.30 27.90 -21.29
CA ARG B 115 -16.97 27.37 -21.02
C ARG B 115 -15.89 28.43 -20.92
N ARG B 116 -16.22 29.70 -21.14
CA ARG B 116 -15.18 30.71 -21.05
C ARG B 116 -14.89 31.08 -19.60
N THR B 117 -15.88 30.93 -18.70
CA THR B 117 -15.69 31.25 -17.26
C THR B 117 -15.67 29.99 -16.42
N SER B 118 -15.42 30.13 -15.12
CA SER B 118 -15.23 28.95 -14.29
C SER B 118 -16.50 28.13 -14.20
N PHE B 119 -16.30 26.82 -14.23
CA PHE B 119 -17.31 25.86 -13.85
C PHE B 119 -18.02 26.28 -12.54
N SER B 120 -17.27 26.71 -11.53
CA SER B 120 -17.90 27.01 -10.25
C SER B 120 -18.84 28.23 -10.27
N GLU B 121 -18.59 29.18 -11.17
CA GLU B 121 -19.45 30.36 -11.26
C GLU B 121 -20.83 29.96 -11.77
N ALA B 122 -20.82 29.01 -12.70
CA ALA B 122 -22.01 28.56 -13.37
C ALA B 122 -22.78 27.60 -12.45
N CYS B 123 -22.05 26.80 -11.69
CA CYS B 123 -22.67 25.66 -10.99
C CYS B 123 -22.97 25.86 -9.50
N TYR B 124 -22.47 26.90 -8.85
CA TYR B 124 -22.61 27.01 -7.40
C TYR B 124 -22.95 28.41 -6.98
N LEU B 125 -23.96 28.52 -6.11
CA LEU B 125 -24.29 29.79 -5.49
C LEU B 125 -23.09 30.34 -4.74
N THR B 126 -22.37 29.43 -4.08
CA THR B 126 -21.24 29.79 -3.22
C THR B 126 -20.25 30.73 -3.93
N HIS B 127 -20.02 30.48 -5.21
CA HIS B 127 -19.08 31.28 -5.99
C HIS B 127 -19.40 32.76 -5.86
N ARG B 128 -20.65 33.09 -6.11
CA ARG B 128 -21.01 34.49 -6.14
C ARG B 128 -21.19 35.03 -4.74
N LEU B 129 -21.53 34.19 -3.77
CA LEU B 129 -21.54 34.61 -2.37
C LEU B 129 -20.12 35.01 -1.94
N CYS B 130 -19.15 34.21 -2.35
CA CYS B 130 -17.74 34.52 -2.06
C CYS B 130 -17.23 35.78 -2.78
N GLU B 131 -17.63 35.97 -4.02
CA GLU B 131 -17.19 37.18 -4.71
C GLU B 131 -17.74 38.45 -4.05
N ALA B 132 -18.95 38.37 -3.53
CA ALA B 132 -19.60 39.50 -2.87
C ALA B 132 -19.25 39.60 -1.37
N LYS B 133 -18.44 38.67 -0.88
CA LYS B 133 -18.01 38.60 0.53
C LYS B 133 -19.19 38.55 1.51
N ARG B 134 -20.19 37.73 1.19
CA ARG B 134 -21.39 37.63 2.02
C ARG B 134 -21.20 36.70 3.22
N ALA B 135 -21.93 37.02 4.29
CA ALA B 135 -22.06 36.12 5.39
C ALA B 135 -23.14 35.08 5.04
N PRO B 136 -23.06 33.89 5.65
CA PRO B 136 -24.08 32.88 5.45
C PRO B 136 -25.36 33.12 6.26
N ARG B 137 -25.38 34.15 7.10
CA ARG B 137 -26.57 34.43 7.90
C ARG B 137 -27.00 35.88 7.73
N MET B 138 -28.32 36.11 7.83
CA MET B 138 -28.89 37.45 7.87
C MET B 138 -28.62 38.03 9.25
N LEU B 139 -28.71 39.35 9.35
CA LEU B 139 -28.46 40.03 10.63
C LEU B 139 -29.30 39.45 11.78
N ASP B 140 -30.50 38.96 11.48
CA ASP B 140 -31.35 38.33 12.52
C ASP B 140 -30.90 36.91 12.92
N GLY B 141 -29.83 36.40 12.29
CA GLY B 141 -29.29 35.08 12.64
C GLY B 141 -29.74 33.98 11.69
N SER B 142 -30.68 34.27 10.80
CA SER B 142 -31.29 33.23 9.97
C SER B 142 -30.34 32.76 8.85
N LEU B 143 -30.31 31.46 8.64
CA LEU B 143 -29.41 30.87 7.66
C LEU B 143 -29.95 31.10 6.24
N PHE B 144 -29.06 31.33 5.29
CA PHE B 144 -29.47 31.72 3.94
C PHE B 144 -30.12 30.60 3.16
N SER B 151 -30.11 22.57 15.58
CA SER B 151 -29.02 21.79 16.17
C SER B 151 -29.27 20.30 15.99
N LEU B 152 -28.19 19.56 15.80
CA LEU B 152 -28.24 18.13 15.51
C LEU B 152 -28.25 17.29 16.79
N GLY B 153 -28.21 17.95 17.93
CA GLY B 153 -28.06 17.28 19.22
C GLY B 153 -26.80 16.42 19.21
N ARG B 154 -26.93 15.21 19.71
CA ARG B 154 -25.83 14.27 19.76
C ARG B 154 -25.82 13.39 18.49
N SER B 155 -25.13 13.86 17.48
CA SER B 155 -24.94 13.12 16.22
C SER B 155 -23.45 13.15 15.86
N THR B 156 -23.10 12.28 14.94
CA THR B 156 -21.72 12.09 14.49
C THR B 156 -21.64 12.39 12.98
N LEU B 157 -20.43 12.36 12.42
CA LEU B 157 -20.21 12.57 10.97
C LEU B 157 -21.09 11.66 10.09
N ALA B 158 -21.39 10.48 10.58
CA ALA B 158 -22.23 9.50 9.84
C ALA B 158 -23.67 10.00 9.61
N GLU B 159 -24.07 11.01 10.38
CA GLU B 159 -25.42 11.54 10.31
C GLU B 159 -25.53 12.73 9.36
N GLN B 160 -24.44 13.05 8.68
CA GLN B 160 -24.48 14.11 7.65
C GLN B 160 -25.50 13.70 6.62
N ARG B 161 -26.48 14.59 6.35
CA ARG B 161 -27.49 14.38 5.32
C ARG B 161 -27.38 15.53 4.30
N ALA B 162 -28.12 16.62 4.51
CA ALA B 162 -27.97 17.80 3.66
C ALA B 162 -26.57 18.37 3.87
N GLN B 163 -26.02 18.96 2.81
CA GLN B 163 -24.75 19.64 2.86
C GLN B 163 -24.93 20.97 3.58
N PHE B 164 -24.39 21.04 4.78
CA PHE B 164 -24.44 22.27 5.53
C PHE B 164 -23.51 23.28 4.81
N PRO B 165 -23.95 24.56 4.71
CA PRO B 165 -23.32 25.45 3.74
C PRO B 165 -22.11 26.23 4.19
N TYR B 166 -21.67 26.10 5.43
CA TYR B 166 -20.46 26.76 5.87
C TYR B 166 -19.71 25.98 6.95
N ALA B 167 -18.44 26.34 7.10
CA ALA B 167 -17.55 25.87 8.16
C ALA B 167 -16.94 27.11 8.84
N TYR B 168 -15.86 26.92 9.58
CA TYR B 168 -15.22 27.99 10.36
C TYR B 168 -13.75 28.19 10.06
N HIS B 169 -13.31 29.44 10.29
CA HIS B 169 -11.93 29.78 10.50
C HIS B 169 -11.82 30.20 11.95
N PHE B 170 -10.77 29.74 12.63
CA PHE B 170 -10.55 30.17 14.01
C PHE B 170 -9.09 30.06 14.42
N ASP B 171 -8.79 30.69 15.55
CA ASP B 171 -7.54 30.53 16.27
C ASP B 171 -7.65 29.21 17.03
N ALA B 172 -6.95 28.16 16.58
CA ALA B 172 -7.16 26.84 17.15
C ALA B 172 -6.68 26.74 18.59
N ASP B 173 -5.69 27.55 18.95
CA ASP B 173 -5.22 27.58 20.33
C ASP B 173 -6.33 28.07 21.26
N GLU B 174 -7.06 29.09 20.85
CA GLU B 174 -8.19 29.59 21.65
C GLU B 174 -9.30 28.56 21.73
N VAL B 175 -9.58 27.88 20.61
CA VAL B 175 -10.56 26.81 20.64
C VAL B 175 -10.12 25.74 21.66
N ALA B 176 -8.84 25.34 21.63
CA ALA B 176 -8.36 24.32 22.56
C ALA B 176 -8.51 24.77 24.00
N ARG B 177 -8.21 26.04 24.26
CA ARG B 177 -8.37 26.58 25.60
C ARG B 177 -9.84 26.54 26.03
N TYR B 178 -10.72 26.92 25.10
CA TYR B 178 -12.16 26.92 25.35
C TYR B 178 -12.63 25.51 25.70
N LEU B 179 -12.21 24.52 24.91
CA LEU B 179 -12.61 23.16 25.18
C LEU B 179 -12.03 22.65 26.49
N SER B 180 -10.81 23.10 26.85
CA SER B 180 -10.21 22.70 28.11
C SER B 180 -11.07 23.11 29.30
N GLU B 181 -11.63 24.32 29.23
CA GLU B 181 -12.52 24.82 30.27
C GLU B 181 -13.76 23.92 30.40
N TYR B 182 -14.31 23.59 29.24
CA TYR B 182 -15.47 22.69 29.14
C TYR B 182 -15.14 21.33 29.74
N ALA B 183 -14.00 20.76 29.36
CA ALA B 183 -13.62 19.41 29.78
C ALA B 183 -13.36 19.38 31.29
N ILE B 184 -12.63 20.37 31.79
CA ILE B 184 -12.28 20.40 33.21
C ILE B 184 -13.55 20.61 34.06
N ALA B 185 -14.46 21.46 33.58
CA ALA B 185 -15.73 21.71 34.25
C ALA B 185 -16.51 20.40 34.42
N ARG B 186 -16.32 19.47 33.49
CA ARG B 186 -17.01 18.21 33.50
C ARG B 186 -16.23 17.06 34.13
N GLY B 187 -15.12 17.37 34.80
CA GLY B 187 -14.41 16.41 35.61
C GLY B 187 -13.07 15.90 35.12
N VAL B 188 -12.60 16.37 33.97
CA VAL B 188 -11.28 15.96 33.48
C VAL B 188 -10.19 16.51 34.41
N ARG B 189 -9.30 15.62 34.83
CA ARG B 189 -8.17 15.98 35.69
C ARG B 189 -7.04 16.50 34.80
N HIS B 190 -6.66 17.77 35.01
CA HIS B 190 -5.62 18.39 34.23
C HIS B 190 -4.28 18.35 34.96
N VAL B 191 -3.30 17.74 34.33
CA VAL B 191 -1.93 17.69 34.85
C VAL B 191 -0.98 18.40 33.87
N VAL B 192 -0.31 19.46 34.34
CA VAL B 192 0.75 20.10 33.53
C VAL B 192 2.10 19.54 33.97
N ASP B 193 2.72 18.76 33.10
CA ASP B 193 3.97 18.06 33.44
C ASP B 193 4.59 17.44 32.19
N ASP B 194 5.83 17.00 32.34
CA ASP B 194 6.59 16.34 31.29
C ASP B 194 6.64 14.84 31.56
N VAL B 195 6.36 14.06 30.52
CA VAL B 195 6.51 12.60 30.64
C VAL B 195 7.99 12.22 30.43
N GLN B 196 8.58 11.59 31.44
CA GLN B 196 9.99 11.21 31.41
C GLN B 196 10.21 9.78 30.89
N HIS B 197 9.27 8.90 31.19
CA HIS B 197 9.36 7.49 30.79
C HIS B 197 7.93 6.94 30.62
N VAL B 198 7.75 6.03 29.66
CA VAL B 198 6.48 5.36 29.48
C VAL B 198 6.69 3.91 29.86
N GLY B 199 5.99 3.47 30.89
CA GLY B 199 6.11 2.13 31.40
C GLY B 199 5.27 1.16 30.59
N GLN B 200 5.79 -0.05 30.45
CA GLN B 200 5.03 -1.14 29.83
C GLN B 200 4.98 -2.37 30.72
N ASP B 201 3.93 -3.17 30.57
CA ASP B 201 3.77 -4.44 31.29
C ASP B 201 4.37 -5.58 30.47
N GLU B 202 4.25 -6.80 30.96
CA GLU B 202 4.87 -7.96 30.30
C GLU B 202 4.30 -8.31 28.92
N ARG B 203 3.11 -7.81 28.57
CA ARG B 203 2.58 -8.03 27.23
C ARG B 203 2.96 -6.89 26.28
N GLY B 204 3.69 -5.90 26.80
CA GLY B 204 4.05 -4.70 26.03
C GLY B 204 2.99 -3.61 25.97
N TRP B 205 1.93 -3.76 26.76
CA TRP B 205 0.89 -2.75 26.86
C TRP B 205 1.40 -1.61 27.75
N ILE B 206 0.86 -0.42 27.55
CA ILE B 206 1.29 0.74 28.38
C ILE B 206 0.75 0.56 29.79
N SER B 207 1.61 0.67 30.81
CA SER B 207 1.17 0.52 32.21
C SER B 207 1.03 1.86 32.91
N GLY B 208 1.64 2.90 32.34
CA GLY B 208 1.61 4.24 32.96
C GLY B 208 2.57 5.17 32.32
N VAL B 209 2.39 6.46 32.55
CA VAL B 209 3.33 7.48 32.10
C VAL B 209 3.99 8.08 33.33
N HIS B 210 5.32 8.15 33.29
CA HIS B 210 6.07 8.61 34.45
C HIS B 210 6.39 10.10 34.26
N THR B 211 5.87 10.92 35.17
CA THR B 211 6.00 12.37 35.07
C THR B 211 7.03 12.92 36.04
N LYS B 212 7.57 14.07 35.70
CA LYS B 212 8.60 14.75 36.49
C LYS B 212 8.12 15.07 37.92
N GLN B 213 6.88 15.53 38.05
CA GLN B 213 6.38 16.08 39.34
C GLN B 213 5.18 15.36 39.91
N HIS B 214 4.48 14.56 39.11
CA HIS B 214 3.27 13.87 39.58
C HIS B 214 3.41 12.34 39.61
N GLY B 215 4.63 11.84 39.54
CA GLY B 215 4.84 10.41 39.61
C GLY B 215 4.28 9.66 38.41
N GLU B 216 3.80 8.45 38.66
CA GLU B 216 3.21 7.62 37.61
C GLU B 216 1.71 7.84 37.51
N ILE B 217 1.26 8.15 36.27
CA ILE B 217 -0.14 8.28 35.96
C ILE B 217 -0.54 7.07 35.11
N SER B 218 -1.44 6.29 35.68
CA SER B 218 -1.91 5.06 35.07
C SER B 218 -3.37 5.14 34.68
N GLY B 219 -3.80 4.25 33.78
CA GLY B 219 -5.20 4.17 33.37
C GLY B 219 -5.35 2.99 32.44
N ASP B 220 -6.57 2.73 31.99
CA ASP B 220 -6.88 1.54 31.17
C ASP B 220 -6.54 1.78 29.71
N LEU B 221 -6.79 3.00 29.24
CA LEU B 221 -6.63 3.34 27.82
C LEU B 221 -5.80 4.60 27.76
N PHE B 222 -4.83 4.62 26.85
CA PHE B 222 -3.97 5.78 26.71
C PHE B 222 -4.19 6.40 25.35
N VAL B 223 -4.32 7.71 25.33
CA VAL B 223 -4.49 8.45 24.06
C VAL B 223 -3.26 9.33 23.78
N ASP B 224 -2.60 9.04 22.67
CA ASP B 224 -1.43 9.77 22.25
C ASP B 224 -1.79 10.99 21.45
N CYS B 225 -1.69 12.15 22.08
CA CYS B 225 -1.89 13.42 21.41
C CYS B 225 -0.58 14.22 21.45
N THR B 226 0.57 13.54 21.31
CA THR B 226 1.85 14.17 21.46
C THR B 226 2.37 14.81 20.16
N GLY B 227 1.55 14.81 19.11
CA GLY B 227 1.93 15.38 17.82
C GLY B 227 2.95 14.56 17.08
N PHE B 228 3.73 15.23 16.24
CA PHE B 228 4.68 14.54 15.36
C PHE B 228 5.65 13.61 16.13
N ARG B 229 5.93 13.97 17.38
CA ARG B 229 6.74 13.15 18.29
C ARG B 229 6.30 11.67 18.35
N GLY B 230 4.98 11.45 18.37
CA GLY B 230 4.42 10.10 18.57
C GLY B 230 5.05 9.36 19.75
N LEU B 231 5.10 10.03 20.90
CA LEU B 231 5.80 9.49 22.06
C LEU B 231 5.37 8.07 22.44
N LEU B 232 4.05 7.79 22.41
CA LEU B 232 3.54 6.48 22.78
C LEU B 232 3.46 5.57 21.55
N ILE B 233 2.72 5.99 20.55
CA ILE B 233 2.44 5.11 19.42
C ILE B 233 3.73 4.72 18.64
N ASN B 234 4.67 5.67 18.49
CA ASN B 234 5.90 5.39 17.72
C ASN B 234 7.14 5.12 18.60
N GLN B 235 7.47 6.03 19.49
CA GLN B 235 8.66 5.94 20.31
C GLN B 235 8.58 4.80 21.33
N THR B 236 7.39 4.49 21.83
CA THR B 236 7.27 3.41 22.84
C THR B 236 6.86 2.08 22.22
N LEU B 237 5.77 2.09 21.45
CA LEU B 237 5.13 0.85 20.98
C LEU B 237 5.66 0.40 19.61
N GLY B 238 6.51 1.20 19.01
CA GLY B 238 7.15 0.82 17.77
C GLY B 238 6.23 0.80 16.55
N GLY B 239 5.17 1.59 16.61
CA GLY B 239 4.29 1.80 15.44
C GLY B 239 5.07 2.29 14.22
N ARG B 240 4.81 1.71 13.05
CA ARG B 240 5.54 2.12 11.86
C ARG B 240 4.83 3.28 11.25
N PHE B 241 5.56 4.37 10.99
CA PHE B 241 5.00 5.54 10.28
C PHE B 241 5.29 5.43 8.77
N GLN B 242 4.23 5.51 7.98
CA GLN B 242 4.34 5.42 6.51
C GLN B 242 4.35 6.82 5.95
N SER B 243 5.48 7.25 5.39
CA SER B 243 5.64 8.60 4.82
C SER B 243 4.98 8.67 3.43
N PHE B 244 4.34 9.81 3.14
CA PHE B 244 3.83 10.08 1.78
C PHE B 244 4.80 10.95 0.98
N SER B 245 6.04 11.12 1.45
CA SER B 245 6.97 12.07 0.82
C SER B 245 7.17 11.83 -0.65
N ASP B 246 7.05 10.57 -1.05
CA ASP B 246 7.28 10.19 -2.44
C ASP B 246 6.23 10.74 -3.41
N VAL B 247 5.01 10.97 -2.92
CA VAL B 247 3.95 11.50 -3.76
C VAL B 247 3.53 12.92 -3.37
N LEU B 248 3.78 13.32 -2.12
CA LEU B 248 3.46 14.68 -1.66
C LEU B 248 4.68 15.23 -0.93
N PRO B 249 5.60 15.85 -1.66
CA PRO B 249 6.92 16.20 -1.08
C PRO B 249 6.96 17.43 -0.16
N ASN B 250 5.88 18.19 -0.06
CA ASN B 250 5.94 19.41 0.77
C ASN B 250 6.22 19.01 2.21
N ASN B 251 7.20 19.65 2.83
CA ASN B 251 7.72 19.19 4.14
C ASN B 251 7.90 20.31 5.17
N ARG B 252 7.70 21.56 4.73
CA ARG B 252 7.91 22.72 5.58
C ARG B 252 6.87 23.77 5.30
N ALA B 253 6.74 24.69 6.24
CA ALA B 253 5.91 25.88 6.04
C ALA B 253 6.49 27.08 6.77
N VAL B 254 6.07 28.25 6.31
CA VAL B 254 6.43 29.50 6.98
C VAL B 254 5.15 30.32 7.03
N ALA B 255 4.85 30.89 8.20
CA ALA B 255 3.57 31.54 8.42
C ALA B 255 3.72 32.91 9.02
N LEU B 256 2.75 33.77 8.70
CA LEU B 256 2.69 35.17 9.13
C LEU B 256 1.28 35.54 9.62
N ARG B 257 1.21 36.36 10.66
CA ARG B 257 -0.05 36.96 11.10
C ARG B 257 -0.13 38.37 10.53
N VAL B 258 -1.15 38.65 9.72
CA VAL B 258 -1.23 39.92 9.03
C VAL B 258 -2.50 40.67 9.42
N PRO B 259 -2.37 41.68 10.30
CA PRO B 259 -3.55 42.46 10.67
C PRO B 259 -4.23 43.07 9.45
N ARG B 260 -5.56 43.14 9.50
CA ARG B 260 -6.35 43.62 8.37
C ARG B 260 -6.62 45.10 8.61
N GLU B 261 -6.23 45.93 7.63
CA GLU B 261 -6.41 47.36 7.73
C GLU B 261 -7.89 47.70 7.59
N ASN B 262 -8.50 47.20 6.51
CA ASN B 262 -9.88 47.49 6.19
C ASN B 262 -10.76 46.29 6.48
N ASP B 263 -11.67 46.46 7.46
CA ASP B 263 -12.56 45.39 7.92
C ASP B 263 -13.35 44.69 6.82
N GLU B 264 -13.78 45.44 5.82
CA GLU B 264 -14.64 44.88 4.75
C GLU B 264 -13.89 44.02 3.74
N ASP B 265 -12.56 43.96 3.84
CA ASP B 265 -11.79 43.03 3.02
C ASP B 265 -11.85 41.60 3.54
N MET B 266 -12.50 41.38 4.68
CA MET B 266 -12.62 40.03 5.24
C MET B 266 -13.38 39.08 4.32
N ARG B 267 -12.70 38.02 3.87
CA ARG B 267 -13.26 37.03 2.96
C ARG B 267 -13.92 35.88 3.74
N PRO B 268 -15.14 35.47 3.32
CA PRO B 268 -15.82 34.31 3.92
C PRO B 268 -15.34 32.96 3.35
N TYR B 269 -14.03 32.82 3.17
CA TYR B 269 -13.47 31.62 2.54
C TYR B 269 -11.98 31.57 2.78
N THR B 270 -11.41 30.36 2.67
CA THR B 270 -9.96 30.14 2.71
C THR B 270 -9.47 30.33 1.31
N THR B 271 -8.27 30.87 1.15
CA THR B 271 -7.64 30.91 -0.20
C THR B 271 -6.41 29.99 -0.20
N ALA B 272 -6.26 29.23 -1.30
CA ALA B 272 -5.06 28.44 -1.55
C ALA B 272 -4.47 28.90 -2.88
N THR B 273 -3.39 29.68 -2.79
CA THR B 273 -2.78 30.34 -3.93
C THR B 273 -1.52 29.59 -4.29
N ALA B 274 -1.44 29.04 -5.50
CA ALA B 274 -0.20 28.39 -5.95
C ALA B 274 0.94 29.42 -6.03
N MET B 275 2.12 29.00 -5.55
CA MET B 275 3.32 29.83 -5.49
C MET B 275 4.42 29.16 -6.32
N SER B 276 5.64 29.67 -6.25
CA SER B 276 6.73 29.18 -7.11
C SER B 276 7.14 27.73 -6.79
N ALA B 277 7.03 27.34 -5.51
CA ALA B 277 7.53 26.05 -5.03
C ALA B 277 6.62 25.46 -3.94
N GLY B 278 5.32 25.68 -4.11
CA GLY B 278 4.32 25.16 -3.22
C GLY B 278 3.07 26.02 -3.33
N TRP B 279 2.44 26.30 -2.21
CA TRP B 279 1.18 27.03 -2.22
C TRP B 279 1.03 27.76 -0.91
N MET B 280 0.19 28.79 -0.92
CA MET B 280 0.03 29.65 0.26
C MET B 280 -1.41 29.65 0.76
N TRP B 281 -1.63 29.44 2.05
CA TRP B 281 -2.97 29.59 2.62
C TRP B 281 -3.17 31.04 3.08
N THR B 282 -4.43 31.49 3.00
CA THR B 282 -4.92 32.71 3.63
C THR B 282 -6.19 32.34 4.40
N ILE B 283 -6.11 32.42 5.73
CA ILE B 283 -7.21 32.07 6.61
C ILE B 283 -7.69 33.37 7.28
N PRO B 284 -8.87 33.87 6.87
CA PRO B 284 -9.38 35.12 7.41
C PRO B 284 -9.99 34.93 8.79
N LEU B 285 -9.37 35.52 9.81
CA LEU B 285 -9.96 35.63 11.14
C LEU B 285 -10.58 37.02 11.35
N PHE B 286 -11.27 37.19 12.46
CA PHE B 286 -11.81 38.48 12.80
C PHE B 286 -10.61 39.37 13.17
N LYS B 287 -10.38 40.38 12.35
CA LYS B 287 -9.31 41.37 12.55
C LYS B 287 -7.92 41.07 11.99
N ARG B 288 -7.70 39.86 11.47
CA ARG B 288 -6.43 39.53 10.80
C ARG B 288 -6.54 38.33 9.87
N ASP B 289 -5.60 38.23 8.93
CA ASP B 289 -5.41 37.03 8.14
C ASP B 289 -4.22 36.25 8.70
N GLY B 290 -4.31 34.94 8.69
CA GLY B 290 -3.13 34.09 8.85
C GLY B 290 -2.72 33.65 7.45
N ASN B 291 -1.43 33.82 7.13
CA ASN B 291 -0.91 33.42 5.83
C ASN B 291 0.18 32.39 6.03
N GLY B 292 0.22 31.38 5.17
CA GLY B 292 1.26 30.36 5.30
C GLY B 292 1.66 29.79 3.96
N TYR B 293 2.96 29.76 3.73
CA TYR B 293 3.54 29.21 2.52
C TYR B 293 4.00 27.81 2.86
N VAL B 294 3.36 26.82 2.25
CA VAL B 294 3.66 25.38 2.39
C VAL B 294 4.54 25.01 1.18
N TYR B 295 5.70 24.42 1.45
CA TYR B 295 6.66 24.17 0.38
C TYR B 295 7.53 22.95 0.60
N SER B 296 8.28 22.61 -0.45
CA SER B 296 9.29 21.56 -0.40
C SER B 296 10.68 22.18 -0.42
N ASP B 297 11.49 21.85 0.58
CA ASP B 297 12.83 22.41 0.64
C ASP B 297 13.81 21.86 -0.40
N GLU B 298 13.39 20.87 -1.18
CA GLU B 298 14.12 20.48 -2.36
C GLU B 298 14.22 21.62 -3.36
N PHE B 299 13.18 22.47 -3.40
CA PHE B 299 13.03 23.44 -4.46
C PHE B 299 13.20 24.88 -4.00
N ILE B 300 13.13 25.14 -2.71
CA ILE B 300 13.27 26.51 -2.19
C ILE B 300 13.72 26.42 -0.76
N SER B 301 14.54 27.38 -0.31
CA SER B 301 15.01 27.34 1.09
C SER B 301 14.01 28.04 2.00
N PRO B 302 14.11 27.79 3.32
CA PRO B 302 13.27 28.54 4.24
C PRO B 302 13.40 30.05 4.12
N GLU B 303 14.61 30.53 3.90
CA GLU B 303 14.84 31.98 3.78
C GLU B 303 14.15 32.53 2.54
N GLU B 304 14.24 31.78 1.45
CA GLU B 304 13.68 32.19 0.16
C GLU B 304 12.15 32.15 0.24
N ALA B 305 11.61 31.09 0.87
CA ALA B 305 10.18 30.95 1.02
C ALA B 305 9.65 32.10 1.88
N GLU B 306 10.36 32.44 2.95
CA GLU B 306 9.93 33.56 3.79
C GLU B 306 9.88 34.84 2.98
N ARG B 307 10.90 35.06 2.15
CA ARG B 307 11.01 36.23 1.28
C ARG B 307 9.84 36.33 0.28
N GLU B 308 9.52 35.20 -0.35
CA GLU B 308 8.42 35.14 -1.30
C GLU B 308 7.07 35.42 -0.60
N LEU B 309 6.87 34.81 0.56
CA LEU B 309 5.67 35.03 1.37
C LEU B 309 5.47 36.49 1.70
N ARG B 310 6.53 37.10 2.25
CA ARG B 310 6.51 38.51 2.64
C ARG B 310 6.22 39.42 1.48
N SER B 311 6.87 39.15 0.36
CA SER B 311 6.67 39.93 -0.86
C SER B 311 5.22 39.91 -1.31
N THR B 312 4.56 38.79 -1.08
CA THR B 312 3.21 38.57 -1.56
C THR B 312 2.13 39.17 -0.68
N VAL B 313 2.29 39.04 0.63
CA VAL B 313 1.21 39.39 1.57
C VAL B 313 1.55 40.54 2.55
N ALA B 314 2.84 40.85 2.70
CA ALA B 314 3.23 41.91 3.64
C ALA B 314 4.54 42.60 3.25
N PRO B 315 4.60 43.20 2.06
CA PRO B 315 5.86 43.85 1.69
C PRO B 315 6.21 44.99 2.66
N GLY B 316 7.48 45.06 3.06
CA GLY B 316 7.98 46.10 3.96
C GLY B 316 7.63 45.94 5.44
N ARG B 317 7.00 44.83 5.82
CA ARG B 317 6.53 44.64 7.18
C ARG B 317 7.43 43.72 8.00
N ASP B 318 8.72 44.07 8.08
CA ASP B 318 9.63 43.27 8.92
C ASP B 318 9.29 43.32 10.43
N ASP B 319 8.39 44.21 10.83
CA ASP B 319 7.80 44.12 12.18
C ASP B 319 7.02 42.82 12.39
N LEU B 320 6.36 42.32 11.35
CA LEU B 320 5.63 41.06 11.45
C LEU B 320 6.58 39.87 11.45
N GLU B 321 6.46 39.02 12.46
CA GLU B 321 7.37 37.90 12.67
C GLU B 321 6.89 36.66 11.90
N ALA B 322 7.82 36.00 11.22
CA ALA B 322 7.53 34.75 10.54
C ALA B 322 7.77 33.58 11.50
N ASN B 323 7.02 32.49 11.32
CA ASN B 323 7.18 31.29 12.11
C ASN B 323 7.42 30.12 11.16
N HIS B 324 8.48 29.36 11.43
CA HIS B 324 8.92 28.27 10.54
C HIS B 324 8.59 26.93 11.17
N ILE B 325 8.17 25.99 10.33
CA ILE B 325 7.68 24.70 10.78
C ILE B 325 8.18 23.60 9.85
N GLN B 326 8.46 22.43 10.41
CA GLN B 326 8.72 21.23 9.60
C GLN B 326 7.61 20.21 9.83
N MET B 327 7.16 19.55 8.78
CA MET B 327 5.96 18.71 8.87
C MET B 327 6.30 17.22 8.72
N ARG B 328 5.62 16.35 9.49
CA ARG B 328 5.70 14.90 9.22
C ARG B 328 4.45 14.42 8.42
N ILE B 329 4.63 14.17 7.12
CA ILE B 329 3.54 13.86 6.19
C ILE B 329 3.38 12.36 5.98
N GLY B 330 2.16 11.86 6.23
CA GLY B 330 1.88 10.44 6.15
C GLY B 330 0.95 9.97 7.24
N ARG B 331 0.95 8.67 7.47
CA ARG B 331 0.17 8.10 8.58
C ARG B 331 0.88 6.93 9.19
N ASN B 332 0.55 6.67 10.44
CA ASN B 332 0.90 5.41 11.03
C ASN B 332 0.19 4.23 10.34
N GLU B 333 0.88 3.10 10.25
CA GLU B 333 0.23 1.88 9.72
C GLU B 333 -1.04 1.51 10.50
N ARG B 334 -0.96 1.59 11.83
CA ARG B 334 -2.06 1.42 12.77
C ARG B 334 -2.07 2.60 13.73
N THR B 335 -3.25 3.14 14.06
CA THR B 335 -3.33 4.19 15.06
C THR B 335 -3.74 3.68 16.43
N TRP B 336 -4.17 2.43 16.51
CA TRP B 336 -4.51 1.80 17.81
C TRP B 336 -3.66 0.59 17.92
N ILE B 337 -2.71 0.64 18.84
CA ILE B 337 -1.85 -0.47 19.15
C ILE B 337 -2.03 -0.81 20.63
N ASN B 338 -2.34 -2.06 20.93
CA ASN B 338 -2.52 -2.49 22.32
C ASN B 338 -3.59 -1.66 23.06
N ASN B 339 -3.23 -0.92 24.10
CA ASN B 339 -4.15 -0.01 24.81
C ASN B 339 -3.82 1.46 24.58
N CYS B 340 -3.31 1.77 23.38
CA CYS B 340 -2.91 3.12 23.01
C CYS B 340 -3.52 3.51 21.67
N VAL B 341 -4.20 4.66 21.64
CA VAL B 341 -4.79 5.20 20.39
C VAL B 341 -4.21 6.57 20.10
N ALA B 342 -3.70 6.75 18.88
CA ALA B 342 -3.15 8.05 18.48
C ALA B 342 -4.27 8.91 17.90
N VAL B 343 -4.30 10.19 18.29
CA VAL B 343 -5.26 11.13 17.76
C VAL B 343 -4.52 12.39 17.40
N GLY B 344 -4.74 12.88 16.18
CA GLY B 344 -4.12 14.07 15.64
C GLY B 344 -2.80 13.78 14.93
N LEU B 345 -1.88 14.74 15.04
CA LEU B 345 -0.60 14.65 14.31
C LEU B 345 0.23 13.40 14.64
N SER B 346 0.08 12.85 15.84
CA SER B 346 0.70 11.59 16.19
C SER B 346 0.20 10.43 15.31
N ALA B 347 -1.03 10.56 14.84
CA ALA B 347 -1.66 9.51 14.02
C ALA B 347 -1.35 9.66 12.56
N ALA B 348 -1.51 10.88 12.07
CA ALA B 348 -1.38 11.16 10.65
C ALA B 348 -1.42 12.64 10.40
N PHE B 349 -0.85 13.07 9.27
CA PHE B 349 -0.93 14.46 8.86
C PHE B 349 -0.69 14.59 7.38
N VAL B 350 -1.48 15.46 6.74
CA VAL B 350 -1.18 15.90 5.39
C VAL B 350 -1.23 17.41 5.39
N GLU B 351 -0.63 18.01 4.36
CA GLU B 351 -0.61 19.46 4.25
C GLU B 351 -2.07 19.97 4.23
N PRO B 352 -2.32 21.15 4.81
CA PRO B 352 -3.69 21.67 4.96
C PRO B 352 -4.36 22.19 3.67
N LEU B 353 -4.08 21.58 2.53
CA LEU B 353 -4.57 22.06 1.26
C LEU B 353 -6.09 21.99 1.12
N GLU B 354 -6.70 21.04 1.83
CA GLU B 354 -8.15 20.91 1.89
C GLU B 354 -8.64 20.89 3.34
N SER B 355 -7.90 21.55 4.23
CA SER B 355 -8.37 21.84 5.60
C SER B 355 -8.84 20.59 6.36
N THR B 356 -8.00 19.56 6.41
CA THR B 356 -8.40 18.23 6.90
C THR B 356 -8.00 17.93 8.36
N GLY B 357 -7.17 18.77 8.98
CA GLY B 357 -6.61 18.42 10.29
C GLY B 357 -7.62 18.19 11.40
N ILE B 358 -8.54 19.12 11.54
CA ILE B 358 -9.57 19.03 12.57
C ILE B 358 -10.51 17.84 12.26
N PHE B 359 -10.79 17.66 10.99
CA PHE B 359 -11.59 16.50 10.55
C PHE B 359 -10.93 15.20 11.00
N PHE B 360 -9.63 15.04 10.73
CA PHE B 360 -8.90 13.82 11.13
C PHE B 360 -9.03 13.55 12.62
N ILE B 361 -8.97 14.62 13.41
CA ILE B 361 -9.12 14.52 14.87
C ILE B 361 -10.56 14.14 15.20
N GLN B 362 -11.54 14.84 14.62
CA GLN B 362 -12.97 14.58 14.98
C GLN B 362 -13.33 13.11 14.64
N HIS B 363 -13.03 12.68 13.43
CA HIS B 363 -13.36 11.30 13.03
C HIS B 363 -12.70 10.28 13.95
N ALA B 364 -11.41 10.47 14.25
CA ALA B 364 -10.71 9.56 15.11
C ALA B 364 -11.36 9.48 16.49
N ILE B 365 -11.81 10.60 17.03
CA ILE B 365 -12.46 10.60 18.36
C ILE B 365 -13.87 9.99 18.32
N GLU B 366 -14.67 10.39 17.35
CA GLU B 366 -16.01 9.85 17.19
C GLU B 366 -15.94 8.32 17.04
N GLN B 367 -15.00 7.86 16.22
CA GLN B 367 -14.86 6.42 16.01
C GLN B 367 -14.26 5.70 17.23
N LEU B 368 -13.52 6.44 18.05
CA LEU B 368 -12.99 5.89 19.28
C LEU B 368 -14.14 5.58 20.27
N VAL B 369 -15.10 6.50 20.38
CA VAL B 369 -16.32 6.26 21.17
C VAL B 369 -17.03 5.04 20.57
N LYS B 370 -17.22 5.02 19.26
CA LYS B 370 -17.89 3.87 18.61
C LYS B 370 -17.18 2.55 18.86
N HIS B 371 -15.85 2.57 18.90
CA HIS B 371 -15.05 1.34 19.08
C HIS B 371 -14.48 1.26 20.52
N PHE B 372 -15.11 1.93 21.45
CA PHE B 372 -14.58 2.01 22.81
C PHE B 372 -14.45 0.59 23.39
N PRO B 373 -13.29 0.29 24.02
CA PRO B 373 -13.12 -1.08 24.52
C PRO B 373 -13.92 -1.40 25.79
N GLY B 374 -14.31 -2.66 25.91
CA GLY B 374 -14.81 -3.19 27.15
C GLY B 374 -13.65 -3.72 27.98
N GLU B 375 -13.97 -4.28 29.12
CA GLU B 375 -12.92 -4.93 29.93
C GLU B 375 -12.30 -6.11 29.18
N ARG B 376 -13.06 -6.74 28.29
CA ARG B 376 -12.47 -7.71 27.39
C ARG B 376 -12.16 -7.02 26.08
N TRP B 377 -10.88 -6.79 25.83
CA TRP B 377 -10.41 -6.06 24.64
C TRP B 377 -10.65 -6.94 23.42
N ASP B 378 -10.98 -6.30 22.30
CA ASP B 378 -11.52 -6.99 21.16
C ASP B 378 -10.67 -6.68 19.95
N PRO B 379 -9.80 -7.64 19.54
CA PRO B 379 -8.92 -7.42 18.39
C PRO B 379 -9.67 -7.16 17.09
N VAL B 380 -10.86 -7.74 16.95
CA VAL B 380 -11.66 -7.55 15.74
C VAL B 380 -12.22 -6.14 15.69
N LEU B 381 -12.72 -5.65 16.81
CA LEU B 381 -13.16 -4.28 16.89
C LEU B 381 -12.02 -3.30 16.59
N ILE B 382 -10.85 -3.56 17.22
CA ILE B 382 -9.68 -2.70 17.02
C ILE B 382 -9.26 -2.71 15.55
N SER B 383 -9.32 -3.90 14.94
CA SER B 383 -8.99 -4.01 13.53
C SER B 383 -9.90 -3.13 12.66
N ALA B 384 -11.17 -3.09 12.97
CA ALA B 384 -12.11 -2.29 12.19
C ALA B 384 -11.80 -0.80 12.39
N TYR B 385 -11.44 -0.41 13.61
CA TYR B 385 -11.02 0.99 13.84
C TYR B 385 -9.80 1.38 13.00
N ASN B 386 -8.75 0.56 13.05
CA ASN B 386 -7.53 0.84 12.29
C ASN B 386 -7.79 0.94 10.78
N GLU B 387 -8.60 0.04 10.26
CA GLU B 387 -8.96 0.07 8.83
C GLU B 387 -9.63 1.39 8.47
N ARG B 388 -10.60 1.83 9.27
CA ARG B 388 -11.34 3.08 8.99
C ARG B 388 -10.38 4.30 9.01
N MET B 389 -9.44 4.29 9.93
CA MET B 389 -8.52 5.43 10.07
C MET B 389 -7.55 5.50 8.93
N ALA B 390 -7.15 4.33 8.42
CA ALA B 390 -6.24 4.25 7.30
C ALA B 390 -6.93 4.70 6.03
N HIS B 391 -8.14 4.19 5.80
CA HIS B 391 -8.93 4.62 4.66
C HIS B 391 -9.13 6.13 4.64
N MET B 392 -9.43 6.68 5.80
CA MET B 392 -9.64 8.11 5.91
C MET B 392 -8.43 8.86 5.30
N VAL B 393 -7.22 8.53 5.75
CA VAL B 393 -6.06 9.30 5.33
C VAL B 393 -5.68 9.00 3.91
N ASP B 394 -5.80 7.74 3.50
CA ASP B 394 -5.39 7.33 2.17
C ASP B 394 -6.24 7.94 1.06
N GLY B 395 -7.54 8.05 1.32
CA GLY B 395 -8.46 8.70 0.45
C GLY B 395 -8.10 10.17 0.31
N VAL B 396 -7.80 10.85 1.42
CA VAL B 396 -7.35 12.24 1.33
C VAL B 396 -6.03 12.39 0.57
N LYS B 397 -5.11 11.47 0.81
CA LYS B 397 -3.83 11.44 0.10
C LYS B 397 -4.04 11.43 -1.42
N GLU B 398 -4.85 10.49 -1.89
CA GLU B 398 -5.17 10.41 -3.30
C GLU B 398 -5.76 11.70 -3.85
N PHE B 399 -6.76 12.23 -3.15
CA PHE B 399 -7.40 13.49 -3.50
C PHE B 399 -6.37 14.62 -3.62
N LEU B 400 -5.46 14.70 -2.68
CA LEU B 400 -4.45 15.77 -2.71
C LEU B 400 -3.47 15.63 -3.89
N VAL B 401 -3.03 14.40 -4.18
CA VAL B 401 -2.16 14.18 -5.33
C VAL B 401 -2.85 14.64 -6.62
N LEU B 402 -4.16 14.39 -6.72
CA LEU B 402 -4.94 14.88 -7.84
C LEU B 402 -4.84 16.40 -8.00
N HIS B 403 -4.70 17.14 -6.90
CA HIS B 403 -4.53 18.60 -7.00
C HIS B 403 -3.24 18.94 -7.78
N TYR B 404 -2.16 18.28 -7.39
CA TYR B 404 -0.87 18.51 -8.02
C TYR B 404 -0.85 18.02 -9.45
N LYS B 405 -1.55 16.93 -9.75
CA LYS B 405 -1.56 16.41 -11.10
C LYS B 405 -2.46 17.21 -12.05
N GLY B 406 -3.52 17.81 -11.49
CA GLY B 406 -4.47 18.62 -12.26
C GLY B 406 -3.95 20.00 -12.56
N ALA B 407 -3.13 20.54 -11.65
CA ALA B 407 -2.55 21.87 -11.83
C ALA B 407 -1.84 21.94 -13.21
N GLN B 408 -2.14 22.98 -13.98
CA GLN B 408 -1.62 23.03 -15.37
C GLN B 408 -0.33 23.82 -15.50
N ARG B 409 0.00 24.63 -14.50
CA ARG B 409 1.23 25.42 -14.57
C ARG B 409 2.48 24.52 -14.54
N GLU B 410 3.48 24.90 -15.33
CA GLU B 410 4.75 24.16 -15.46
C GLU B 410 5.93 25.12 -15.52
N ASP B 411 5.77 26.26 -14.89
CA ASP B 411 6.69 27.38 -15.03
C ASP B 411 7.97 27.31 -14.21
N THR B 412 7.99 26.49 -13.16
CA THR B 412 9.17 26.40 -12.29
C THR B 412 9.57 24.93 -12.17
N PRO B 413 10.78 24.66 -11.63
CA PRO B 413 11.19 23.28 -11.39
C PRO B 413 10.22 22.48 -10.51
N TYR B 414 9.65 23.12 -9.49
CA TYR B 414 8.67 22.46 -8.64
C TYR B 414 7.46 21.96 -9.45
N TRP B 415 6.92 22.84 -10.29
CA TRP B 415 5.71 22.51 -11.03
C TRP B 415 6.00 21.52 -12.18
N LYS B 416 7.19 21.58 -12.75
CA LYS B 416 7.62 20.56 -13.71
C LYS B 416 7.75 19.20 -13.01
N ALA B 417 8.36 19.20 -11.83
CA ALA B 417 8.52 17.94 -11.07
C ALA B 417 7.18 17.34 -10.63
N ALA B 418 6.21 18.20 -10.33
CA ALA B 418 4.87 17.76 -9.95
C ALA B 418 4.19 16.92 -11.05
N LYS B 419 4.40 17.34 -12.30
CA LYS B 419 3.83 16.65 -13.46
C LYS B 419 4.28 15.20 -13.55
N THR B 420 5.56 14.93 -13.28
CA THR B 420 6.14 13.61 -13.50
C THR B 420 6.37 12.78 -12.21
N ARG B 421 6.10 13.36 -11.05
CA ARG B 421 6.24 12.61 -9.79
C ARG B 421 5.41 11.34 -9.73
N ALA B 422 5.93 10.35 -8.99
CA ALA B 422 5.20 9.12 -8.64
C ALA B 422 3.84 9.43 -8.00
N MET B 423 2.90 8.51 -8.16
CA MET B 423 1.54 8.72 -7.61
C MET B 423 0.87 7.43 -7.06
N PRO B 424 -0.13 7.58 -6.16
CA PRO B 424 -0.81 6.41 -5.60
C PRO B 424 -1.39 5.48 -6.66
N ASP B 425 -1.53 4.21 -6.27
CA ASP B 425 -1.93 3.12 -7.17
C ASP B 425 -3.25 3.39 -7.87
N GLY B 426 -4.24 3.77 -7.07
CA GLY B 426 -5.59 3.91 -7.57
C GLY B 426 -5.81 5.10 -8.47
N LEU B 427 -4.86 6.02 -8.47
CA LEU B 427 -5.08 7.29 -9.11
C LEU B 427 -4.98 7.23 -10.64
N ALA B 428 -4.30 6.21 -11.18
CA ALA B 428 -4.22 5.92 -12.64
C ALA B 428 -5.56 5.64 -13.33
N ARG B 429 -6.32 4.72 -12.77
CA ARG B 429 -7.69 4.47 -13.23
C ARG B 429 -8.51 5.76 -13.19
N LYS B 430 -8.40 6.51 -12.08
CA LYS B 430 -9.21 7.71 -11.92
C LYS B 430 -8.84 8.75 -12.98
N LEU B 431 -7.55 8.88 -13.28
CA LEU B 431 -7.10 9.82 -14.31
C LEU B 431 -7.53 9.35 -15.68
N GLU B 432 -7.44 8.04 -15.93
CA GLU B 432 -7.92 7.43 -17.16
C GLU B 432 -9.41 7.75 -17.33
N LEU B 433 -10.19 7.47 -16.29
CA LEU B 433 -11.65 7.66 -16.37
C LEU B 433 -11.95 9.12 -16.65
N SER B 434 -11.19 10.01 -16.02
CA SER B 434 -11.46 11.46 -16.05
C SER B 434 -11.20 12.11 -17.40
N ALA B 435 -10.38 11.46 -18.21
CA ALA B 435 -10.16 11.91 -19.58
C ALA B 435 -11.39 11.63 -20.45
N SER B 436 -12.17 10.63 -20.04
CA SER B 436 -13.34 10.16 -20.79
C SER B 436 -14.62 10.79 -20.28
N HIS B 437 -14.79 10.77 -18.96
CA HIS B 437 -16.01 11.26 -18.37
C HIS B 437 -15.80 11.58 -16.91
N LEU B 438 -16.76 12.24 -16.29
CA LEU B 438 -16.59 12.64 -14.90
C LEU B 438 -16.60 11.45 -13.95
N LEU B 439 -15.77 11.56 -12.90
CA LEU B 439 -15.84 10.62 -11.79
C LEU B 439 -17.20 10.75 -11.14
N ASP B 440 -17.62 9.66 -10.50
CA ASP B 440 -18.84 9.67 -9.70
C ASP B 440 -18.72 8.82 -8.44
N GLU B 441 -19.85 8.68 -7.75
CA GLU B 441 -19.88 7.99 -6.47
C GLU B 441 -19.20 6.63 -6.54
N GLN B 442 -19.30 5.94 -7.68
CA GLN B 442 -18.74 4.60 -7.80
C GLN B 442 -17.27 4.56 -8.20
N THR B 443 -16.71 5.68 -8.65
CA THR B 443 -15.32 5.64 -9.14
C THR B 443 -14.33 6.53 -8.39
N ILE B 444 -14.81 7.38 -7.46
CA ILE B 444 -13.90 8.06 -6.54
C ILE B 444 -13.39 7.08 -5.47
N TYR B 445 -12.50 7.53 -4.60
CA TYR B 445 -12.05 6.65 -3.52
C TYR B 445 -13.27 6.15 -2.77
N PRO B 446 -13.42 4.81 -2.64
CA PRO B 446 -14.67 4.20 -2.22
C PRO B 446 -14.97 4.13 -0.71
N TYR B 447 -13.99 4.44 0.14
CA TYR B 447 -14.22 4.43 1.56
C TYR B 447 -14.29 5.84 2.12
N TYR B 448 -14.83 6.00 3.31
CA TYR B 448 -15.06 7.34 3.85
C TYR B 448 -13.72 8.03 4.00
N HIS B 449 -13.60 9.20 3.38
CA HIS B 449 -12.42 10.05 3.55
C HIS B 449 -12.75 11.52 3.67
N GLY B 450 -14.02 11.82 3.96
CA GLY B 450 -14.45 13.18 4.23
C GLY B 450 -14.84 13.98 2.99
N PHE B 451 -14.66 13.41 1.79
CA PHE B 451 -15.04 14.10 0.56
C PHE B 451 -15.95 13.22 -0.30
N GLU B 452 -16.94 13.86 -0.93
CA GLU B 452 -17.88 13.22 -1.83
C GLU B 452 -17.52 13.53 -3.28
N THR B 453 -18.28 12.92 -4.18
CA THR B 453 -18.06 13.05 -5.61
C THR B 453 -17.86 14.51 -6.05
N TYR B 454 -18.75 15.41 -5.63
CA TYR B 454 -18.67 16.79 -6.12
C TYR B 454 -17.31 17.46 -5.88
N SER B 455 -16.67 17.11 -4.79
CA SER B 455 -15.36 17.64 -4.45
C SER B 455 -14.32 17.19 -5.41
N TRP B 456 -14.38 15.91 -5.77
CA TRP B 456 -13.44 15.35 -6.72
C TRP B 456 -13.64 15.97 -8.14
N ILE B 457 -14.89 16.02 -8.58
CA ILE B 457 -15.26 16.65 -9.84
C ILE B 457 -14.79 18.10 -9.89
N THR B 458 -15.06 18.83 -8.82
CA THR B 458 -14.82 20.27 -8.78
C THR B 458 -13.33 20.55 -8.92
N MET B 459 -12.50 19.77 -8.24
CA MET B 459 -11.07 20.00 -8.31
C MET B 459 -10.58 19.65 -9.70
N ASN B 460 -11.02 18.52 -10.26
CA ASN B 460 -10.68 18.20 -11.65
C ASN B 460 -11.04 19.30 -12.64
N LEU B 461 -12.32 19.68 -12.68
CA LEU B 461 -12.79 20.68 -13.61
C LEU B 461 -12.16 22.06 -13.37
N GLY B 462 -12.05 22.45 -12.11
CA GLY B 462 -11.42 23.74 -11.76
C GLY B 462 -9.96 23.83 -12.22
N LEU B 463 -9.20 22.76 -11.98
CA LEU B 463 -7.79 22.75 -12.32
C LEU B 463 -7.56 22.53 -13.81
N GLY B 464 -8.40 21.67 -14.41
CA GLY B 464 -8.36 21.43 -15.85
C GLY B 464 -8.27 20.00 -16.33
N ILE B 465 -8.51 19.01 -15.48
CA ILE B 465 -8.71 17.61 -15.95
C ILE B 465 -10.17 17.48 -16.39
N VAL B 466 -10.40 17.73 -17.68
CA VAL B 466 -11.74 17.84 -18.25
C VAL B 466 -11.93 16.66 -19.22
N PRO B 467 -13.15 16.10 -19.29
CA PRO B 467 -13.37 15.04 -20.27
C PRO B 467 -13.20 15.57 -21.69
N GLU B 468 -12.78 14.69 -22.60
CA GLU B 468 -12.52 15.12 -23.99
C GLU B 468 -13.76 15.72 -24.68
N ARG B 469 -14.93 15.15 -24.38
CA ARG B 469 -16.24 15.60 -24.90
C ARG B 469 -17.31 15.45 -23.80
N PRO B 470 -18.51 16.04 -23.98
CA PRO B 470 -19.58 15.79 -23.00
C PRO B 470 -20.09 14.36 -23.10
N ARG B 471 -20.81 13.93 -22.08
CA ARG B 471 -21.45 12.63 -22.08
C ARG B 471 -22.38 12.52 -23.28
N PRO B 472 -22.21 11.46 -24.12
CA PRO B 472 -22.99 11.46 -25.35
C PRO B 472 -24.50 11.44 -25.18
N ALA B 473 -24.99 10.91 -24.06
CA ALA B 473 -26.44 10.90 -23.84
C ALA B 473 -27.04 12.30 -23.94
N LEU B 474 -26.31 13.31 -23.49
CA LEU B 474 -26.88 14.66 -23.41
C LEU B 474 -27.23 15.26 -24.78
N LEU B 475 -26.53 14.83 -25.82
CA LEU B 475 -26.91 15.23 -27.16
C LEU B 475 -28.27 14.67 -27.60
N HIS B 476 -28.75 13.65 -26.90
CA HIS B 476 -30.07 13.08 -27.20
C HIS B 476 -31.19 13.64 -26.31
N MET B 477 -30.86 14.58 -25.43
CA MET B 477 -31.78 15.03 -24.40
C MET B 477 -32.12 16.50 -24.54
N ASP B 478 -33.29 16.84 -24.03
CA ASP B 478 -33.80 18.20 -24.08
C ASP B 478 -32.98 19.03 -23.10
N PRO B 479 -32.30 20.07 -23.59
CA PRO B 479 -31.44 20.89 -22.69
C PRO B 479 -32.20 21.95 -21.89
N ALA B 480 -33.49 22.10 -22.13
CA ALA B 480 -34.26 23.18 -21.49
C ALA B 480 -34.28 23.12 -19.96
N PRO B 481 -34.54 21.94 -19.35
CA PRO B 481 -34.50 21.80 -17.89
C PRO B 481 -33.16 22.25 -17.27
N ALA B 482 -32.04 21.84 -17.86
CA ALA B 482 -30.72 22.23 -17.39
C ALA B 482 -30.46 23.74 -17.54
N LEU B 483 -30.81 24.26 -18.71
CA LEU B 483 -30.63 25.69 -18.95
C LEU B 483 -31.44 26.51 -17.98
N ALA B 484 -32.65 26.04 -17.69
CA ALA B 484 -33.50 26.63 -16.66
C ALA B 484 -32.85 26.55 -15.27
N GLU B 485 -32.11 25.49 -14.96
CA GLU B 485 -31.47 25.39 -13.63
C GLU B 485 -30.27 26.37 -13.56
N PHE B 486 -29.53 26.47 -14.65
CA PHE B 486 -28.45 27.46 -14.65
C PHE B 486 -29.01 28.87 -14.37
N GLU B 487 -30.20 29.14 -14.91
CA GLU B 487 -30.85 30.41 -14.68
C GLU B 487 -31.35 30.59 -13.27
N ARG B 488 -31.91 29.53 -12.69
CA ARG B 488 -32.29 29.58 -11.29
C ARG B 488 -31.09 29.93 -10.41
N LEU B 489 -29.94 29.29 -10.68
CA LEU B 489 -28.72 29.51 -9.89
C LEU B 489 -28.28 30.95 -9.96
N ARG B 490 -28.28 31.52 -11.15
CA ARG B 490 -27.85 32.89 -11.31
C ARG B 490 -28.78 33.85 -10.56
N ARG B 491 -30.09 33.65 -10.72
CA ARG B 491 -31.11 34.48 -10.07
C ARG B 491 -31.10 34.34 -8.55
N GLU B 492 -31.03 33.11 -8.05
CA GLU B 492 -30.94 32.92 -6.60
C GLU B 492 -29.67 33.61 -6.08
N GLY B 493 -28.60 33.54 -6.86
CA GLY B 493 -27.34 34.19 -6.49
C GLY B 493 -27.50 35.70 -6.36
N ASP B 494 -28.16 36.29 -7.34
CA ASP B 494 -28.45 37.74 -7.37
C ASP B 494 -29.26 38.19 -6.16
N GLU B 495 -30.30 37.43 -5.84
CA GLU B 495 -31.19 37.73 -4.72
C GLU B 495 -30.43 37.62 -3.42
N LEU B 496 -29.68 36.53 -3.25
CA LEU B 496 -29.01 36.28 -1.99
C LEU B 496 -27.97 37.33 -1.65
N ILE B 497 -27.23 37.82 -2.65
CA ILE B 497 -26.17 38.78 -2.40
C ILE B 497 -26.77 40.15 -2.04
N ALA B 498 -27.89 40.48 -2.68
CA ALA B 498 -28.60 41.72 -2.37
C ALA B 498 -29.19 41.67 -0.93
N ALA B 499 -29.59 40.48 -0.48
CA ALA B 499 -30.25 40.33 0.83
C ALA B 499 -29.27 40.19 1.99
N LEU B 500 -28.21 39.41 1.82
CA LEU B 500 -27.29 39.13 2.92
C LEU B 500 -26.34 40.26 3.26
N PRO B 501 -25.92 40.34 4.52
CA PRO B 501 -24.88 41.28 4.93
C PRO B 501 -23.51 40.76 4.54
N SER B 502 -22.47 41.58 4.70
CA SER B 502 -21.11 41.10 4.47
C SER B 502 -20.63 40.19 5.59
N CYS B 503 -19.58 39.42 5.33
CA CYS B 503 -18.98 38.56 6.35
C CYS B 503 -18.60 39.35 7.62
N TYR B 504 -17.90 40.46 7.43
CA TYR B 504 -17.48 41.26 8.58
C TYR B 504 -18.68 41.85 9.31
N GLU B 505 -19.63 42.40 8.56
CA GLU B 505 -20.84 42.98 9.14
C GLU B 505 -21.51 42.04 10.11
N TYR B 506 -21.76 40.80 9.68
CA TYR B 506 -22.46 39.86 10.53
C TYR B 506 -21.63 39.49 11.77
N LEU B 507 -20.38 39.11 11.56
CA LEU B 507 -19.51 38.74 12.67
C LEU B 507 -19.40 39.86 13.68
N ALA B 508 -19.25 41.09 13.19
CA ALA B 508 -19.25 42.25 14.10
C ALA B 508 -20.52 42.35 14.95
N SER B 509 -21.68 41.92 14.41
CA SER B 509 -22.95 42.00 15.16
C SER B 509 -23.02 41.02 16.33
N ILE B 510 -22.22 39.96 16.30
CA ILE B 510 -22.23 38.95 17.35
C ILE B 510 -21.01 39.01 18.29
N GLN B 511 -20.17 40.03 18.17
CA GLN B 511 -18.97 40.11 19.01
C GLN B 511 -19.29 40.27 20.50
N MET C 1 11.73 -16.20 30.33
CA MET C 1 11.54 -17.03 29.10
C MET C 1 10.14 -17.61 28.95
N ILE C 2 9.63 -17.66 27.73
CA ILE C 2 8.42 -18.43 27.48
C ILE C 2 8.81 -19.90 27.42
N ARG C 3 7.83 -20.80 27.53
CA ARG C 3 8.10 -22.25 27.64
C ARG C 3 7.60 -23.11 26.49
N SER C 4 6.45 -22.75 25.91
CA SER C 4 5.65 -23.67 25.12
C SER C 4 5.11 -23.04 23.83
N VAL C 5 5.08 -23.84 22.77
CA VAL C 5 4.55 -23.38 21.49
C VAL C 5 3.53 -24.39 21.06
N VAL C 6 2.37 -23.89 20.62
CA VAL C 6 1.34 -24.76 20.07
C VAL C 6 1.20 -24.42 18.59
N ILE C 7 1.38 -25.41 17.73
CA ILE C 7 1.26 -25.22 16.30
C ILE C 7 -0.06 -25.89 15.88
N VAL C 8 -0.89 -25.13 15.16
CA VAL C 8 -2.23 -25.58 14.73
C VAL C 8 -2.17 -25.75 13.20
N GLY C 9 -2.21 -27.01 12.77
CA GLY C 9 -2.07 -27.36 11.37
C GLY C 9 -0.74 -28.04 11.13
N GLY C 10 -0.76 -29.05 10.26
CA GLY C 10 0.43 -29.81 9.97
C GLY C 10 0.92 -29.46 8.59
N GLY C 11 1.12 -30.47 7.76
CA GLY C 11 1.66 -30.20 6.45
C GLY C 11 3.05 -29.61 6.47
N THR C 12 3.46 -29.02 5.35
CA THR C 12 4.77 -28.47 5.23
C THR C 12 4.97 -27.36 6.26
N ALA C 13 4.03 -26.43 6.33
CA ALA C 13 4.22 -25.27 7.20
C ALA C 13 4.33 -25.73 8.66
N GLY C 14 3.43 -26.63 9.10
CA GLY C 14 3.45 -27.07 10.51
C GLY C 14 4.70 -27.84 10.91
N TRP C 15 5.08 -28.81 10.08
CA TRP C 15 6.18 -29.67 10.41
C TRP C 15 7.57 -29.03 10.15
N MET C 16 7.67 -28.11 9.21
CA MET C 16 8.87 -27.30 9.13
C MET C 16 9.04 -26.45 10.39
N THR C 17 7.93 -25.92 10.91
CA THR C 17 8.01 -25.07 12.09
C THR C 17 8.40 -25.89 13.30
N ALA C 18 7.80 -27.08 13.42
CA ALA C 18 8.00 -27.95 14.61
C ALA C 18 9.46 -28.46 14.61
N SER C 19 9.91 -28.92 13.46
CA SER C 19 11.27 -29.46 13.35
C SER C 19 12.31 -28.39 13.60
N TYR C 20 12.08 -27.22 13.03
CA TYR C 20 13.02 -26.10 13.18
C TYR C 20 13.11 -25.66 14.64
N LEU C 21 11.98 -25.57 15.33
CA LEU C 21 12.01 -25.13 16.72
C LEU C 21 12.81 -26.05 17.58
N LYS C 22 12.64 -27.37 17.35
CA LYS C 22 13.40 -28.34 18.10
C LYS C 22 14.88 -28.35 17.72
N ALA C 23 15.19 -28.15 16.46
CA ALA C 23 16.57 -28.05 16.08
C ALA C 23 17.23 -26.83 16.70
N ALA C 24 16.53 -25.71 16.80
CA ALA C 24 17.11 -24.49 17.35
C ALA C 24 17.28 -24.56 18.86
N PHE C 25 16.24 -25.03 19.55
CA PHE C 25 16.11 -24.90 21.00
C PHE C 25 16.17 -26.23 21.76
N ASP C 26 16.09 -27.34 21.06
CA ASP C 26 16.07 -28.68 21.68
C ASP C 26 15.12 -28.78 22.88
N ASP C 27 15.61 -29.20 24.06
CA ASP C 27 14.70 -29.38 25.21
C ASP C 27 14.48 -28.10 26.01
N ARG C 28 14.84 -26.93 25.45
CA ARG C 28 14.56 -25.64 26.09
C ARG C 28 13.27 -24.99 25.54
N ILE C 29 12.50 -25.77 24.80
CA ILE C 29 11.20 -25.34 24.33
C ILE C 29 10.29 -26.57 24.26
N ASP C 30 9.02 -26.40 24.64
CA ASP C 30 8.00 -27.47 24.54
C ASP C 30 7.16 -27.12 23.34
N VAL C 31 6.88 -28.11 22.51
CA VAL C 31 6.14 -27.93 21.26
C VAL C 31 5.09 -29.02 21.12
N THR C 32 3.87 -28.56 20.81
CA THR C 32 2.73 -29.41 20.51
C THR C 32 2.24 -29.04 19.13
N LEU C 33 1.96 -30.03 18.30
CA LEU C 33 1.34 -29.76 17.02
C LEU C 33 0.02 -30.47 16.95
N VAL C 34 -1.06 -29.69 16.74
CA VAL C 34 -2.45 -30.19 16.65
C VAL C 34 -2.87 -30.15 15.19
N GLU C 35 -3.20 -31.30 14.58
CA GLU C 35 -3.64 -31.26 13.18
C GLU C 35 -4.83 -32.17 12.96
N SER C 36 -5.65 -31.80 11.98
CA SER C 36 -6.88 -32.53 11.71
C SER C 36 -6.55 -33.71 10.81
N GLY C 37 -7.37 -34.75 10.90
CA GLY C 37 -7.42 -35.78 9.88
C GLY C 37 -8.20 -35.31 8.64
N ASN C 38 -9.05 -34.28 8.79
CA ASN C 38 -9.98 -33.83 7.73
C ASN C 38 -9.26 -32.94 6.72
N VAL C 39 -8.23 -33.51 6.09
CA VAL C 39 -7.34 -32.77 5.19
C VAL C 39 -7.03 -33.63 3.95
N VAL C 44 0.74 -33.24 -4.26
CA VAL C 44 1.41 -32.97 -5.52
C VAL C 44 2.85 -32.48 -5.33
N GLY C 45 3.54 -32.38 -6.45
CA GLY C 45 4.93 -32.01 -6.48
C GLY C 45 5.07 -30.51 -6.31
N GLU C 46 6.20 -30.14 -5.72
CA GLU C 46 6.51 -28.77 -5.49
C GLU C 46 8.00 -28.54 -5.76
N ALA C 47 8.35 -27.29 -6.05
CA ALA C 47 9.74 -26.90 -6.24
C ALA C 47 10.19 -26.03 -5.08
N THR C 48 11.50 -25.79 -5.02
CA THR C 48 12.11 -24.93 -3.98
C THR C 48 13.13 -23.99 -4.57
N PHE C 49 13.63 -23.11 -3.71
CA PHE C 49 14.81 -22.32 -3.95
C PHE C 49 16.06 -23.12 -3.60
N SER C 50 17.20 -22.73 -4.20
CA SER C 50 18.48 -23.26 -3.77
C SER C 50 18.71 -23.04 -2.28
N THR C 51 18.17 -21.95 -1.74
CA THR C 51 18.38 -21.59 -0.36
C THR C 51 17.68 -22.47 0.70
N VAL C 52 16.79 -23.37 0.27
CA VAL C 52 16.19 -24.32 1.19
C VAL C 52 17.29 -25.16 1.86
N ARG C 53 18.45 -25.28 1.20
CA ARG C 53 19.58 -26.00 1.82
C ARG C 53 19.91 -25.52 3.24
N HIS C 54 19.78 -24.23 3.51
CA HIS C 54 20.11 -23.71 4.86
C HIS C 54 19.22 -24.35 5.90
N PHE C 55 17.95 -24.54 5.55
CA PHE C 55 16.98 -25.16 6.45
C PHE C 55 17.38 -26.62 6.71
N PHE C 56 17.54 -27.38 5.65
CA PHE C 56 17.86 -28.80 5.80
C PHE C 56 19.20 -28.98 6.52
N ASP C 57 20.17 -28.12 6.23
CA ASP C 57 21.47 -28.25 6.89
C ASP C 57 21.35 -27.88 8.36
N TYR C 58 20.45 -26.95 8.68
CA TYR C 58 20.23 -26.53 10.05
C TYR C 58 19.70 -27.71 10.87
N LEU C 59 18.79 -28.46 10.26
CA LEU C 59 18.25 -29.68 10.90
C LEU C 59 19.25 -30.85 10.97
N GLY C 60 20.30 -30.79 10.15
CA GLY C 60 21.30 -31.83 10.10
C GLY C 60 21.01 -32.96 9.12
N LEU C 61 20.19 -32.68 8.10
CA LEU C 61 19.74 -33.70 7.16
C LEU C 61 20.53 -33.64 5.85
N ASP C 62 20.81 -34.81 5.29
CA ASP C 62 21.46 -34.94 3.99
C ASP C 62 20.49 -35.47 2.94
N GLU C 63 20.58 -34.93 1.73
CA GLU C 63 19.63 -35.25 0.68
C GLU C 63 19.58 -36.73 0.30
N ARG C 64 20.70 -37.44 0.47
CA ARG C 64 20.72 -38.89 0.21
C ARG C 64 19.78 -39.65 1.18
N GLU C 65 19.47 -39.05 2.32
CA GLU C 65 18.54 -39.63 3.28
C GLU C 65 17.07 -39.52 2.83
N TRP C 66 16.67 -38.34 2.39
CA TRP C 66 15.24 -38.04 2.24
C TRP C 66 14.76 -37.90 0.82
N LEU C 67 15.64 -37.43 -0.07
CA LEU C 67 15.20 -37.04 -1.42
C LEU C 67 14.53 -38.23 -2.15
N PRO C 68 15.17 -39.43 -2.13
CA PRO C 68 14.55 -40.61 -2.76
C PRO C 68 13.18 -41.02 -2.16
N ARG C 69 13.07 -40.98 -0.84
CA ARG C 69 11.80 -41.26 -0.17
C ARG C 69 10.71 -40.27 -0.60
N CYS C 70 11.12 -39.06 -0.97
CA CYS C 70 10.18 -38.02 -1.33
C CYS C 70 10.06 -37.86 -2.86
N ALA C 71 10.40 -38.91 -3.61
CA ALA C 71 10.22 -38.93 -5.07
C ALA C 71 10.99 -37.81 -5.75
N GLY C 72 12.10 -37.43 -5.16
CA GLY C 72 12.75 -36.18 -5.48
C GLY C 72 13.48 -36.10 -6.80
N GLY C 73 13.63 -34.85 -7.25
CA GLY C 73 14.44 -34.48 -8.40
C GLY C 73 15.26 -33.22 -8.16
N TYR C 74 16.14 -32.91 -9.12
CA TYR C 74 16.96 -31.69 -9.05
C TYR C 74 16.40 -30.58 -9.93
N LYS C 75 16.47 -29.35 -9.43
CA LYS C 75 15.97 -28.19 -10.16
C LYS C 75 17.14 -27.25 -10.38
N LEU C 76 17.48 -26.99 -11.65
CA LEU C 76 18.55 -26.03 -11.98
C LEU C 76 18.03 -24.64 -12.25
N GLY C 77 16.69 -24.54 -12.39
CA GLY C 77 16.03 -23.29 -12.60
C GLY C 77 14.65 -23.53 -13.13
N ILE C 78 14.05 -22.51 -13.75
CA ILE C 78 12.75 -22.61 -14.40
C ILE C 78 12.87 -22.30 -15.91
N ARG C 79 12.41 -23.23 -16.76
CA ARG C 79 12.26 -22.95 -18.18
C ARG C 79 10.92 -22.21 -18.43
N PHE C 80 10.98 -20.96 -18.88
CA PHE C 80 9.78 -20.24 -19.30
C PHE C 80 9.55 -20.37 -20.81
N GLU C 81 8.41 -20.95 -21.20
CA GLU C 81 8.11 -21.14 -22.60
C GLU C 81 6.77 -20.59 -23.02
N ASN C 82 6.77 -20.04 -24.24
CA ASN C 82 5.56 -19.57 -24.91
C ASN C 82 4.92 -18.33 -24.28
N TRP C 83 5.65 -17.58 -23.47
CA TRP C 83 5.15 -16.33 -22.92
C TRP C 83 5.18 -15.18 -23.94
N SER C 84 6.06 -15.27 -24.93
CA SER C 84 6.19 -14.19 -25.91
C SER C 84 6.17 -14.75 -27.33
N GLU C 85 7.32 -14.94 -27.96
CA GLU C 85 7.29 -15.60 -29.27
C GLU C 85 6.83 -17.07 -29.14
N PRO C 86 5.89 -17.50 -29.99
CA PRO C 86 5.38 -18.87 -29.91
C PRO C 86 6.50 -19.89 -30.04
N GLY C 87 6.57 -20.81 -29.07
CA GLY C 87 7.55 -21.88 -29.07
C GLY C 87 8.95 -21.49 -28.62
N GLU C 88 9.15 -20.24 -28.21
CA GLU C 88 10.47 -19.84 -27.73
C GLU C 88 10.48 -19.94 -26.20
N TYR C 89 11.68 -20.11 -25.67
CA TYR C 89 11.86 -20.30 -24.25
C TYR C 89 13.22 -19.77 -23.80
N PHE C 90 13.35 -19.64 -22.48
CA PHE C 90 14.60 -19.29 -21.87
C PHE C 90 14.57 -19.83 -20.45
N TYR C 91 15.73 -19.79 -19.80
CA TYR C 91 15.81 -20.32 -18.45
C TYR C 91 16.04 -19.18 -17.47
N HIS C 92 15.44 -19.30 -16.30
CA HIS C 92 15.78 -18.51 -15.15
C HIS C 92 16.54 -19.45 -14.20
N PRO C 93 17.88 -19.27 -14.06
CA PRO C 93 18.73 -20.28 -13.41
C PRO C 93 19.09 -19.93 -11.95
N PHE C 94 19.60 -20.92 -11.22
CA PHE C 94 20.30 -20.71 -9.95
C PHE C 94 21.77 -20.42 -10.26
N GLU C 95 22.01 -19.26 -10.87
CA GLU C 95 23.35 -18.91 -11.36
C GLU C 95 23.40 -17.41 -11.52
N ARG C 96 24.40 -16.77 -10.91
CA ARG C 96 24.56 -15.32 -11.04
C ARG C 96 25.22 -15.01 -12.36
N LEU C 97 25.01 -13.77 -12.83
CA LEU C 97 25.69 -13.26 -14.02
C LEU C 97 27.13 -12.91 -13.71
N ARG C 98 28.04 -13.30 -14.58
CA ARG C 98 29.43 -12.88 -14.41
C ARG C 98 29.58 -11.37 -14.72
N VAL C 99 30.65 -10.78 -14.20
CA VAL C 99 30.98 -9.36 -14.33
C VAL C 99 32.37 -9.18 -14.94
N VAL C 100 32.39 -8.44 -16.05
CA VAL C 100 33.60 -8.20 -16.80
C VAL C 100 33.75 -6.69 -16.88
N ASP C 101 34.88 -6.22 -16.36
CA ASP C 101 35.24 -4.83 -16.37
C ASP C 101 34.18 -3.90 -15.79
N GLY C 102 33.54 -4.34 -14.70
CA GLY C 102 32.50 -3.57 -14.03
C GLY C 102 31.06 -3.69 -14.54
N PHE C 103 30.85 -4.41 -15.65
CA PHE C 103 29.51 -4.61 -16.22
C PHE C 103 29.18 -6.10 -16.30
N ASN C 104 27.95 -6.48 -15.93
CA ASN C 104 27.55 -7.89 -15.96
C ASN C 104 27.33 -8.34 -17.39
N MET C 105 27.27 -9.65 -17.58
CA MET C 105 27.22 -10.21 -18.92
C MET C 105 25.97 -9.82 -19.69
N ALA C 106 24.87 -9.51 -18.99
CA ALA C 106 23.66 -9.08 -19.66
C ALA C 106 23.85 -7.74 -20.31
N GLU C 107 24.51 -6.81 -19.60
CA GLU C 107 24.90 -5.53 -20.21
C GLU C 107 25.79 -5.71 -21.44
N TRP C 108 26.78 -6.59 -21.33
CA TRP C 108 27.64 -6.90 -22.48
C TRP C 108 26.87 -7.55 -23.64
N TRP C 109 25.91 -8.43 -23.31
CA TRP C 109 25.14 -9.14 -24.32
C TRP C 109 24.37 -8.15 -25.17
N LEU C 110 23.79 -7.13 -24.53
CA LEU C 110 23.15 -6.06 -25.28
C LEU C 110 24.09 -5.37 -26.28
N ALA C 111 25.38 -5.32 -25.94
CA ALA C 111 26.32 -4.62 -26.81
C ALA C 111 26.98 -5.49 -27.84
N VAL C 112 27.33 -6.73 -27.50
CA VAL C 112 28.13 -7.59 -28.38
C VAL C 112 27.64 -9.03 -28.51
N GLY C 113 26.44 -9.29 -28.04
CA GLY C 113 25.91 -10.65 -28.01
C GLY C 113 25.19 -11.07 -29.28
N ASP C 114 24.97 -12.37 -29.40
CA ASP C 114 24.18 -12.92 -30.49
C ASP C 114 22.71 -12.76 -30.17
N ARG C 115 22.11 -11.66 -30.65
CA ARG C 115 20.74 -11.34 -30.33
C ARG C 115 19.78 -12.24 -31.12
N THR C 117 19.58 -15.57 -30.55
CA THR C 117 19.17 -16.58 -29.58
C THR C 117 18.99 -16.01 -28.18
N SER C 118 18.54 -16.85 -27.24
CA SER C 118 18.20 -16.35 -25.93
C SER C 118 19.41 -15.78 -25.22
N PHE C 119 19.16 -14.69 -24.52
CA PHE C 119 20.06 -14.18 -23.53
C PHE C 119 20.60 -15.28 -22.61
N SER C 120 19.73 -16.17 -22.14
CA SER C 120 20.16 -17.20 -21.18
C SER C 120 21.14 -18.23 -21.78
N GLU C 121 21.03 -18.51 -23.08
CA GLU C 121 21.97 -19.44 -23.72
C GLU C 121 23.40 -18.86 -23.74
N ALA C 122 23.48 -17.55 -23.91
CA ALA C 122 24.75 -16.85 -24.01
C ALA C 122 25.37 -16.66 -22.65
N CYS C 123 24.53 -16.39 -21.66
CA CYS C 123 25.00 -15.90 -20.36
C CYS C 123 25.10 -16.95 -19.24
N TYR C 124 24.48 -18.11 -19.40
CA TYR C 124 24.44 -19.03 -18.28
C TYR C 124 24.78 -20.45 -18.67
N LEU C 125 25.64 -21.08 -17.88
CA LEU C 125 25.94 -22.50 -18.04
C LEU C 125 24.69 -23.34 -17.90
N THR C 126 23.84 -22.94 -16.96
CA THR C 126 22.63 -23.65 -16.62
C THR C 126 21.75 -23.92 -17.83
N HIS C 127 21.75 -23.00 -18.78
CA HIS C 127 20.95 -23.15 -20.00
C HIS C 127 21.32 -24.46 -20.69
N ARG C 128 22.60 -24.65 -20.89
CA ARG C 128 23.02 -25.80 -21.65
C ARG C 128 23.00 -27.08 -20.82
N LEU C 129 23.21 -26.97 -19.51
CA LEU C 129 22.99 -28.12 -18.62
C LEU C 129 21.53 -28.61 -18.70
N CYS C 130 20.60 -27.67 -18.66
CA CYS C 130 19.18 -28.03 -18.79
C CYS C 130 18.85 -28.64 -20.15
N GLU C 131 19.40 -28.09 -21.23
CA GLU C 131 19.12 -28.66 -22.55
C GLU C 131 19.61 -30.09 -22.68
N ALA C 132 20.77 -30.40 -22.07
CA ALA C 132 21.36 -31.74 -22.06
C ALA C 132 20.78 -32.66 -20.98
N LYS C 133 19.91 -32.10 -20.12
CA LYS C 133 19.30 -32.82 -19.01
C LYS C 133 20.32 -33.40 -18.01
N ARG C 134 21.35 -32.60 -17.69
CA ARG C 134 22.39 -33.04 -16.81
C ARG C 134 22.00 -32.98 -15.34
N ALA C 135 22.56 -33.90 -14.56
CA ALA C 135 22.50 -33.79 -13.10
C ALA C 135 23.54 -32.78 -12.66
N PRO C 136 23.31 -32.09 -11.53
CA PRO C 136 24.35 -31.22 -10.99
C PRO C 136 25.50 -31.94 -10.25
N ARG C 137 25.47 -33.27 -10.17
CA ARG C 137 26.54 -34.01 -9.50
C ARG C 137 27.05 -35.12 -10.40
N MET C 138 28.34 -35.42 -10.27
CA MET C 138 28.96 -36.55 -10.93
C MET C 138 28.52 -37.80 -10.19
N LEU C 139 28.66 -38.95 -10.83
CA LEU C 139 28.28 -40.25 -10.21
C LEU C 139 28.92 -40.47 -8.84
N ASP C 140 30.14 -39.96 -8.65
CA ASP C 140 30.79 -40.07 -7.35
C ASP C 140 30.26 -39.09 -6.28
N GLY C 141 29.27 -38.27 -6.63
CA GLY C 141 28.61 -37.36 -5.69
C GLY C 141 29.14 -35.94 -5.71
N SER C 142 30.20 -35.69 -6.49
CA SER C 142 30.90 -34.42 -6.48
C SER C 142 30.08 -33.40 -7.27
N LEU C 143 30.03 -32.17 -6.74
CA LEU C 143 29.26 -31.08 -7.34
C LEU C 143 30.00 -30.49 -8.54
N PHE C 144 29.25 -30.08 -9.57
CA PHE C 144 29.87 -29.64 -10.84
C PHE C 144 30.57 -28.28 -10.76
N ALA C 145 30.13 -27.45 -9.81
CA ALA C 145 30.65 -26.07 -9.64
C ALA C 145 31.79 -26.02 -8.61
N GLY C 153 26.15 -26.08 8.23
CA GLY C 153 25.80 -26.37 9.61
C GLY C 153 24.53 -25.63 9.95
N ARG C 154 24.55 -24.95 11.08
CA ARG C 154 23.41 -24.16 11.50
C ARG C 154 23.57 -22.73 10.97
N SER C 155 23.02 -22.51 9.77
CA SER C 155 22.98 -21.18 9.15
C SER C 155 21.57 -20.88 8.64
N THR C 156 21.33 -19.63 8.25
CA THR C 156 20.00 -19.17 7.84
C THR C 156 20.11 -18.55 6.45
N LEU C 157 18.99 -18.16 5.86
CA LEU C 157 19.00 -17.46 4.56
C LEU C 157 19.94 -16.26 4.49
N ALA C 158 20.13 -15.56 5.60
CA ALA C 158 21.03 -14.40 5.66
C ALA C 158 22.51 -14.77 5.37
N GLU C 159 22.86 -16.05 5.47
CA GLU C 159 24.23 -16.51 5.27
C GLU C 159 24.52 -16.96 3.83
N GLN C 160 23.54 -16.81 2.95
CA GLN C 160 23.75 -17.09 1.52
C GLN C 160 24.88 -16.19 1.01
N ARG C 161 25.90 -16.81 0.44
CA ARG C 161 27.05 -16.10 -0.11
C ARG C 161 27.16 -16.45 -1.59
N ALA C 162 27.91 -17.50 -1.93
CA ALA C 162 27.91 -18.00 -3.31
C ALA C 162 26.51 -18.50 -3.68
N GLN C 163 26.13 -18.31 -4.94
CA GLN C 163 24.87 -18.88 -5.43
C GLN C 163 25.02 -20.39 -5.54
N PHE C 164 24.31 -21.14 -4.70
CA PHE C 164 24.28 -22.59 -4.83
C PHE C 164 23.51 -22.95 -6.12
N PRO C 165 24.05 -23.91 -6.91
CA PRO C 165 23.56 -24.11 -8.26
C PRO C 165 22.28 -24.94 -8.47
N TYR C 166 21.69 -25.51 -7.42
CA TYR C 166 20.45 -26.27 -7.60
C TYR C 166 19.52 -26.21 -6.40
N ALA C 167 18.27 -26.59 -6.67
CA ALA C 167 17.24 -26.75 -5.66
C ALA C 167 16.55 -28.09 -5.92
N TYR C 168 15.38 -28.32 -5.32
CA TYR C 168 14.70 -29.61 -5.34
C TYR C 168 13.30 -29.56 -5.92
N HIS C 169 12.91 -30.68 -6.52
CA HIS C 169 11.50 -30.99 -6.75
C HIS C 169 11.19 -32.14 -5.81
N PHE C 170 10.06 -32.12 -5.12
CA PHE C 170 9.69 -33.25 -4.30
C PHE C 170 8.20 -33.35 -4.02
N ASP C 171 7.78 -34.51 -3.53
CA ASP C 171 6.42 -34.69 -3.08
C ASP C 171 6.38 -34.04 -1.71
N ALA C 172 5.72 -32.88 -1.58
CA ALA C 172 5.77 -32.12 -0.32
C ALA C 172 5.09 -32.82 0.85
N ASP C 173 4.08 -33.62 0.56
CA ASP C 173 3.43 -34.44 1.59
C ASP C 173 4.39 -35.43 2.23
N GLU C 174 5.22 -36.09 1.42
CA GLU C 174 6.25 -36.99 1.91
C GLU C 174 7.31 -36.21 2.72
N VAL C 175 7.72 -35.04 2.25
CA VAL C 175 8.67 -34.23 3.01
C VAL C 175 8.08 -33.90 4.38
N ALA C 176 6.81 -33.49 4.40
CA ALA C 176 6.17 -33.14 5.68
C ALA C 176 6.11 -34.34 6.60
N ARG C 177 5.81 -35.52 6.05
CA ARG C 177 5.79 -36.73 6.85
C ARG C 177 7.20 -37.05 7.39
N TYR C 178 8.20 -36.90 6.54
CA TYR C 178 9.58 -37.11 6.95
C TYR C 178 9.95 -36.17 8.11
N LEU C 179 9.58 -34.89 8.01
CA LEU C 179 9.91 -33.91 9.06
C LEU C 179 9.13 -34.14 10.35
N SER C 180 7.92 -34.67 10.23
CA SER C 180 7.12 -35.03 11.38
C SER C 180 7.83 -36.11 12.20
N GLU C 181 8.39 -37.13 11.54
CA GLU C 181 9.17 -38.15 12.22
C GLU C 181 10.36 -37.54 12.99
N TYR C 182 11.07 -36.64 12.32
CA TYR C 182 12.20 -35.91 12.93
C TYR C 182 11.77 -35.13 14.16
N ALA C 183 10.67 -34.42 14.03
CA ALA C 183 10.20 -33.48 15.07
C ALA C 183 9.70 -34.26 16.27
N ILE C 184 8.92 -35.31 15.98
CA ILE C 184 8.40 -36.17 17.07
C ILE C 184 9.51 -36.92 17.80
N ALA C 185 10.50 -37.40 17.05
CA ALA C 185 11.72 -38.01 17.63
C ALA C 185 12.40 -37.09 18.63
N ARG C 186 12.30 -35.79 18.38
CA ARG C 186 12.91 -34.76 19.21
C ARG C 186 12.02 -34.16 20.28
N GLY C 187 10.85 -34.76 20.50
CA GLY C 187 9.99 -34.39 21.62
C GLY C 187 8.74 -33.58 21.33
N VAL C 188 8.43 -33.34 20.06
CA VAL C 188 7.17 -32.66 19.71
C VAL C 188 6.01 -33.58 20.02
N ARG C 189 5.03 -33.04 20.75
CA ARG C 189 3.81 -33.77 21.06
C ARG C 189 2.86 -33.63 19.88
N HIS C 190 2.47 -34.77 19.28
CA HIS C 190 1.59 -34.80 18.13
C HIS C 190 0.16 -35.16 18.53
N VAL C 191 -0.76 -34.24 18.29
CA VAL C 191 -2.19 -34.43 18.55
C VAL C 191 -2.95 -34.38 17.23
N VAL C 192 -3.63 -35.48 16.87
CA VAL C 192 -4.54 -35.48 15.72
C VAL C 192 -5.98 -35.24 16.19
N ASP C 193 -6.54 -34.09 15.85
CA ASP C 193 -7.85 -33.68 16.39
C ASP C 193 -8.34 -32.44 15.65
N ASP C 194 -9.61 -32.11 15.85
CA ASP C 194 -10.19 -30.90 15.28
C ASP C 194 -10.31 -29.84 16.36
N VAL C 195 -9.95 -28.61 16.02
CA VAL C 195 -10.15 -27.48 16.93
C VAL C 195 -11.58 -26.96 16.76
N GLN C 196 -12.33 -26.99 17.86
CA GLN C 196 -13.74 -26.59 17.85
C GLN C 196 -13.95 -25.11 18.23
N HIS C 197 -13.07 -24.58 19.07
CA HIS C 197 -13.15 -23.19 19.53
C HIS C 197 -11.73 -22.72 19.87
N VAL C 198 -11.45 -21.44 19.64
CA VAL C 198 -10.18 -20.84 20.05
C VAL C 198 -10.49 -19.87 21.18
N GLY C 199 -9.93 -20.13 22.34
CA GLY C 199 -10.22 -19.31 23.51
C GLY C 199 -9.31 -18.11 23.55
N GLN C 200 -9.83 -17.00 24.07
CA GLN C 200 -9.07 -15.77 24.28
C GLN C 200 -9.15 -15.30 25.73
N ASP C 201 -8.14 -14.55 26.17
CA ASP C 201 -8.16 -13.94 27.51
C ASP C 201 -8.67 -12.50 27.37
N GLU C 202 -8.69 -11.76 28.48
CA GLU C 202 -9.28 -10.42 28.49
C GLU C 202 -8.56 -9.40 27.65
N ARG C 203 -7.31 -9.67 27.27
CA ARG C 203 -6.58 -8.76 26.38
C ARG C 203 -6.79 -9.14 24.91
N GLY C 204 -7.49 -10.23 24.66
CA GLY C 204 -7.74 -10.71 23.32
C GLY C 204 -6.65 -11.63 22.81
N TRP C 205 -5.72 -11.97 23.69
CA TRP C 205 -4.67 -12.92 23.33
C TRP C 205 -5.25 -14.36 23.32
N ILE C 206 -4.64 -15.27 22.56
CA ILE C 206 -5.10 -16.64 22.51
C ILE C 206 -4.71 -17.33 23.81
N SER C 207 -5.69 -17.96 24.45
CA SER C 207 -5.47 -18.64 25.74
C SER C 207 -5.39 -20.15 25.59
N GLY C 208 -5.89 -20.67 24.48
CA GLY C 208 -5.92 -22.12 24.25
C GLY C 208 -6.75 -22.50 23.03
N VAL C 209 -6.53 -23.72 22.51
CA VAL C 209 -7.34 -24.23 21.43
C VAL C 209 -8.10 -25.42 21.99
N HIS C 210 -9.42 -25.41 21.80
CA HIS C 210 -10.32 -26.40 22.40
C HIS C 210 -10.58 -27.47 21.36
N THR C 211 -10.22 -28.71 21.69
CA THR C 211 -10.26 -29.81 20.73
C THR C 211 -11.42 -30.77 21.02
N LYS C 212 -11.81 -31.51 20.00
CA LYS C 212 -12.93 -32.45 20.12
C LYS C 212 -12.67 -33.53 21.19
N GLN C 213 -11.44 -34.06 21.21
CA GLN C 213 -11.10 -35.26 22.01
C GLN C 213 -9.96 -35.07 23.03
N HIS C 214 -9.22 -33.98 22.96
CA HIS C 214 -8.08 -33.76 23.86
C HIS C 214 -8.24 -32.55 24.77
N GLY C 215 -9.47 -32.03 24.87
CA GLY C 215 -9.73 -30.88 25.71
C GLY C 215 -8.97 -29.66 25.23
N GLU C 216 -8.59 -28.81 26.19
CA GLU C 216 -7.95 -27.53 25.86
C GLU C 216 -6.44 -27.68 25.81
N ILE C 217 -5.85 -27.31 24.67
CA ILE C 217 -4.42 -27.27 24.51
C ILE C 217 -3.93 -25.82 24.60
N SER C 218 -3.10 -25.55 25.60
CA SER C 218 -2.66 -24.20 25.91
C SER C 218 -1.15 -24.08 25.78
N GLY C 219 -0.67 -22.87 25.54
CA GLY C 219 0.77 -22.62 25.46
C GLY C 219 1.01 -21.12 25.41
N ASP C 220 2.27 -20.70 25.36
CA ASP C 220 2.64 -19.29 25.39
C ASP C 220 2.50 -18.64 24.00
N LEU C 221 2.87 -19.36 22.98
CA LEU C 221 2.92 -18.82 21.60
C LEU C 221 2.16 -19.77 20.72
N PHE C 222 1.30 -19.25 19.87
CA PHE C 222 0.51 -20.08 18.95
C PHE C 222 0.96 -19.84 17.54
N VAL C 223 1.11 -20.91 16.77
CA VAL C 223 1.49 -20.77 15.38
C VAL C 223 0.37 -21.25 14.49
N ASP C 224 -0.13 -20.35 13.67
CA ASP C 224 -1.23 -20.66 12.76
C ASP C 224 -0.71 -21.23 11.43
N CYS C 225 -0.82 -22.52 11.27
CA CYS C 225 -0.51 -23.20 10.02
C CYS C 225 -1.78 -23.85 9.43
N THR C 226 -2.92 -23.18 9.60
CA THR C 226 -4.20 -23.73 9.13
C THR C 226 -4.52 -23.44 7.68
N GLY C 227 -3.53 -22.94 6.94
CA GLY C 227 -3.70 -22.61 5.52
C GLY C 227 -4.67 -21.48 5.26
N PHE C 228 -5.29 -21.52 4.07
CA PHE C 228 -6.17 -20.42 3.63
C PHE C 228 -7.24 -20.06 4.67
N ARG C 229 -7.68 -21.06 5.43
CA ARG C 229 -8.62 -20.87 6.54
C ARG C 229 -8.23 -19.71 7.48
N GLY C 230 -6.96 -19.58 7.81
CA GLY C 230 -6.53 -18.63 8.83
C GLY C 230 -7.37 -18.67 10.10
N LEU C 231 -7.54 -19.85 10.65
CA LEU C 231 -8.41 -20.04 11.82
C LEU C 231 -8.08 -19.15 13.03
N LEU C 232 -6.79 -19.01 13.31
CA LEU C 232 -6.37 -18.14 14.40
C LEU C 232 -6.22 -16.72 13.91
N ILE C 233 -5.31 -16.52 12.96
CA ILE C 233 -4.91 -15.18 12.57
C ILE C 233 -6.06 -14.33 11.96
N ASN C 234 -6.95 -14.95 11.19
CA ASN C 234 -8.06 -14.21 10.55
C ASN C 234 -9.40 -14.44 11.26
N GLN C 235 -9.76 -15.69 11.45
CA GLN C 235 -11.07 -16.03 12.02
C GLN C 235 -11.20 -15.72 13.50
N THR C 236 -10.10 -15.78 14.24
CA THR C 236 -10.15 -15.42 15.67
C THR C 236 -9.71 -13.99 16.00
N LEU C 237 -8.52 -13.61 15.54
CA LEU C 237 -7.87 -12.36 15.92
C LEU C 237 -8.22 -11.20 15.00
N GLY C 238 -8.98 -11.44 13.94
CA GLY C 238 -9.43 -10.37 13.08
C GLY C 238 -8.38 -9.73 12.20
N GLY C 239 -7.32 -10.46 11.92
CA GLY C 239 -6.31 -10.01 10.99
C GLY C 239 -6.94 -9.72 9.65
N ARG C 240 -6.53 -8.63 9.01
CA ARG C 240 -7.06 -8.22 7.70
C ARG C 240 -6.23 -8.84 6.59
N PHE C 241 -6.85 -9.63 5.71
CA PHE C 241 -6.14 -10.16 4.58
C PHE C 241 -6.21 -9.20 3.39
N GLN C 242 -5.06 -8.85 2.84
CA GLN C 242 -4.96 -7.93 1.69
C GLN C 242 -4.84 -8.78 0.43
N SER C 243 -5.88 -8.77 -0.39
CA SER C 243 -5.89 -9.52 -1.67
C SER C 243 -5.05 -8.85 -2.74
N PHE C 244 -4.35 -9.66 -3.53
CA PHE C 244 -3.65 -9.12 -4.72
C PHE C 244 -4.42 -9.36 -6.02
N SER C 245 -5.71 -9.66 -5.93
CA SER C 245 -6.56 -10.03 -7.10
C SER C 245 -6.61 -8.96 -8.17
N ASP C 246 -6.48 -7.71 -7.75
CA ASP C 246 -6.48 -6.60 -8.70
C ASP C 246 -5.29 -6.61 -9.67
N VAL C 247 -4.14 -7.10 -9.20
CA VAL C 247 -2.93 -7.12 -10.01
C VAL C 247 -2.53 -8.53 -10.47
N LEU C 248 -2.95 -9.55 -9.75
CA LEU C 248 -2.63 -10.94 -10.10
C LEU C 248 -3.94 -11.74 -9.98
N PRO C 249 -4.70 -11.81 -11.07
CA PRO C 249 -6.07 -12.37 -10.98
C PRO C 249 -6.21 -13.90 -10.91
N ASN C 250 -5.12 -14.66 -11.12
CA ASN C 250 -5.24 -16.12 -11.20
C ASN C 250 -5.69 -16.63 -9.87
N ASN C 251 -6.77 -17.41 -9.84
CA ASN C 251 -7.45 -17.72 -8.57
C ASN C 251 -7.72 -19.21 -8.40
N ARG C 252 -7.45 -19.97 -9.45
CA ARG C 252 -7.72 -21.40 -9.43
C ARG C 252 -6.60 -22.17 -10.09
N ALA C 253 -6.60 -23.48 -9.83
CA ALA C 253 -5.69 -24.38 -10.52
C ALA C 253 -6.30 -25.74 -10.71
N VAL C 254 -5.80 -26.45 -11.72
CA VAL C 254 -6.18 -27.84 -11.92
C VAL C 254 -4.89 -28.61 -12.21
N ALA C 255 -4.69 -29.72 -11.52
CA ALA C 255 -3.42 -30.46 -11.55
C ALA C 255 -3.62 -31.93 -11.91
N LEU C 256 -2.58 -32.51 -12.53
CA LEU C 256 -2.55 -33.93 -12.95
C LEU C 256 -1.23 -34.55 -12.49
N ARG C 257 -1.26 -35.85 -12.17
CA ARG C 257 -0.04 -36.65 -11.96
C ARG C 257 0.17 -37.49 -13.21
N VAL C 258 1.29 -37.29 -13.88
CA VAL C 258 1.53 -37.97 -15.16
C VAL C 258 2.76 -38.87 -15.10
N PRO C 259 2.54 -40.19 -15.01
CA PRO C 259 3.69 -41.08 -15.00
C PRO C 259 4.59 -40.90 -16.24
N ARG C 260 5.89 -41.06 -16.04
CA ARG C 260 6.85 -40.85 -17.11
C ARG C 260 7.15 -42.21 -17.74
N GLU C 261 6.92 -42.31 -19.04
CA GLU C 261 7.13 -43.56 -19.78
C GLU C 261 8.62 -43.82 -19.89
N ASN C 262 9.37 -42.82 -20.35
CA ASN C 262 10.80 -42.94 -20.59
C ASN C 262 11.60 -42.16 -19.55
N ASP C 263 12.38 -42.89 -18.76
CA ASP C 263 13.15 -42.33 -17.63
C ASP C 263 14.06 -41.16 -18.00
N GLU C 264 14.66 -41.23 -19.18
CA GLU C 264 15.60 -40.21 -19.63
C GLU C 264 14.95 -38.89 -20.06
N ASP C 265 13.64 -38.83 -20.11
CA ASP C 265 12.94 -37.58 -20.36
C ASP C 265 12.92 -36.67 -19.11
N MET C 266 13.41 -37.17 -17.98
CA MET C 266 13.38 -36.41 -16.75
C MET C 266 14.20 -35.12 -16.85
N ARG C 267 13.52 -33.99 -16.71
CA ARG C 267 14.15 -32.67 -16.77
C ARG C 267 14.66 -32.23 -15.40
N PRO C 268 15.91 -31.74 -15.34
CA PRO C 268 16.46 -31.14 -14.12
C PRO C 268 16.04 -29.67 -13.92
N TYR C 269 14.76 -29.40 -14.16
CA TYR C 269 14.22 -28.04 -14.05
C TYR C 269 12.68 -28.04 -14.02
N THR C 270 12.11 -26.96 -13.48
CA THR C 270 10.64 -26.72 -13.52
C THR C 270 10.33 -26.05 -14.86
N THR C 271 9.20 -26.37 -15.46
CA THR C 271 8.80 -25.60 -16.65
C THR C 271 7.55 -24.79 -16.31
N ALA C 272 7.50 -23.57 -16.83
CA ALA C 272 6.34 -22.66 -16.72
C ALA C 272 5.93 -22.25 -18.12
N THR C 273 4.87 -22.88 -18.63
CA THR C 273 4.44 -22.73 -19.99
C THR C 273 3.21 -21.85 -20.06
N ALA C 274 3.29 -20.73 -20.77
CA ALA C 274 2.15 -19.85 -20.91
C ALA C 274 1.05 -20.58 -21.68
N MET C 275 -0.16 -20.54 -21.15
CA MET C 275 -1.35 -21.20 -21.74
C MET C 275 -2.34 -20.12 -22.19
N SER C 276 -3.54 -20.52 -22.62
CA SER C 276 -4.51 -19.59 -23.21
C SER C 276 -5.06 -18.59 -22.18
N ALA C 277 -5.13 -19.01 -20.92
CA ALA C 277 -5.74 -18.18 -19.88
C ALA C 277 -5.03 -18.32 -18.55
N GLY C 278 -3.70 -18.46 -18.62
CA GLY C 278 -2.89 -18.62 -17.42
C GLY C 278 -1.59 -19.28 -17.79
N TRP C 279 -1.08 -20.18 -16.95
CA TRP C 279 0.20 -20.84 -17.26
C TRP C 279 0.21 -22.19 -16.59
N MET C 280 1.06 -23.09 -17.09
CA MET C 280 1.12 -24.47 -16.60
C MET C 280 2.48 -24.81 -16.00
N TRP C 281 2.51 -25.38 -14.78
CA TRP C 281 3.75 -25.90 -14.23
C TRP C 281 3.95 -27.35 -14.65
N THR C 282 5.23 -27.71 -14.80
CA THR C 282 5.68 -29.10 -14.90
C THR C 282 6.80 -29.29 -13.87
N ILE C 283 6.55 -30.15 -12.88
CA ILE C 283 7.51 -30.38 -11.80
C ILE C 283 7.93 -31.86 -11.95
N PRO C 284 9.17 -32.11 -12.41
CA PRO C 284 9.63 -33.48 -12.65
C PRO C 284 10.03 -34.21 -11.36
N LEU C 285 9.26 -35.20 -10.93
CA LEU C 285 9.66 -36.08 -9.82
C LEU C 285 10.30 -37.34 -10.36
N PHE C 286 10.86 -38.14 -9.46
CA PHE C 286 11.42 -39.41 -9.85
C PHE C 286 10.23 -40.28 -10.22
N LYS C 287 10.15 -40.66 -11.50
CA LYS C 287 9.09 -41.53 -12.04
C LYS C 287 7.76 -40.86 -12.51
N ARG C 288 7.58 -39.57 -12.26
CA ARG C 288 6.41 -38.88 -12.80
C ARG C 288 6.60 -37.40 -12.86
N ASP C 289 5.80 -36.74 -13.69
CA ASP C 289 5.67 -35.28 -13.65
C ASP C 289 4.39 -34.92 -12.91
N GLY C 290 4.41 -33.80 -12.21
CA GLY C 290 3.20 -33.15 -11.77
C GLY C 290 2.96 -32.00 -12.73
N ASN C 291 1.77 -31.92 -13.29
CA ASN C 291 1.40 -30.80 -14.15
C ASN C 291 0.23 -30.02 -13.55
N GLY C 292 0.28 -28.71 -13.61
CA GLY C 292 -0.81 -27.89 -13.08
C GLY C 292 -1.00 -26.63 -13.92
N TYR C 293 -2.26 -26.38 -14.25
CA TYR C 293 -2.68 -25.21 -14.98
C TYR C 293 -3.27 -24.21 -13.97
N VAL C 294 -2.58 -23.06 -13.82
CA VAL C 294 -2.97 -21.98 -12.93
C VAL C 294 -3.67 -20.94 -13.79
N TYR C 295 -4.89 -20.55 -13.40
CA TYR C 295 -5.69 -19.71 -14.25
C TYR C 295 -6.64 -18.77 -13.50
N SER C 296 -7.18 -17.82 -14.25
CA SER C 296 -8.23 -16.95 -13.76
C SER C 296 -9.58 -17.43 -14.32
N ASP C 297 -10.54 -17.70 -13.45
CA ASP C 297 -11.88 -18.13 -13.91
C ASP C 297 -12.73 -17.04 -14.59
N GLU C 298 -12.27 -15.79 -14.58
CA GLU C 298 -12.86 -14.75 -15.43
C GLU C 298 -12.75 -15.10 -16.91
N PHE C 299 -11.72 -15.86 -17.29
CA PHE C 299 -11.38 -16.07 -18.71
C PHE C 299 -11.55 -17.50 -19.20
N ILE C 300 -11.67 -18.46 -18.27
CA ILE C 300 -11.78 -19.87 -18.60
C ILE C 300 -12.46 -20.59 -17.44
N SER C 301 -13.26 -21.59 -17.72
CA SER C 301 -13.93 -22.33 -16.63
C SER C 301 -13.02 -23.46 -16.17
N PRO C 302 -13.30 -24.02 -14.98
CA PRO C 302 -12.59 -25.21 -14.54
C PRO C 302 -12.66 -26.39 -15.54
N GLU C 303 -13.81 -26.60 -16.13
CA GLU C 303 -13.95 -27.70 -17.10
C GLU C 303 -13.09 -27.46 -18.35
N GLU C 304 -13.08 -26.21 -18.81
CA GLU C 304 -12.30 -25.85 -20.00
C GLU C 304 -10.79 -25.91 -19.69
N ALA C 305 -10.41 -25.44 -18.52
CA ALA C 305 -9.01 -25.47 -18.11
C ALA C 305 -8.54 -26.91 -17.95
N GLU C 306 -9.38 -27.79 -17.40
CA GLU C 306 -9.03 -29.23 -17.32
C GLU C 306 -8.82 -29.81 -18.71
N ARG C 307 -9.71 -29.44 -19.63
CA ARG C 307 -9.64 -29.93 -21.01
C ARG C 307 -8.37 -29.49 -21.73
N GLU C 308 -7.99 -28.23 -21.53
CA GLU C 308 -6.76 -27.69 -22.11
C GLU C 308 -5.50 -28.34 -21.52
N LEU C 309 -5.48 -28.48 -20.20
CA LEU C 309 -4.41 -29.20 -19.52
C LEU C 309 -4.24 -30.60 -20.10
N ARG C 310 -5.33 -31.38 -20.11
CA ARG C 310 -5.32 -32.77 -20.58
C ARG C 310 -4.80 -32.85 -22.02
N SER C 311 -5.34 -32.00 -22.88
CA SER C 311 -4.93 -31.97 -24.28
C SER C 311 -3.42 -31.76 -24.44
N THR C 312 -2.86 -30.98 -23.53
CA THR C 312 -1.46 -30.60 -23.60
C THR C 312 -0.50 -31.65 -23.09
N VAL C 313 -0.83 -32.29 -21.96
CA VAL C 313 0.13 -33.17 -21.29
C VAL C 313 -0.28 -34.65 -21.20
N ALA C 314 -1.56 -34.96 -21.41
CA ALA C 314 -2.04 -36.34 -21.27
C ALA C 314 -3.28 -36.64 -22.15
N PRO C 315 -3.17 -36.40 -23.46
CA PRO C 315 -4.33 -36.67 -24.31
C PRO C 315 -4.78 -38.13 -24.24
N GLY C 316 -6.09 -38.35 -24.09
CA GLY C 316 -6.65 -39.71 -24.01
C GLY C 316 -6.53 -40.44 -22.68
N ARG C 317 -6.01 -39.78 -21.65
CA ARG C 317 -5.72 -40.44 -20.38
C ARG C 317 -6.77 -40.09 -19.35
N ASP C 318 -8.03 -40.36 -19.65
CA ASP C 318 -9.08 -40.14 -18.63
C ASP C 318 -8.98 -41.07 -17.41
N ASP C 319 -8.07 -42.05 -17.44
CA ASP C 319 -7.69 -42.76 -16.20
C ASP C 319 -7.01 -41.83 -15.19
N LEU C 320 -6.25 -40.86 -15.67
CA LEU C 320 -5.56 -39.92 -14.78
C LEU C 320 -6.53 -38.88 -14.24
N GLU C 321 -6.59 -38.78 -12.91
CA GLU C 321 -7.56 -37.95 -12.22
C GLU C 321 -7.06 -36.52 -12.10
N ALA C 322 -7.91 -35.55 -12.40
CA ALA C 322 -7.59 -34.13 -12.21
C ALA C 322 -8.01 -33.69 -10.81
N ASN C 323 -7.25 -32.77 -10.23
CA ASN C 323 -7.55 -32.23 -8.92
C ASN C 323 -7.67 -30.71 -9.02
N HIS C 324 -8.78 -30.18 -8.53
CA HIS C 324 -9.14 -28.78 -8.69
C HIS C 324 -8.96 -28.07 -7.36
N ILE C 325 -8.50 -26.83 -7.45
CA ILE C 325 -8.15 -26.04 -6.28
C ILE C 325 -8.52 -24.57 -6.51
N GLN C 326 -8.91 -23.90 -5.43
CA GLN C 326 -9.10 -22.45 -5.41
C GLN C 326 -8.06 -21.83 -4.47
N MET C 327 -7.51 -20.69 -4.87
CA MET C 327 -6.37 -20.11 -4.16
C MET C 327 -6.75 -18.77 -3.53
N ARG C 328 -6.26 -18.52 -2.31
CA ARG C 328 -6.38 -17.18 -1.70
C ARG C 328 -5.07 -16.42 -1.91
N ILE C 329 -5.06 -15.45 -2.83
CA ILE C 329 -3.84 -14.74 -3.26
C ILE C 329 -3.66 -13.37 -2.57
N GLY C 330 -2.57 -13.21 -1.87
CA GLY C 330 -2.31 -11.99 -1.11
C GLY C 330 -1.56 -12.28 0.16
N ARG C 331 -1.68 -11.35 1.10
CA ARG C 331 -1.05 -11.51 2.39
C ARG C 331 -1.87 -10.88 3.47
N ASN C 332 -1.71 -11.38 4.69
CA ASN C 332 -2.24 -10.65 5.82
C ASN C 332 -1.50 -9.34 6.04
N GLU C 333 -2.21 -8.33 6.53
CA GLU C 333 -1.53 -7.06 6.87
C GLU C 333 -0.40 -7.28 7.87
N ARG C 334 -0.63 -8.12 8.87
CA ARG C 334 0.35 -8.49 9.86
C ARG C 334 0.29 -10.00 10.01
N THR C 335 1.44 -10.69 10.06
CA THR C 335 1.40 -12.10 10.31
C THR C 335 1.56 -12.48 11.78
N TRP C 336 1.94 -11.51 12.63
CA TRP C 336 2.09 -11.75 14.04
C TRP C 336 1.20 -10.78 14.73
N ILE C 337 0.14 -11.32 15.33
CA ILE C 337 -0.83 -10.56 16.11
C ILE C 337 -0.88 -11.13 17.52
N ASN C 338 -0.65 -10.28 18.51
CA ASN C 338 -0.66 -10.77 19.89
C ASN C 338 0.34 -11.93 20.07
N ASN C 339 -0.12 -13.09 20.55
CA ASN C 339 0.72 -14.27 20.71
C ASN C 339 0.47 -15.34 19.65
N CYS C 340 0.15 -14.89 18.44
CA CYS C 340 -0.11 -15.76 17.32
C CYS C 340 0.68 -15.34 16.09
N VAL C 341 1.40 -16.28 15.50
CA VAL C 341 2.16 -16.03 14.28
C VAL C 341 1.68 -16.98 13.20
N ALA C 342 1.35 -16.44 12.04
CA ALA C 342 0.89 -17.21 10.90
C ALA C 342 2.09 -17.67 10.09
N VAL C 343 2.12 -18.94 9.68
CA VAL C 343 3.22 -19.43 8.82
C VAL C 343 2.61 -20.26 7.71
N GLY C 344 3.02 -19.98 6.49
CA GLY C 344 2.48 -20.65 5.31
C GLY C 344 1.26 -19.94 4.70
N LEU C 345 0.35 -20.72 4.15
CA LEU C 345 -0.79 -20.16 3.40
C LEU C 345 -1.71 -19.30 4.27
N SER C 346 -1.76 -19.56 5.59
CA SER C 346 -2.46 -18.67 6.53
C SER C 346 -1.91 -17.24 6.53
N ALA C 347 -0.61 -17.10 6.27
CA ALA C 347 0.05 -15.81 6.30
C ALA C 347 -0.05 -15.10 4.94
N ALA C 348 0.18 -15.86 3.87
CA ALA C 348 0.28 -15.26 2.51
C ALA C 348 0.40 -16.35 1.49
N PHE C 349 0.11 -16.02 0.23
CA PHE C 349 0.28 -16.98 -0.86
C PHE C 349 0.23 -16.23 -2.18
N VAL C 350 1.16 -16.56 -3.05
CA VAL C 350 1.08 -16.15 -4.44
C VAL C 350 1.12 -17.41 -5.29
N GLU C 351 0.70 -17.29 -6.54
CA GLU C 351 0.76 -18.42 -7.47
C GLU C 351 2.20 -18.87 -7.56
N PRO C 352 2.44 -20.17 -7.78
CA PRO C 352 3.80 -20.73 -7.75
C PRO C 352 4.67 -20.50 -8.99
N LEU C 353 4.53 -19.33 -9.63
CA LEU C 353 5.23 -19.01 -10.87
C LEU C 353 6.76 -18.97 -10.71
N GLU C 354 7.22 -18.60 -9.52
CA GLU C 354 8.63 -18.60 -9.20
C GLU C 354 8.93 -19.44 -7.94
N SER C 355 8.10 -20.46 -7.69
CA SER C 355 8.39 -21.46 -6.67
C SER C 355 8.68 -20.85 -5.28
N THR C 356 7.80 -19.98 -4.79
CA THR C 356 8.08 -19.24 -3.57
C THR C 356 7.46 -19.80 -2.28
N GLY C 357 6.59 -20.81 -2.39
CA GLY C 357 5.82 -21.30 -1.22
C GLY C 357 6.69 -21.75 -0.05
N ILE C 358 7.63 -22.66 -0.32
CA ILE C 358 8.52 -23.18 0.71
C ILE C 358 9.42 -22.07 1.28
N PHE C 359 9.89 -21.21 0.40
CA PHE C 359 10.69 -20.06 0.79
C PHE C 359 9.93 -19.17 1.80
N PHE C 360 8.66 -18.90 1.53
CA PHE C 360 7.87 -18.06 2.43
C PHE C 360 7.78 -18.70 3.82
N ILE C 361 7.65 -20.03 3.86
CA ILE C 361 7.56 -20.76 5.11
C ILE C 361 8.91 -20.73 5.82
N GLN C 362 9.98 -20.98 5.07
CA GLN C 362 11.32 -20.99 5.65
C GLN C 362 11.73 -19.67 6.28
N HIS C 363 11.58 -18.58 5.54
CA HIS C 363 11.91 -17.25 6.02
C HIS C 363 11.07 -16.87 7.22
N ALA C 364 9.77 -17.17 7.18
CA ALA C 364 8.91 -16.93 8.32
C ALA C 364 9.37 -17.66 9.60
N ILE C 365 9.81 -18.91 9.46
CA ILE C 365 10.26 -19.73 10.59
C ILE C 365 11.63 -19.24 11.10
N GLU C 366 12.56 -19.00 10.17
CA GLU C 366 13.92 -18.57 10.56
C GLU C 366 13.83 -17.21 11.27
N GLN C 367 12.96 -16.33 10.77
CA GLN C 367 12.77 -15.01 11.38
C GLN C 367 11.99 -15.08 12.70
N LEU C 368 11.19 -16.12 12.87
CA LEU C 368 10.47 -16.37 14.12
C LEU C 368 11.44 -16.75 15.26
N VAL C 369 12.38 -17.65 14.96
CA VAL C 369 13.48 -17.90 15.88
C VAL C 369 14.24 -16.58 16.17
N LYS C 370 14.61 -15.81 15.16
CA LYS C 370 15.30 -14.54 15.37
C LYS C 370 14.54 -13.55 16.22
N HIS C 371 13.22 -13.54 16.04
CA HIS C 371 12.35 -12.61 16.76
C HIS C 371 11.57 -13.30 17.87
N PHE C 372 12.07 -14.46 18.33
CA PHE C 372 11.38 -15.24 19.37
C PHE C 372 11.15 -14.41 20.64
N PRO C 373 9.93 -14.48 21.23
CA PRO C 373 9.62 -13.63 22.37
C PRO C 373 10.22 -14.10 23.68
N GLY C 374 10.59 -13.14 24.53
CA GLY C 374 10.89 -13.43 25.92
C GLY C 374 9.60 -13.38 26.68
N GLU C 375 9.68 -13.61 27.98
CA GLU C 375 8.50 -13.50 28.81
C GLU C 375 7.92 -12.08 28.76
N ARG C 376 8.79 -11.08 28.54
CA ARG C 376 8.32 -9.74 28.29
C ARG C 376 8.24 -9.54 26.80
N TRP C 377 7.00 -9.50 26.31
CA TRP C 377 6.72 -9.48 24.87
C TRP C 377 7.06 -8.07 24.43
N ASP C 378 7.58 -7.95 23.19
CA ASP C 378 8.23 -6.74 22.73
C ASP C 378 7.58 -6.28 21.43
N PRO C 379 6.69 -5.26 21.52
CA PRO C 379 6.00 -4.71 20.33
C PRO C 379 6.95 -4.20 19.21
N VAL C 380 8.14 -3.71 19.60
CA VAL C 380 9.14 -3.23 18.65
C VAL C 380 9.75 -4.38 17.86
N LEU C 381 10.05 -5.47 18.57
CA LEU C 381 10.57 -6.68 17.92
C LEU C 381 9.53 -7.25 16.98
N ILE C 382 8.29 -7.32 17.47
CA ILE C 382 7.17 -7.83 16.69
C ILE C 382 6.94 -7.00 15.43
N SER C 383 7.00 -5.67 15.54
N SER C 383 6.98 -5.68 15.55
CA SER C 383 6.83 -4.79 14.36
CA SER C 383 6.84 -4.77 14.41
C SER C 383 7.90 -5.03 13.32
C SER C 383 7.88 -5.08 13.33
N ALA C 384 9.14 -5.25 13.77
CA ALA C 384 10.21 -5.55 12.85
C ALA C 384 9.94 -6.89 12.14
N TYR C 385 9.49 -7.91 12.84
CA TYR C 385 9.09 -9.16 12.20
C TYR C 385 7.98 -8.91 11.11
N ASN C 386 6.94 -8.17 11.51
CA ASN C 386 5.81 -7.97 10.59
C ASN C 386 6.27 -7.22 9.33
N GLU C 387 7.15 -6.23 9.49
CA GLU C 387 7.67 -5.47 8.35
C GLU C 387 8.44 -6.39 7.39
N ARG C 388 9.30 -7.24 7.96
CA ARG C 388 10.11 -8.18 7.16
C ARG C 388 9.21 -9.11 6.35
N MET C 389 8.18 -9.65 7.00
CA MET C 389 7.27 -10.58 6.30
C MET C 389 6.45 -9.89 5.19
N ALA C 390 6.09 -8.63 5.40
CA ALA C 390 5.32 -7.90 4.40
C ALA C 390 6.19 -7.54 3.19
N HIS C 391 7.42 -7.07 3.44
CA HIS C 391 8.37 -6.81 2.39
C HIS C 391 8.64 -8.06 1.52
N MET C 392 8.76 -9.21 2.17
CA MET C 392 9.05 -10.48 1.50
C MET C 392 8.01 -10.71 0.43
N VAL C 393 6.74 -10.62 0.81
CA VAL C 393 5.65 -10.96 -0.14
C VAL C 393 5.44 -9.86 -1.15
N ASP C 394 5.53 -8.61 -0.71
CA ASP C 394 5.30 -7.47 -1.61
C ASP C 394 6.33 -7.38 -2.72
N GLY C 395 7.59 -7.69 -2.38
CA GLY C 395 8.65 -7.79 -3.38
C GLY C 395 8.34 -8.87 -4.40
N VAL C 396 7.95 -10.03 -3.94
CA VAL C 396 7.59 -11.10 -4.85
C VAL C 396 6.37 -10.71 -5.70
N LYS C 397 5.40 -10.03 -5.09
CA LYS C 397 4.22 -9.58 -5.81
C LYS C 397 4.63 -8.71 -7.02
N GLU C 398 5.49 -7.72 -6.78
CA GLU C 398 5.99 -6.86 -7.86
C GLU C 398 6.71 -7.61 -8.96
N PHE C 399 7.61 -8.53 -8.55
CA PHE C 399 8.35 -9.41 -9.46
C PHE C 399 7.38 -10.26 -10.32
N LEU C 400 6.34 -10.81 -9.69
CA LEU C 400 5.39 -11.62 -10.43
C LEU C 400 4.63 -10.78 -11.45
N VAL C 401 4.22 -9.56 -11.07
CA VAL C 401 3.47 -8.68 -12.00
C VAL C 401 4.34 -8.33 -13.19
N LEU C 402 5.65 -8.14 -12.96
CA LEU C 402 6.57 -7.92 -14.08
C LEU C 402 6.58 -9.11 -15.08
N HIS C 403 6.28 -10.31 -14.62
CA HIS C 403 6.17 -11.46 -15.57
C HIS C 403 5.01 -11.21 -16.55
N TYR C 404 3.86 -10.82 -16.00
CA TYR C 404 2.66 -10.64 -16.84
C TYR C 404 2.81 -9.42 -17.76
N LYS C 405 3.49 -8.37 -17.27
CA LYS C 405 3.73 -7.19 -18.07
C LYS C 405 4.78 -7.39 -19.18
N GLY C 406 5.76 -8.24 -18.92
CA GLY C 406 6.85 -8.51 -19.86
C GLY C 406 6.45 -9.47 -20.96
N ALA C 407 5.51 -10.37 -20.68
CA ALA C 407 5.02 -11.33 -21.66
C ALA C 407 4.53 -10.55 -22.90
N GLN C 408 4.94 -10.97 -24.09
CA GLN C 408 4.63 -10.20 -25.30
C GLN C 408 3.40 -10.71 -26.04
N ARG C 409 2.99 -11.93 -25.74
CA ARG C 409 1.80 -12.48 -26.38
C ARG C 409 0.53 -11.68 -26.04
N GLU C 410 -0.35 -11.55 -27.03
CA GLU C 410 -1.61 -10.82 -26.87
C GLU C 410 -2.73 -11.52 -27.62
N ASP C 411 -2.63 -12.83 -27.74
CA ASP C 411 -3.48 -13.62 -28.62
C ASP C 411 -4.85 -13.99 -28.05
N THR C 412 -5.05 -13.88 -26.75
CA THR C 412 -6.34 -14.27 -26.14
C THR C 412 -6.82 -13.11 -25.30
N PRO C 413 -8.08 -13.15 -24.84
CA PRO C 413 -8.57 -12.10 -23.96
C PRO C 413 -7.74 -11.94 -22.68
N TYR C 414 -7.32 -13.08 -22.10
CA TYR C 414 -6.49 -13.10 -20.91
C TYR C 414 -5.22 -12.26 -21.12
N TRP C 415 -4.53 -12.56 -22.21
CA TRP C 415 -3.26 -11.92 -22.47
C TRP C 415 -3.43 -10.46 -22.86
N LYS C 416 -4.55 -10.13 -23.51
CA LYS C 416 -4.85 -8.71 -23.77
C LYS C 416 -5.13 -7.97 -22.48
N ALA C 417 -5.82 -8.61 -21.56
CA ALA C 417 -6.17 -8.00 -20.28
C ALA C 417 -4.95 -7.85 -19.36
N ALA C 418 -3.98 -8.76 -19.52
CA ALA C 418 -2.71 -8.67 -18.79
C ALA C 418 -1.96 -7.38 -19.07
N LYS C 419 -1.95 -7.00 -20.34
CA LYS C 419 -1.29 -5.78 -20.81
C LYS C 419 -1.82 -4.51 -20.15
N THR C 420 -3.13 -4.42 -19.95
CA THR C 420 -3.73 -3.17 -19.47
C THR C 420 -4.16 -3.21 -17.97
N ARG C 421 -3.99 -4.35 -17.32
CA ARG C 421 -4.34 -4.46 -15.90
C ARG C 421 -3.57 -3.48 -14.99
N ALA C 422 -4.23 -3.05 -13.91
CA ALA C 422 -3.57 -2.27 -12.84
C ALA C 422 -2.29 -2.94 -12.35
N MET C 423 -1.37 -2.14 -11.81
CA MET C 423 -0.12 -2.70 -11.28
C MET C 423 0.40 -1.99 -10.01
N PRO C 424 1.27 -2.67 -9.22
CA PRO C 424 1.79 -2.09 -7.96
C PRO C 424 2.45 -0.74 -8.19
N ASP C 425 2.50 0.05 -7.13
CA ASP C 425 3.01 1.44 -7.20
C ASP C 425 4.44 1.55 -7.74
N GLY C 426 5.33 0.73 -7.20
CA GLY C 426 6.75 0.83 -7.50
C GLY C 426 7.13 0.36 -8.89
N LEU C 427 6.19 -0.29 -9.60
CA LEU C 427 6.55 -1.01 -10.80
C LEU C 427 6.63 -0.11 -12.04
N ALA C 428 6.00 1.06 -11.96
CA ALA C 428 6.14 2.15 -12.96
C ALA C 428 7.55 2.68 -13.15
N ARG C 429 8.21 3.04 -12.05
CA ARG C 429 9.61 3.49 -12.13
C ARG C 429 10.47 2.38 -12.74
N LYS C 430 10.22 1.14 -12.33
CA LYS C 430 11.04 0.02 -12.76
C LYS C 430 10.86 -0.22 -14.26
N LEU C 431 9.63 -0.10 -14.75
CA LEU C 431 9.38 -0.25 -16.18
C LEU C 431 9.94 0.91 -16.98
N GLU C 432 9.84 2.12 -16.45
CA GLU C 432 10.47 3.30 -17.04
C GLU C 432 11.98 3.04 -17.19
N LEU C 433 12.63 2.66 -16.09
CA LEU C 433 14.08 2.47 -16.06
C LEU C 433 14.48 1.38 -17.07
N SER C 434 13.68 0.33 -17.13
CA SER C 434 14.00 -0.88 -17.91
C SER C 434 13.90 -0.66 -19.43
N ALA C 435 13.20 0.40 -19.82
CA ALA C 435 13.20 0.82 -21.23
C ALA C 435 14.53 1.49 -21.62
N SER C 436 15.17 2.16 -20.65
CA SER C 436 16.43 2.86 -20.83
C SER C 436 17.63 1.93 -20.64
N HIS C 437 17.67 1.22 -19.53
CA HIS C 437 18.83 0.43 -19.14
C HIS C 437 18.44 -0.64 -18.12
N LEU C 438 19.32 -1.58 -17.87
CA LEU C 438 18.98 -2.70 -17.02
C LEU C 438 18.80 -2.27 -15.58
N LEU C 439 17.86 -2.90 -14.87
CA LEU C 439 17.75 -2.74 -13.42
C LEU C 439 19.00 -3.26 -12.75
N ASP C 440 19.26 -2.79 -11.55
CA ASP C 440 20.36 -3.30 -10.78
C ASP C 440 20.05 -3.30 -9.29
N GLU C 441 21.07 -3.58 -8.49
CA GLU C 441 20.89 -3.77 -7.07
C GLU C 441 20.17 -2.59 -6.45
N GLN C 442 20.40 -1.38 -6.96
CA GLN C 442 19.80 -0.18 -6.37
C GLN C 442 18.38 0.14 -6.85
N THR C 443 17.93 -0.51 -7.93
CA THR C 443 16.64 -0.16 -8.49
C THR C 443 15.59 -1.29 -8.53
N ILE C 444 15.97 -2.50 -8.15
CA ILE C 444 14.97 -3.54 -7.94
C ILE C 444 14.28 -3.29 -6.59
N TYR C 445 13.30 -4.11 -6.26
CA TYR C 445 12.67 -3.99 -4.93
C TYR C 445 13.77 -4.07 -3.87
N PRO C 446 13.86 -3.03 -3.01
CA PRO C 446 15.01 -2.83 -2.14
C PRO C 446 15.08 -3.63 -0.84
N TYR C 447 14.01 -4.34 -0.47
CA TYR C 447 14.07 -5.16 0.74
C TYR C 447 14.10 -6.62 0.36
N TYR C 448 14.50 -7.47 1.30
CA TYR C 448 14.67 -8.87 1.02
C TYR C 448 13.35 -9.47 0.61
N HIS C 449 13.34 -10.08 -0.56
CA HIS C 449 12.17 -10.81 -1.07
C HIS C 449 12.57 -12.09 -1.78
N GLY C 450 13.79 -12.56 -1.51
CA GLY C 450 14.23 -13.88 -2.00
C GLY C 450 14.82 -13.87 -3.41
N PHE C 451 14.74 -12.74 -4.11
CA PHE C 451 15.36 -12.58 -5.44
C PHE C 451 16.37 -11.44 -5.45
N GLU C 452 17.44 -11.65 -6.23
CA GLU C 452 18.45 -10.62 -6.51
C GLU C 452 18.29 -10.07 -7.91
N THR C 453 19.12 -9.08 -8.20
CA THR C 453 19.15 -8.36 -9.48
C THR C 453 19.11 -9.26 -10.72
N TYR C 454 19.98 -10.26 -10.79
CA TYR C 454 20.01 -11.14 -11.98
C TYR C 454 18.65 -11.75 -12.30
N SER C 455 17.86 -12.07 -11.27
CA SER C 455 16.53 -12.64 -11.49
C SER C 455 15.58 -11.66 -12.17
N TRP C 456 15.59 -10.40 -11.73
CA TRP C 456 14.80 -9.33 -12.36
C TRP C 456 15.22 -9.08 -13.83
N ILE C 457 16.53 -8.97 -14.03
CA ILE C 457 17.08 -8.77 -15.36
C ILE C 457 16.73 -9.92 -16.30
N THR C 458 16.88 -11.15 -15.81
CA THR C 458 16.67 -12.34 -16.61
C THR C 458 15.24 -12.42 -17.09
N MET C 459 14.30 -12.16 -16.20
CA MET C 459 12.89 -12.22 -16.61
C MET C 459 12.53 -11.10 -17.60
N ASN C 460 12.99 -9.87 -17.35
CA ASN C 460 12.84 -8.79 -18.31
C ASN C 460 13.42 -9.17 -19.67
N LEU C 461 14.69 -9.51 -19.72
CA LEU C 461 15.33 -9.81 -21.00
C LEU C 461 14.73 -11.05 -21.68
N GLY C 462 14.43 -12.09 -20.92
CA GLY C 462 13.83 -13.31 -21.47
C GLY C 462 12.47 -13.04 -22.09
N LEU C 463 11.63 -12.32 -21.37
CA LEU C 463 10.27 -12.06 -21.83
C LEU C 463 10.23 -11.03 -22.94
N GLY C 464 11.10 -10.01 -22.84
CA GLY C 464 11.24 -8.99 -23.86
C GLY C 464 11.17 -7.52 -23.45
N ILE C 465 11.26 -7.21 -22.16
CA ILE C 465 11.51 -5.83 -21.73
C ILE C 465 13.02 -5.57 -21.84
N VAL C 466 13.42 -5.02 -22.98
CA VAL C 466 14.80 -4.80 -23.33
C VAL C 466 15.12 -3.29 -23.42
N PRO C 467 16.30 -2.88 -22.97
CA PRO C 467 16.62 -1.48 -23.14
C PRO C 467 16.70 -1.13 -24.61
N GLU C 468 16.37 0.13 -24.94
CA GLU C 468 16.33 0.58 -26.34
C GLU C 468 17.69 0.41 -27.04
N ARG C 469 18.78 0.73 -26.31
CA ARG C 469 20.18 0.58 -26.80
C ARG C 469 21.08 -0.01 -25.70
N PRO C 470 22.32 -0.39 -26.04
CA PRO C 470 23.22 -0.78 -24.94
C PRO C 470 23.73 0.42 -24.17
N ARG C 471 24.25 0.17 -22.98
CA ARG C 471 24.85 1.22 -22.16
C ARG C 471 25.93 1.99 -22.95
N PRO C 472 25.79 3.32 -23.08
CA PRO C 472 26.75 3.97 -23.95
C PRO C 472 28.24 3.79 -23.57
N ALA C 473 28.55 3.54 -22.30
CA ALA C 473 29.95 3.35 -21.88
C ALA C 473 30.64 2.22 -22.65
N LEU C 474 29.89 1.17 -22.95
CA LEU C 474 30.44 -0.02 -23.61
C LEU C 474 31.01 0.26 -24.99
N LEU C 475 30.45 1.24 -25.71
CA LEU C 475 30.99 1.61 -27.02
C LEU C 475 32.41 2.22 -26.85
N HIS C 476 32.73 2.73 -25.66
CA HIS C 476 34.04 3.28 -25.37
C HIS C 476 35.04 2.25 -24.82
N MET C 477 34.61 1.01 -24.65
CA MET C 477 35.42 0.03 -23.95
C MET C 477 35.84 -1.09 -24.85
N ASP C 478 36.95 -1.72 -24.49
CA ASP C 478 37.51 -2.85 -25.22
C ASP C 478 36.59 -4.04 -25.00
N PRO C 479 36.00 -4.58 -26.06
CA PRO C 479 35.08 -5.70 -25.93
C PRO C 479 35.75 -7.06 -25.73
N ALA C 480 37.08 -7.12 -25.88
CA ALA C 480 37.76 -8.42 -25.86
C ALA C 480 37.56 -9.21 -24.55
N PRO C 481 37.68 -8.55 -23.38
CA PRO C 481 37.47 -9.30 -22.13
C PRO C 481 36.08 -9.96 -22.05
N ALA C 482 35.04 -9.24 -22.47
CA ALA C 482 33.69 -9.79 -22.48
C ALA C 482 33.53 -10.90 -23.49
N LEU C 483 34.03 -10.71 -24.71
CA LEU C 483 33.94 -11.74 -25.72
C LEU C 483 34.61 -13.01 -25.22
N ALA C 484 35.77 -12.85 -24.57
CA ALA C 484 36.50 -13.96 -23.98
C ALA C 484 35.66 -14.68 -22.92
N GLU C 485 34.89 -13.92 -22.14
CA GLU C 485 34.06 -14.54 -21.10
C GLU C 485 32.90 -15.31 -21.72
N PHE C 486 32.31 -14.80 -22.80
CA PHE C 486 31.27 -15.54 -23.51
C PHE C 486 31.83 -16.86 -24.03
N GLU C 487 33.07 -16.82 -24.51
CA GLU C 487 33.72 -18.04 -24.99
C GLU C 487 33.97 -19.03 -23.84
N ARG C 488 34.43 -18.52 -22.72
CA ARG C 488 34.62 -19.38 -21.54
C ARG C 488 33.31 -20.08 -21.17
N LEU C 489 32.21 -19.35 -21.17
CA LEU C 489 30.90 -19.92 -20.83
C LEU C 489 30.51 -21.05 -21.78
N ARG C 490 30.72 -20.85 -23.08
CA ARG C 490 30.39 -21.89 -24.03
C ARG C 490 31.24 -23.15 -23.80
N ARG C 491 32.54 -22.95 -23.61
CA ARG C 491 33.50 -24.05 -23.45
C ARG C 491 33.28 -24.79 -22.14
N GLU C 492 33.10 -24.05 -21.06
CA GLU C 492 32.80 -24.70 -19.79
C GLU C 492 31.50 -25.51 -19.90
N GLY C 493 30.54 -24.98 -20.66
CA GLY C 493 29.28 -25.66 -20.92
C GLY C 493 29.49 -26.98 -21.62
N ASP C 494 30.26 -26.93 -22.70
CA ASP C 494 30.63 -28.12 -23.48
C ASP C 494 31.27 -29.19 -22.63
N GLU C 495 32.22 -28.78 -21.79
CA GLU C 495 32.96 -29.74 -20.97
C GLU C 495 32.05 -30.37 -19.95
N LEU C 496 31.21 -29.54 -19.33
CA LEU C 496 30.37 -30.01 -18.23
C LEU C 496 29.35 -31.03 -18.71
N ILE C 497 28.81 -30.83 -19.91
CA ILE C 497 27.75 -31.70 -20.39
C ILE C 497 28.31 -33.05 -20.85
N ALA C 498 29.55 -33.02 -21.35
CA ALA C 498 30.25 -34.27 -21.69
C ALA C 498 30.66 -35.06 -20.44
N ALA C 499 30.95 -34.37 -19.33
CA ALA C 499 31.40 -35.01 -18.10
C ALA C 499 30.24 -35.50 -17.21
N LEU C 500 29.17 -34.74 -17.09
CA LEU C 500 28.12 -35.08 -16.13
C LEU C 500 27.17 -36.15 -16.64
N PRO C 501 26.60 -36.93 -15.71
CA PRO C 501 25.54 -37.86 -16.03
C PRO C 501 24.22 -37.15 -16.22
N SER C 502 23.20 -37.86 -16.71
CA SER C 502 21.88 -37.26 -16.80
C SER C 502 21.21 -37.17 -15.41
N CYS C 503 20.20 -36.31 -15.32
CA CYS C 503 19.40 -36.15 -14.09
C CYS C 503 18.88 -37.50 -13.58
N TYR C 504 18.26 -38.27 -14.46
CA TYR C 504 17.72 -39.55 -14.06
C TYR C 504 18.85 -40.50 -13.62
N GLU C 505 19.89 -40.61 -14.44
CA GLU C 505 21.05 -41.48 -14.13
C GLU C 505 21.57 -41.27 -12.71
N TYR C 506 21.76 -40.02 -12.31
CA TYR C 506 22.31 -39.75 -11.00
C TYR C 506 21.31 -40.12 -9.91
N LEU C 507 20.07 -39.66 -10.05
CA LEU C 507 19.05 -39.95 -9.05
C LEU C 507 18.86 -41.44 -8.84
N ALA C 508 18.85 -42.18 -9.95
CA ALA C 508 18.77 -43.63 -9.91
C ALA C 508 19.93 -44.24 -9.12
N SER C 509 21.13 -43.67 -9.21
CA SER C 509 22.27 -44.20 -8.46
C SER C 509 22.12 -44.07 -6.92
N ILE C 510 21.28 -43.15 -6.45
CA ILE C 510 21.11 -42.91 -5.00
C ILE C 510 19.79 -43.44 -4.41
N GLN C 511 19.01 -44.17 -5.20
CA GLN C 511 17.70 -44.65 -4.72
C GLN C 511 17.86 -45.66 -3.58
N MET D 1 28.26 8.47 -30.35
CA MET D 1 29.15 8.61 -29.17
C MET D 1 29.58 10.06 -28.94
N ILE D 2 29.73 10.43 -27.68
CA ILE D 2 30.42 11.68 -27.35
C ILE D 2 31.93 11.37 -27.43
N ARG D 3 32.74 12.41 -27.47
CA ARG D 3 34.15 12.27 -27.78
C ARG D 3 35.08 12.79 -26.71
N SER D 4 34.68 13.85 -26.02
CA SER D 4 35.61 14.64 -25.20
C SER D 4 35.05 14.97 -23.82
N VAL D 5 35.96 14.97 -22.85
CA VAL D 5 35.62 15.33 -21.48
C VAL D 5 36.59 16.41 -21.01
N VAL D 6 36.04 17.46 -20.40
CA VAL D 6 36.83 18.54 -19.85
C VAL D 6 36.61 18.54 -18.32
N ILE D 7 37.70 18.36 -17.57
CA ILE D 7 37.66 18.35 -16.12
C ILE D 7 38.17 19.69 -15.63
N VAL D 8 37.34 20.38 -14.86
CA VAL D 8 37.70 21.67 -14.29
C VAL D 8 38.04 21.49 -12.82
N GLY D 9 39.33 21.63 -12.51
CA GLY D 9 39.87 21.37 -11.19
C GLY D 9 40.77 20.14 -11.14
N GLY D 10 41.86 20.27 -10.38
CA GLY D 10 42.77 19.16 -10.15
C GLY D 10 42.53 18.48 -8.81
N GLY D 11 43.60 18.27 -8.05
CA GLY D 11 43.50 17.60 -6.77
C GLY D 11 43.14 16.13 -6.92
N THR D 12 42.70 15.53 -5.83
CA THR D 12 42.31 14.13 -5.82
C THR D 12 41.12 13.88 -6.77
N ALA D 13 40.11 14.73 -6.69
CA ALA D 13 38.90 14.52 -7.48
C ALA D 13 39.18 14.59 -9.00
N GLY D 14 39.86 15.65 -9.44
CA GLY D 14 40.18 15.84 -10.86
C GLY D 14 41.07 14.76 -11.45
N TRP D 15 42.12 14.41 -10.73
CA TRP D 15 43.08 13.45 -11.24
C TRP D 15 42.60 12.01 -11.09
N MET D 16 41.78 11.73 -10.09
CA MET D 16 41.12 10.42 -10.04
C MET D 16 40.20 10.25 -11.24
N THR D 17 39.49 11.32 -11.60
CA THR D 17 38.56 11.26 -12.75
C THR D 17 39.33 11.07 -14.04
N ALA D 18 40.40 11.87 -14.19
CA ALA D 18 41.18 11.88 -15.41
C ALA D 18 41.79 10.50 -15.66
N SER D 19 42.42 9.96 -14.61
CA SER D 19 43.09 8.66 -14.69
C SER D 19 42.11 7.50 -14.92
N TYR D 20 40.94 7.54 -14.27
CA TYR D 20 39.95 6.47 -14.41
C TYR D 20 39.34 6.45 -15.79
N LEU D 21 39.00 7.63 -16.31
CA LEU D 21 38.52 7.69 -17.72
C LEU D 21 39.48 7.09 -18.74
N LYS D 22 40.77 7.36 -18.61
CA LYS D 22 41.75 6.80 -19.52
C LYS D 22 41.95 5.32 -19.26
N ALA D 23 41.90 4.89 -18.00
CA ALA D 23 41.94 3.46 -17.68
C ALA D 23 40.76 2.74 -18.31
N ALA D 24 39.58 3.34 -18.21
CA ALA D 24 38.36 2.72 -18.67
C ALA D 24 38.24 2.69 -20.18
N PHE D 25 38.49 3.82 -20.82
CA PHE D 25 38.22 4.02 -22.25
C PHE D 25 39.46 4.15 -23.17
N ASP D 26 40.65 4.25 -22.58
CA ASP D 26 41.90 4.44 -23.33
C ASP D 26 41.77 5.51 -24.42
N ASP D 27 42.08 5.16 -25.67
CA ASP D 27 42.06 6.11 -26.77
C ASP D 27 40.67 6.33 -27.34
N ARG D 28 39.62 5.84 -26.67
CA ARG D 28 38.25 6.07 -27.14
C ARG D 28 37.58 7.21 -26.39
N ILE D 29 38.40 8.02 -25.73
CA ILE D 29 37.93 9.26 -25.12
C ILE D 29 39.08 10.27 -25.12
N ASP D 30 38.74 11.53 -25.39
CA ASP D 30 39.68 12.61 -25.23
C ASP D 30 39.40 13.26 -23.90
N VAL D 31 40.45 13.51 -23.13
CA VAL D 31 40.32 14.12 -21.82
C VAL D 31 41.27 15.31 -21.67
N THR D 32 40.72 16.44 -21.21
CA THR D 32 41.51 17.61 -20.83
C THR D 32 41.20 18.00 -19.40
N LEU D 33 42.25 18.29 -18.62
CA LEU D 33 42.08 18.80 -17.27
C LEU D 33 42.64 20.20 -17.17
N VAL D 34 41.79 21.15 -16.74
CA VAL D 34 42.17 22.52 -16.49
C VAL D 34 42.20 22.77 -14.99
N GLU D 35 43.36 23.23 -14.47
CA GLU D 35 43.48 23.62 -13.06
C GLU D 35 44.33 24.86 -12.86
N SER D 36 44.07 25.57 -11.77
CA SER D 36 44.82 26.78 -11.42
C SER D 36 46.24 26.48 -10.95
N GLY D 37 47.16 27.40 -11.15
CA GLY D 37 48.55 27.21 -10.73
C GLY D 37 48.87 27.96 -9.44
N VAL D 44 48.89 17.46 4.82
CA VAL D 44 47.95 17.28 5.93
C VAL D 44 47.68 15.79 6.20
N GLY D 45 46.87 15.15 5.34
CA GLY D 45 46.64 13.68 5.37
C GLY D 45 45.17 13.31 5.29
N GLU D 46 44.88 12.16 4.66
CA GLU D 46 43.54 11.67 4.46
C GLU D 46 43.50 10.13 4.60
N ALA D 47 42.33 9.61 4.94
CA ALA D 47 42.09 8.18 5.10
C ALA D 47 41.13 7.70 4.04
N THR D 48 41.15 6.40 3.78
CA THR D 48 40.28 5.83 2.77
C THR D 48 39.44 4.69 3.38
N PHE D 49 38.57 4.14 2.53
CA PHE D 49 37.88 2.88 2.80
C PHE D 49 38.75 1.76 2.26
N SER D 50 38.52 0.53 2.72
CA SER D 50 39.23 -0.63 2.18
C SER D 50 38.90 -0.83 0.70
N THR D 51 37.72 -0.41 0.28
CA THR D 51 37.27 -0.60 -1.09
C THR D 51 37.90 0.34 -2.13
N VAL D 52 38.68 1.31 -1.67
CA VAL D 52 39.52 2.09 -2.61
C VAL D 52 40.46 1.19 -3.42
N ARG D 53 40.72 -0.03 -2.97
CA ARG D 53 41.53 -0.99 -3.76
C ARG D 53 40.91 -1.31 -5.12
N HIS D 54 39.58 -1.27 -5.23
CA HIS D 54 38.93 -1.52 -6.53
C HIS D 54 39.36 -0.47 -7.55
N PHE D 55 39.46 0.79 -7.10
CA PHE D 55 39.92 1.85 -7.95
C PHE D 55 41.41 1.67 -8.37
N PHE D 56 42.31 1.50 -7.42
CA PHE D 56 43.73 1.39 -7.73
C PHE D 56 44.00 0.18 -8.59
N ASP D 57 43.36 -0.95 -8.25
CA ASP D 57 43.54 -2.12 -9.13
C ASP D 57 43.02 -1.92 -10.53
N TYR D 58 41.93 -1.16 -10.68
CA TYR D 58 41.35 -0.90 -12.01
C TYR D 58 42.39 -0.16 -12.85
N LEU D 59 43.06 0.79 -12.21
CA LEU D 59 44.15 1.57 -12.83
C LEU D 59 45.40 0.74 -13.07
N GLY D 60 45.55 -0.35 -12.33
CA GLY D 60 46.67 -1.27 -12.50
C GLY D 60 47.86 -0.90 -11.63
N LEU D 61 47.60 -0.23 -10.52
CA LEU D 61 48.66 0.23 -9.65
C LEU D 61 48.87 -0.72 -8.46
N ASP D 62 50.12 -0.94 -8.08
CA ASP D 62 50.42 -1.72 -6.88
C ASP D 62 50.87 -0.78 -5.78
N GLU D 63 50.40 -1.03 -4.57
CA GLU D 63 50.65 -0.13 -3.45
C GLU D 63 52.12 0.13 -3.16
N ARG D 64 52.97 -0.86 -3.44
CA ARG D 64 54.41 -0.69 -3.21
C ARG D 64 55.04 0.38 -4.11
N GLU D 65 54.43 0.66 -5.26
CA GLU D 65 54.85 1.81 -6.08
C GLU D 65 54.55 3.12 -5.35
N TRP D 66 53.28 3.34 -5.02
CA TRP D 66 52.83 4.70 -4.75
C TRP D 66 52.73 5.06 -3.27
N LEU D 67 52.48 4.08 -2.42
CA LEU D 67 52.20 4.38 -1.02
C LEU D 67 53.39 5.09 -0.37
N PRO D 68 54.61 4.58 -0.59
CA PRO D 68 55.79 5.25 0.00
C PRO D 68 56.01 6.67 -0.49
N ARG D 69 55.78 6.90 -1.78
CA ARG D 69 55.86 8.23 -2.35
C ARG D 69 54.79 9.17 -1.80
N CYS D 70 53.65 8.62 -1.38
CA CYS D 70 52.56 9.41 -0.80
C CYS D 70 52.56 9.41 0.75
N ALA D 71 53.75 9.20 1.33
CA ALA D 71 53.96 9.25 2.78
C ALA D 71 52.95 8.37 3.49
N GLY D 72 52.67 7.22 2.88
CA GLY D 72 51.49 6.44 3.23
C GLY D 72 51.60 5.63 4.50
N GLY D 73 50.45 5.23 5.00
CA GLY D 73 50.35 4.33 6.12
C GLY D 73 49.18 3.39 5.90
N TYR D 74 48.99 2.47 6.83
CA TYR D 74 47.90 1.50 6.77
C TYR D 74 46.85 1.81 7.82
N LYS D 75 45.59 1.59 7.42
CA LYS D 75 44.44 1.82 8.30
C LYS D 75 43.64 0.52 8.50
N LEU D 76 43.56 0.04 9.76
CA LEU D 76 42.76 -1.15 10.08
C LEU D 76 41.34 -0.78 10.52
N GLY D 77 41.09 0.52 10.74
CA GLY D 77 39.80 1.00 11.15
C GLY D 77 39.97 2.37 11.79
N ILE D 78 38.97 2.77 12.58
CA ILE D 78 39.00 4.02 13.34
C ILE D 78 38.84 3.74 14.84
N ARG D 79 39.67 4.43 15.63
CA ARG D 79 39.57 4.42 17.10
C ARG D 79 38.72 5.60 17.53
N PHE D 80 37.56 5.29 18.11
CA PHE D 80 36.66 6.32 18.62
C PHE D 80 36.91 6.49 20.13
N GLU D 81 37.40 7.65 20.52
CA GLU D 81 37.80 7.88 21.91
C GLU D 81 37.04 9.04 22.52
N ASN D 82 36.63 8.85 23.76
CA ASN D 82 36.06 9.93 24.60
C ASN D 82 34.71 10.48 24.13
N TRP D 83 33.99 9.70 23.32
CA TRP D 83 32.64 10.09 22.90
C TRP D 83 31.59 9.86 24.01
N SER D 84 31.89 8.94 24.91
CA SER D 84 30.93 8.61 25.93
C SER D 84 31.59 8.67 27.30
N GLU D 85 31.97 7.54 27.88
CA GLU D 85 32.66 7.58 29.18
C GLU D 85 34.10 8.12 29.00
N PRO D 86 34.51 9.10 29.84
CA PRO D 86 35.85 9.67 29.69
C PRO D 86 36.94 8.60 29.71
N GLY D 87 37.83 8.66 28.73
CA GLY D 87 38.92 7.71 28.64
C GLY D 87 38.58 6.37 27.97
N GLU D 88 37.32 6.13 27.65
CA GLU D 88 36.94 4.85 27.04
C GLU D 88 37.02 4.99 25.52
N TYR D 89 37.26 3.87 24.83
CA TYR D 89 37.34 3.87 23.39
C TYR D 89 36.98 2.49 22.86
N PHE D 90 36.82 2.42 21.54
CA PHE D 90 36.52 1.20 20.83
C PHE D 90 36.96 1.42 19.37
N TYR D 91 37.00 0.35 18.59
CA TYR D 91 37.36 0.44 17.19
C TYR D 91 36.20 0.12 16.26
N HIS D 92 36.13 0.85 15.16
CA HIS D 92 35.29 0.51 14.06
C HIS D 92 36.24 -0.08 13.01
N PRO D 93 36.16 -1.39 12.77
CA PRO D 93 37.17 -2.07 11.96
C PRO D 93 36.78 -2.34 10.52
N PHE D 94 37.75 -2.69 9.69
CA PHE D 94 37.51 -3.33 8.40
C PHE D 94 37.43 -4.83 8.62
N GLU D 95 36.35 -5.25 9.28
CA GLU D 95 36.17 -6.65 9.66
C GLU D 95 34.67 -6.93 9.91
N ARG D 96 34.12 -7.98 9.27
CA ARG D 96 32.74 -8.36 9.53
C ARG D 96 32.67 -9.17 10.82
N LEU D 97 31.51 -9.15 11.47
CA LEU D 97 31.27 -10.01 12.61
C LEU D 97 31.09 -11.44 12.09
N ARG D 98 31.63 -12.39 12.84
CA ARG D 98 31.36 -13.81 12.60
C ARG D 98 29.93 -14.14 13.02
N VAL D 99 29.41 -15.21 12.43
CA VAL D 99 28.05 -15.67 12.67
C VAL D 99 28.13 -17.11 13.16
N VAL D 100 27.51 -17.37 14.30
CA VAL D 100 27.37 -18.73 14.85
C VAL D 100 25.89 -19.06 15.06
N ASP D 101 25.49 -20.22 14.52
CA ASP D 101 24.12 -20.70 14.61
C ASP D 101 23.09 -19.64 14.25
N GLY D 102 23.42 -18.85 13.21
CA GLY D 102 22.48 -17.87 12.66
C GLY D 102 22.49 -16.49 13.32
N PHE D 103 23.31 -16.29 14.34
CA PHE D 103 23.38 -14.98 15.05
C PHE D 103 24.83 -14.48 15.06
N ASN D 104 25.03 -13.20 14.79
CA ASN D 104 26.36 -12.62 14.74
C ASN D 104 26.95 -12.49 16.15
N MET D 105 28.26 -12.24 16.22
CA MET D 105 28.96 -12.23 17.49
C MET D 105 28.55 -11.09 18.39
N ALA D 106 28.04 -9.99 17.81
CA ALA D 106 27.48 -8.91 18.66
C ALA D 106 26.26 -9.38 19.46
N GLU D 107 25.35 -10.06 18.77
CA GLU D 107 24.19 -10.65 19.46
C GLU D 107 24.66 -11.63 20.56
N TRP D 108 25.62 -12.50 20.26
CA TRP D 108 26.08 -13.43 21.27
C TRP D 108 26.80 -12.70 22.40
N TRP D 109 27.54 -11.67 22.07
CA TRP D 109 28.24 -10.87 23.08
C TRP D 109 27.24 -10.29 24.08
N LEU D 110 26.12 -9.74 23.59
CA LEU D 110 25.04 -9.28 24.51
C LEU D 110 24.52 -10.38 25.43
N ALA D 111 24.42 -11.60 24.91
CA ALA D 111 23.84 -12.70 25.66
C ALA D 111 24.78 -13.40 26.61
N VAL D 112 25.99 -13.75 26.14
CA VAL D 112 26.89 -14.58 26.97
C VAL D 112 28.28 -13.99 27.09
N GLY D 113 28.43 -12.73 26.73
CA GLY D 113 29.70 -12.04 26.79
C GLY D 113 30.18 -11.48 28.12
N ASP D 114 29.72 -10.28 28.49
CA ASP D 114 30.65 -9.24 29.02
C ASP D 114 31.98 -9.78 29.55
N THR D 117 35.18 -7.63 29.22
CA THR D 117 35.78 -7.32 27.93
C THR D 117 34.79 -6.54 27.10
N SER D 118 35.25 -5.42 26.54
CA SER D 118 34.44 -4.60 25.65
C SER D 118 34.00 -5.38 24.42
N PHE D 119 32.89 -4.94 23.82
CA PHE D 119 32.36 -5.52 22.60
C PHE D 119 33.44 -5.65 21.51
N SER D 120 34.12 -4.55 21.23
CA SER D 120 35.07 -4.59 20.11
C SER D 120 36.30 -5.49 20.39
N GLU D 121 36.74 -5.57 21.66
CA GLU D 121 37.85 -6.48 21.99
C GLU D 121 37.41 -7.96 21.85
N ALA D 122 36.17 -8.28 22.24
CA ALA D 122 35.68 -9.66 22.18
C ALA D 122 35.38 -10.11 20.75
N CYS D 123 34.93 -9.19 19.93
CA CYS D 123 34.35 -9.57 18.65
C CYS D 123 35.23 -9.42 17.42
N TYR D 124 36.29 -8.61 17.50
CA TYR D 124 37.09 -8.27 16.30
C TYR D 124 38.58 -8.49 16.51
N LEU D 125 39.18 -9.31 15.66
CA LEU D 125 40.64 -9.43 15.64
C LEU D 125 41.31 -8.06 15.56
N THR D 126 40.71 -7.17 14.77
CA THR D 126 41.21 -5.84 14.53
C THR D 126 41.53 -5.07 15.81
N HIS D 127 40.71 -5.22 16.85
CA HIS D 127 40.92 -4.52 18.12
C HIS D 127 42.34 -4.76 18.67
N ARG D 128 42.74 -6.02 18.73
CA ARG D 128 44.03 -6.34 19.33
C ARG D 128 45.21 -6.11 18.39
N LEU D 129 44.96 -6.24 17.09
CA LEU D 129 45.92 -5.82 16.08
C LEU D 129 46.29 -4.35 16.26
N CYS D 130 45.28 -3.52 16.45
CA CYS D 130 45.44 -2.07 16.64
C CYS D 130 46.16 -1.77 17.96
N GLU D 131 45.76 -2.45 19.03
CA GLU D 131 46.38 -2.26 20.33
C GLU D 131 47.89 -2.59 20.27
N ALA D 132 48.24 -3.59 19.47
CA ALA D 132 49.60 -4.03 19.32
C ALA D 132 50.35 -3.35 18.18
N LYS D 133 49.67 -2.40 17.53
CA LYS D 133 50.19 -1.65 16.41
C LYS D 133 50.74 -2.53 15.30
N ARG D 134 50.04 -3.61 14.96
CA ARG D 134 50.52 -4.49 13.89
C ARG D 134 50.22 -3.94 12.49
N ALA D 135 51.07 -4.32 11.54
CA ALA D 135 50.80 -4.17 10.13
C ALA D 135 49.89 -5.32 9.69
N PRO D 136 49.14 -5.13 8.60
CA PRO D 136 48.31 -6.22 8.05
C PRO D 136 49.03 -7.20 7.13
N ARG D 137 50.32 -7.02 6.96
CA ARG D 137 51.09 -7.88 6.10
C ARG D 137 52.35 -8.34 6.79
N MET D 138 52.77 -9.57 6.48
CA MET D 138 54.08 -10.09 6.89
C MET D 138 55.14 -9.43 6.03
N LEU D 139 56.39 -9.49 6.49
CA LEU D 139 57.49 -8.86 5.78
C LEU D 139 57.64 -9.43 4.38
N ASP D 140 57.27 -10.70 4.17
CA ASP D 140 57.28 -11.28 2.82
C ASP D 140 56.15 -10.77 1.93
N GLY D 141 55.31 -9.89 2.47
CA GLY D 141 54.25 -9.24 1.71
C GLY D 141 52.90 -9.90 1.86
N SER D 142 52.85 -11.05 2.54
CA SER D 142 51.63 -11.83 2.59
C SER D 142 50.62 -11.17 3.53
N LEU D 143 49.35 -11.24 3.14
CA LEU D 143 48.26 -10.67 3.93
C LEU D 143 47.97 -11.58 5.13
N PHE D 144 47.66 -10.98 6.27
CA PHE D 144 47.37 -11.77 7.47
C PHE D 144 46.10 -12.64 7.34
N ALA D 145 45.16 -12.21 6.50
CA ALA D 145 43.85 -12.87 6.35
C ALA D 145 43.86 -14.00 5.32
N SER D 151 45.20 -9.31 -7.45
CA SER D 151 44.70 -8.17 -8.21
C SER D 151 43.25 -8.37 -8.58
N LEU D 152 42.43 -7.35 -8.31
CA LEU D 152 41.02 -7.36 -8.70
C LEU D 152 40.83 -7.09 -10.20
N GLY D 153 41.88 -6.63 -10.86
CA GLY D 153 41.79 -6.26 -12.25
C GLY D 153 40.85 -5.07 -12.38
N ARG D 154 39.99 -5.10 -13.39
CA ARG D 154 39.08 -3.99 -13.60
C ARG D 154 37.75 -4.36 -12.95
N SER D 155 37.59 -3.97 -11.69
CA SER D 155 36.33 -4.15 -10.96
C SER D 155 35.95 -2.87 -10.24
N THR D 156 34.69 -2.82 -9.78
CA THR D 156 34.16 -1.62 -9.11
C THR D 156 33.74 -1.98 -7.69
N LEU D 157 33.30 -0.96 -6.97
CA LEU D 157 32.73 -1.13 -5.62
C LEU D 157 31.66 -2.22 -5.53
N ALA D 158 30.85 -2.36 -6.57
CA ALA D 158 29.80 -3.38 -6.61
C ALA D 158 30.34 -4.81 -6.52
N GLU D 159 31.62 -5.00 -6.79
CA GLU D 159 32.25 -6.32 -6.78
C GLU D 159 32.92 -6.64 -5.44
N GLN D 160 32.75 -5.77 -4.44
CA GLN D 160 33.22 -6.08 -3.11
C GLN D 160 32.53 -7.37 -2.66
N ARG D 161 33.31 -8.37 -2.25
CA ARG D 161 32.74 -9.61 -1.75
C ARG D 161 33.21 -9.86 -0.33
N ALA D 162 34.38 -10.47 -0.13
CA ALA D 162 34.96 -10.54 1.22
C ALA D 162 35.29 -9.14 1.71
N GLN D 163 35.26 -8.96 3.02
CA GLN D 163 35.71 -7.71 3.60
C GLN D 163 37.26 -7.67 3.57
N PHE D 164 37.82 -6.80 2.74
CA PHE D 164 39.27 -6.61 2.72
C PHE D 164 39.71 -5.90 4.02
N PRO D 165 40.83 -6.31 4.63
CA PRO D 165 41.02 -5.95 6.05
C PRO D 165 41.67 -4.62 6.37
N TYR D 166 42.05 -3.84 5.37
CA TYR D 166 42.70 -2.58 5.61
C TYR D 166 42.47 -1.60 4.50
N ALA D 167 42.69 -0.33 4.85
CA ALA D 167 42.70 0.79 3.92
C ALA D 167 44.00 1.60 4.08
N TYR D 168 44.01 2.84 3.60
CA TYR D 168 45.19 3.65 3.59
C TYR D 168 45.01 4.99 4.32
N HIS D 169 46.12 5.43 4.87
CA HIS D 169 46.37 6.85 5.17
C HIS D 169 47.36 7.37 4.13
N PHE D 170 47.15 8.58 3.61
CA PHE D 170 48.10 9.16 2.67
C PHE D 170 48.05 10.67 2.55
N ASP D 171 49.13 11.22 2.01
CA ASP D 171 49.19 12.62 1.60
C ASP D 171 48.43 12.73 0.27
N ALA D 172 47.22 13.25 0.34
CA ALA D 172 46.35 13.32 -0.85
C ALA D 172 46.93 14.22 -1.96
N ASP D 173 47.67 15.25 -1.60
CA ASP D 173 48.36 16.06 -2.62
C ASP D 173 49.33 15.20 -3.42
N GLU D 174 50.07 14.33 -2.73
CA GLU D 174 51.02 13.45 -3.42
C GLU D 174 50.32 12.39 -4.26
N VAL D 175 49.18 11.89 -3.78
CA VAL D 175 48.42 10.92 -4.58
C VAL D 175 47.94 11.61 -5.86
N ALA D 176 47.47 12.85 -5.76
CA ALA D 176 47.01 13.61 -6.93
C ALA D 176 48.14 13.76 -7.91
N ARG D 177 49.32 14.11 -7.40
CA ARG D 177 50.49 14.27 -8.24
C ARG D 177 50.81 12.95 -8.95
N TYR D 178 50.81 11.87 -8.20
CA TYR D 178 51.09 10.56 -8.77
C TYR D 178 50.13 10.26 -9.91
N LEU D 179 48.83 10.48 -9.65
CA LEU D 179 47.79 10.15 -10.62
C LEU D 179 47.89 11.06 -11.83
N SER D 180 48.23 12.33 -11.61
CA SER D 180 48.43 13.27 -12.71
C SER D 180 49.48 12.75 -13.68
N GLU D 181 50.56 12.18 -13.15
CA GLU D 181 51.60 11.61 -14.00
C GLU D 181 51.09 10.41 -14.78
N TYR D 182 50.34 9.54 -14.09
CA TYR D 182 49.70 8.39 -14.72
C TYR D 182 48.80 8.83 -15.87
N ALA D 183 47.97 9.84 -15.61
CA ALA D 183 46.95 10.26 -16.56
C ALA D 183 47.58 10.95 -17.78
N ILE D 184 48.52 11.84 -17.52
CA ILE D 184 49.20 12.58 -18.59
C ILE D 184 49.99 11.60 -19.49
N ALA D 185 50.64 10.62 -18.88
CA ALA D 185 51.33 9.58 -19.62
C ALA D 185 50.39 8.83 -20.55
N ARG D 186 49.11 8.78 -20.22
CA ARG D 186 48.10 8.05 -21.01
C ARG D 186 47.30 8.94 -21.97
N GLY D 187 47.67 10.21 -22.06
CA GLY D 187 47.15 11.10 -23.12
C GLY D 187 46.30 12.24 -22.64
N VAL D 188 46.15 12.41 -21.35
CA VAL D 188 45.33 13.51 -20.83
C VAL D 188 46.06 14.83 -21.07
N ARG D 189 45.34 15.80 -21.62
CA ARG D 189 45.90 17.12 -21.88
C ARG D 189 45.80 17.97 -20.61
N HIS D 190 46.94 18.40 -20.10
CA HIS D 190 46.98 19.22 -18.91
C HIS D 190 47.09 20.69 -19.26
N VAL D 191 46.14 21.50 -18.77
CA VAL D 191 46.16 22.95 -18.96
C VAL D 191 46.19 23.65 -17.59
N VAL D 192 47.28 24.36 -17.32
CA VAL D 192 47.36 25.14 -16.10
C VAL D 192 47.01 26.60 -16.41
N ASP D 193 45.86 27.03 -15.93
CA ASP D 193 45.32 28.35 -16.25
C ASP D 193 44.10 28.57 -15.36
N ASP D 194 43.63 29.81 -15.35
CA ASP D 194 42.42 30.18 -14.62
C ASP D 194 41.23 30.24 -15.57
N VAL D 195 40.07 29.80 -15.09
CA VAL D 195 38.84 29.97 -15.85
C VAL D 195 38.26 31.36 -15.57
N GLN D 196 38.11 32.15 -16.63
CA GLN D 196 37.58 33.50 -16.54
C GLN D 196 36.06 33.47 -16.69
N HIS D 197 35.59 32.62 -17.59
CA HIS D 197 34.18 32.50 -17.89
C HIS D 197 33.87 31.07 -18.31
N VAL D 198 32.72 30.58 -17.88
CA VAL D 198 32.20 29.31 -18.34
C VAL D 198 31.05 29.60 -19.28
N GLY D 199 31.23 29.29 -20.56
CA GLY D 199 30.22 29.56 -21.56
C GLY D 199 29.03 28.61 -21.52
N GLN D 200 27.86 29.11 -21.92
CA GLN D 200 26.65 28.31 -22.04
C GLN D 200 25.98 28.55 -23.40
N ASP D 201 25.32 27.53 -23.92
CA ASP D 201 24.54 27.68 -25.15
C ASP D 201 23.11 28.11 -24.80
N GLU D 202 22.25 28.19 -25.82
CA GLU D 202 20.88 28.69 -25.62
C GLU D 202 20.01 27.78 -24.74
N ARG D 203 20.40 26.50 -24.64
CA ARG D 203 19.71 25.54 -23.79
C ARG D 203 20.25 25.54 -22.36
N GLY D 204 21.30 26.30 -22.09
CA GLY D 204 21.91 26.32 -20.76
C GLY D 204 22.95 25.21 -20.56
N TRP D 205 23.30 24.51 -21.64
CA TRP D 205 24.33 23.49 -21.55
C TRP D 205 25.69 24.17 -21.65
N ILE D 206 26.68 23.69 -20.92
CA ILE D 206 28.02 24.29 -20.98
C ILE D 206 28.65 24.09 -22.38
N SER D 207 29.11 25.17 -22.99
CA SER D 207 29.75 25.09 -24.30
C SER D 207 31.28 24.99 -24.20
N GLY D 208 31.85 25.60 -23.16
CA GLY D 208 33.29 25.64 -23.01
C GLY D 208 33.74 26.44 -21.82
N VAL D 209 35.01 26.31 -21.44
CA VAL D 209 35.59 27.15 -20.40
C VAL D 209 36.63 28.09 -21.01
N HIS D 210 36.52 29.36 -20.67
CA HIS D 210 37.35 30.41 -21.23
C HIS D 210 38.47 30.70 -20.25
N THR D 211 39.70 30.48 -20.71
CA THR D 211 40.89 30.57 -19.89
C THR D 211 41.61 31.85 -20.22
N LYS D 212 42.46 32.31 -19.30
CA LYS D 212 43.23 33.54 -19.48
C LYS D 212 44.18 33.51 -20.68
N GLN D 213 44.82 32.37 -20.92
CA GLN D 213 45.95 32.30 -21.86
C GLN D 213 45.87 31.14 -22.87
N HIS D 214 44.88 30.25 -22.71
CA HIS D 214 44.74 29.10 -23.61
C HIS D 214 43.45 29.16 -24.42
N GLY D 215 42.79 30.31 -24.40
CA GLY D 215 41.51 30.47 -25.10
C GLY D 215 40.40 29.59 -24.56
N GLU D 216 39.43 29.27 -25.41
CA GLU D 216 38.26 28.47 -25.01
C GLU D 216 38.59 26.99 -25.10
N ILE D 217 38.34 26.26 -24.01
CA ILE D 217 38.52 24.82 -23.99
C ILE D 217 37.14 24.19 -23.99
N SER D 218 36.77 23.66 -25.14
CA SER D 218 35.44 23.09 -25.35
C SER D 218 35.46 21.57 -25.21
N GLY D 219 34.30 20.99 -24.97
CA GLY D 219 34.14 19.54 -24.88
C GLY D 219 32.68 19.14 -24.87
N ASP D 220 32.43 17.85 -24.83
CA ASP D 220 31.05 17.34 -24.77
C ASP D 220 30.54 17.24 -23.34
N LEU D 221 31.34 16.64 -22.46
CA LEU D 221 31.00 16.48 -21.03
C LEU D 221 31.98 17.26 -20.16
N PHE D 222 31.45 17.97 -19.16
CA PHE D 222 32.24 18.75 -18.26
C PHE D 222 32.11 18.13 -16.87
N VAL D 223 33.25 17.93 -16.22
CA VAL D 223 33.32 17.47 -14.84
C VAL D 223 33.80 18.56 -13.91
N ASP D 224 32.96 18.88 -12.94
CA ASP D 224 33.23 19.95 -11.99
C ASP D 224 33.97 19.37 -10.84
N CYS D 225 35.29 19.63 -10.81
CA CYS D 225 36.15 19.28 -9.67
C CYS D 225 36.71 20.51 -9.00
N THR D 226 35.89 21.56 -8.88
CA THR D 226 36.35 22.84 -8.36
C THR D 226 36.16 22.99 -6.85
N GLY D 227 35.74 21.93 -6.18
CA GLY D 227 35.59 21.97 -4.74
C GLY D 227 34.36 22.76 -4.30
N PHE D 228 34.43 23.31 -3.09
CA PHE D 228 33.27 23.93 -2.45
C PHE D 228 32.69 25.06 -3.31
N ARG D 229 33.54 25.67 -4.14
CA ARG D 229 33.14 26.68 -5.13
C ARG D 229 31.92 26.29 -5.97
N GLY D 230 31.92 25.07 -6.49
CA GLY D 230 30.89 24.61 -7.40
C GLY D 230 30.79 25.50 -8.63
N LEU D 231 31.93 25.79 -9.24
CA LEU D 231 31.97 26.77 -10.34
C LEU D 231 31.03 26.42 -11.50
N LEU D 232 30.95 25.15 -11.86
CA LEU D 232 30.08 24.75 -12.94
C LEU D 232 28.69 24.40 -12.39
N ILE D 233 28.63 23.47 -11.45
CA ILE D 233 27.36 22.89 -11.04
C ILE D 233 26.46 23.89 -10.30
N ASN D 234 27.08 24.76 -9.50
CA ASN D 234 26.31 25.71 -8.68
C ASN D 234 26.32 27.09 -9.26
N GLN D 235 27.50 27.67 -9.45
CA GLN D 235 27.61 29.06 -9.93
C GLN D 235 27.14 29.24 -11.38
N THR D 236 27.43 28.27 -12.25
CA THR D 236 27.03 28.43 -13.67
C THR D 236 25.65 27.83 -13.94
N LEU D 237 25.42 26.59 -13.50
CA LEU D 237 24.15 25.92 -13.81
C LEU D 237 23.04 26.14 -12.77
N GLY D 238 23.34 26.79 -11.66
CA GLY D 238 22.30 27.14 -10.68
C GLY D 238 21.77 25.92 -9.93
N GLY D 239 22.60 24.90 -9.81
CA GLY D 239 22.22 23.72 -9.04
C GLY D 239 21.96 24.13 -7.60
N ARG D 240 20.95 23.51 -7.01
CA ARG D 240 20.58 23.81 -5.64
C ARG D 240 21.39 22.97 -4.69
N PHE D 241 21.97 23.60 -3.68
CA PHE D 241 22.74 22.86 -2.67
C PHE D 241 21.94 22.71 -1.38
N GLN D 242 21.83 21.47 -0.92
CA GLN D 242 21.11 21.13 0.28
C GLN D 242 22.10 21.06 1.44
N SER D 243 22.05 22.05 2.34
CA SER D 243 22.92 22.06 3.51
C SER D 243 22.46 21.06 4.57
N PHE D 244 23.39 20.41 5.28
CA PHE D 244 23.05 19.55 6.41
C PHE D 244 23.27 20.23 7.74
N SER D 245 23.44 21.54 7.74
CA SER D 245 23.82 22.21 9.00
C SER D 245 22.81 22.06 10.12
N ASP D 246 21.53 21.93 9.78
CA ASP D 246 20.46 21.68 10.76
C ASP D 246 20.61 20.39 11.59
N VAL D 247 21.17 19.33 10.99
CA VAL D 247 21.42 18.06 11.70
C VAL D 247 22.92 17.82 11.99
N LEU D 248 23.80 18.40 11.20
CA LEU D 248 25.27 18.22 11.40
C LEU D 248 25.90 19.61 11.36
N PRO D 249 25.94 20.30 12.52
CA PRO D 249 26.35 21.69 12.53
C PRO D 249 27.86 22.01 12.41
N ASN D 250 28.74 21.02 12.47
CA ASN D 250 30.17 21.27 12.30
C ASN D 250 30.45 21.93 10.94
N ASN D 251 31.05 23.12 10.97
CA ASN D 251 31.22 23.96 9.76
C ASN D 251 32.65 24.41 9.48
N ARG D 252 33.57 24.17 10.41
CA ARG D 252 34.97 24.54 10.25
C ARG D 252 35.91 23.49 10.78
N ALA D 253 37.18 23.64 10.38
CA ALA D 253 38.26 22.78 10.84
C ALA D 253 39.55 23.57 10.98
N VAL D 254 40.40 23.11 11.88
CA VAL D 254 41.76 23.59 11.98
C VAL D 254 42.69 22.38 12.04
N ALA D 255 43.76 22.39 11.27
CA ALA D 255 44.64 21.25 11.18
C ALA D 255 46.11 21.63 11.41
N LEU D 256 46.89 20.64 11.85
CA LEU D 256 48.31 20.77 12.14
C LEU D 256 49.00 19.50 11.68
N ARG D 257 50.20 19.65 11.12
CA ARG D 257 51.05 18.50 10.85
C ARG D 257 52.02 18.37 12.02
N VAL D 258 52.09 17.18 12.61
CA VAL D 258 52.99 16.94 13.72
C VAL D 258 54.01 15.83 13.42
N PRO D 259 55.29 16.20 13.23
CA PRO D 259 56.34 15.18 13.03
C PRO D 259 56.35 14.17 14.16
N ARG D 260 56.57 12.91 13.83
CA ARG D 260 56.56 11.86 14.84
C ARG D 260 58.00 11.66 15.34
N GLU D 261 58.22 11.82 16.64
CA GLU D 261 59.56 11.66 17.22
C GLU D 261 60.03 10.19 17.26
N ASN D 262 59.14 9.31 17.72
CA ASN D 262 59.46 7.88 17.84
C ASN D 262 58.71 7.09 16.77
N ASP D 263 59.45 6.49 15.83
CA ASP D 263 58.82 5.75 14.72
C ASP D 263 57.81 4.70 15.20
N GLU D 264 58.10 4.08 16.34
CA GLU D 264 57.31 2.96 16.83
C GLU D 264 55.95 3.41 17.42
N ASP D 265 55.76 4.71 17.54
CA ASP D 265 54.48 5.27 17.95
C ASP D 265 53.44 5.24 16.82
N MET D 266 53.86 4.95 15.60
CA MET D 266 52.94 4.95 14.44
C MET D 266 51.81 3.95 14.59
N ARG D 267 50.57 4.44 14.55
CA ARG D 267 49.35 3.60 14.71
C ARG D 267 48.79 3.14 13.37
N PRO D 268 48.35 1.87 13.28
CA PRO D 268 47.73 1.38 12.03
C PRO D 268 46.20 1.69 11.98
N TYR D 269 45.83 2.91 12.36
CA TYR D 269 44.46 3.29 12.41
C TYR D 269 44.29 4.79 12.55
N THR D 270 43.12 5.28 12.17
CA THR D 270 42.77 6.68 12.31
C THR D 270 42.19 6.83 13.72
N THR D 271 42.39 7.96 14.38
CA THR D 271 41.70 8.19 15.66
C THR D 271 40.71 9.34 15.49
N ALA D 272 39.51 9.19 16.06
CA ALA D 272 38.49 10.23 16.12
C ALA D 272 38.24 10.47 17.60
N THR D 273 38.73 11.59 18.09
CA THR D 273 38.68 11.91 19.52
C THR D 273 37.69 13.03 19.77
N ALA D 274 36.66 12.74 20.57
CA ALA D 274 35.64 13.74 20.88
C ALA D 274 36.30 14.87 21.66
N MET D 275 36.03 16.10 21.25
CA MET D 275 36.60 17.33 21.85
C MET D 275 35.48 18.19 22.47
N SER D 276 35.82 19.36 22.99
CA SER D 276 34.81 20.17 23.67
C SER D 276 33.62 20.61 22.80
N ALA D 277 33.87 20.86 21.52
CA ALA D 277 32.89 21.46 20.62
C ALA D 277 33.04 20.83 19.25
N GLY D 278 33.26 19.52 19.25
CA GLY D 278 33.47 18.74 18.01
C GLY D 278 34.35 17.54 18.27
N TRP D 279 35.16 17.16 17.29
CA TRP D 279 36.07 16.05 17.44
C TRP D 279 37.38 16.27 16.68
N MET D 280 38.38 15.48 17.01
CA MET D 280 39.73 15.60 16.40
C MET D 280 40.13 14.34 15.67
N TRP D 281 40.57 14.48 14.42
CA TRP D 281 41.16 13.35 13.71
C TRP D 281 42.68 13.27 13.98
N THR D 282 43.21 12.05 14.01
CA THR D 282 44.64 11.78 13.94
C THR D 282 44.83 10.80 12.80
N ILE D 283 45.51 11.24 11.74
CA ILE D 283 45.83 10.40 10.58
C ILE D 283 47.35 10.15 10.51
N PRO D 284 47.79 8.91 10.86
CA PRO D 284 49.23 8.60 10.86
C PRO D 284 49.81 8.39 9.45
N LEU D 285 50.77 9.23 9.08
CA LEU D 285 51.51 9.05 7.85
C LEU D 285 52.88 8.53 8.25
N PHE D 286 53.73 8.29 7.28
CA PHE D 286 54.95 7.53 7.54
C PHE D 286 55.89 8.23 8.54
N LYS D 287 56.00 9.55 8.50
CA LYS D 287 56.92 10.26 9.44
C LYS D 287 56.26 11.37 10.25
N ARG D 288 54.94 11.44 10.20
CA ARG D 288 54.21 12.48 10.89
C ARG D 288 52.78 12.06 11.04
N ASP D 289 52.10 12.68 11.99
CA ASP D 289 50.64 12.58 12.09
C ASP D 289 50.02 13.87 11.57
N GLY D 290 48.92 13.73 10.85
CA GLY D 290 48.03 14.83 10.58
C GLY D 290 46.95 14.84 11.67
N ASN D 291 46.74 16.01 12.30
CA ASN D 291 45.73 16.19 13.32
C ASN D 291 44.80 17.35 12.93
N GLY D 292 43.50 17.18 13.07
CA GLY D 292 42.57 18.23 12.73
C GLY D 292 41.38 18.22 13.65
N TYR D 293 40.99 19.42 14.10
CA TYR D 293 39.81 19.62 14.93
C TYR D 293 38.67 20.10 14.07
N VAL D 294 37.64 19.27 13.94
CA VAL D 294 36.39 19.60 13.24
C VAL D 294 35.42 20.16 14.29
N TYR D 295 34.89 21.35 14.06
CA TYR D 295 34.04 21.99 15.09
C TYR D 295 32.93 22.84 14.51
N SER D 296 32.01 23.25 15.37
CA SER D 296 30.99 24.23 15.00
C SER D 296 31.34 25.59 15.60
N ASP D 297 31.40 26.61 14.75
CA ASP D 297 31.77 27.95 15.18
C ASP D 297 30.67 28.64 15.96
N GLU D 298 29.48 28.03 16.01
CA GLU D 298 28.46 28.47 16.92
C GLU D 298 28.85 28.21 18.37
N PHE D 299 29.72 27.25 18.62
CA PHE D 299 30.05 26.83 19.98
C PHE D 299 31.47 27.13 20.43
N ILE D 300 32.38 27.35 19.50
CA ILE D 300 33.78 27.68 19.85
C ILE D 300 34.32 28.50 18.71
N SER D 301 35.18 29.47 19.02
CA SER D 301 35.77 30.32 17.98
C SER D 301 36.96 29.62 17.32
N PRO D 302 37.33 30.06 16.11
CA PRO D 302 38.50 29.45 15.47
C PRO D 302 39.77 29.62 16.29
N GLU D 303 39.91 30.76 16.98
CA GLU D 303 41.08 31.01 17.82
C GLU D 303 41.11 30.02 19.00
N GLU D 304 39.95 29.83 19.62
CA GLU D 304 39.81 28.87 20.72
C GLU D 304 40.02 27.41 20.23
N ALA D 305 39.51 27.13 19.04
CA ALA D 305 39.64 25.79 18.44
C ALA D 305 41.12 25.46 18.23
N GLU D 306 41.87 26.40 17.63
CA GLU D 306 43.31 26.20 17.42
C GLU D 306 44.04 25.99 18.77
N ARG D 307 43.69 26.77 19.79
CA ARG D 307 44.31 26.60 21.12
C ARG D 307 44.06 25.20 21.69
N GLU D 308 42.84 24.70 21.56
CA GLU D 308 42.48 23.37 22.07
C GLU D 308 43.20 22.26 21.31
N LEU D 309 43.25 22.38 19.99
CA LEU D 309 44.01 21.43 19.18
C LEU D 309 45.49 21.41 19.61
N ARG D 310 46.11 22.59 19.67
CA ARG D 310 47.53 22.65 20.03
C ARG D 310 47.82 22.06 21.41
N SER D 311 47.00 22.40 22.40
CA SER D 311 47.16 21.83 23.73
C SER D 311 47.02 20.31 23.76
N THR D 312 46.22 19.78 22.85
CA THR D 312 45.97 18.35 22.82
C THR D 312 47.09 17.57 22.12
N VAL D 313 47.62 18.08 21.01
CA VAL D 313 48.58 17.30 20.22
C VAL D 313 50.01 17.87 20.07
N ALA D 314 50.21 19.16 20.33
CA ALA D 314 51.52 19.77 20.12
C ALA D 314 51.69 21.08 20.91
N PRO D 315 51.54 21.00 22.22
CA PRO D 315 51.70 22.22 23.02
C PRO D 315 53.11 22.82 22.90
N GLY D 316 53.19 24.14 22.85
CA GLY D 316 54.47 24.84 22.68
C GLY D 316 55.19 24.58 21.37
N ARG D 317 54.44 24.33 20.29
CA ARG D 317 55.02 24.09 18.98
C ARG D 317 54.52 25.14 18.01
N ASP D 318 54.82 26.40 18.31
CA ASP D 318 54.41 27.50 17.44
C ASP D 318 55.24 27.55 16.15
N ASP D 319 56.31 26.76 16.09
CA ASP D 319 56.96 26.48 14.81
C ASP D 319 56.04 25.75 13.82
N LEU D 320 54.98 25.10 14.31
CA LEU D 320 54.05 24.38 13.40
C LEU D 320 52.86 25.25 13.04
N GLU D 321 52.61 25.39 11.73
CA GLU D 321 51.58 26.30 11.25
C GLU D 321 50.22 25.59 11.28
N ALA D 322 49.21 26.26 11.83
CA ALA D 322 47.83 25.77 11.79
C ALA D 322 47.17 26.20 10.50
N ASN D 323 46.38 25.32 9.89
CA ASN D 323 45.58 25.70 8.74
C ASN D 323 44.09 25.63 9.06
N HIS D 324 43.41 26.73 8.77
CA HIS D 324 41.99 26.93 9.06
C HIS D 324 41.20 26.80 7.78
N ILE D 325 40.08 26.09 7.88
CA ILE D 325 39.23 25.77 6.75
C ILE D 325 37.77 26.00 7.13
N GLN D 326 36.99 26.58 6.21
CA GLN D 326 35.51 26.58 6.26
C GLN D 326 35.00 25.45 5.35
N MET D 327 34.04 24.68 5.83
CA MET D 327 33.51 23.53 5.09
C MET D 327 32.09 23.85 4.57
N ARG D 328 31.77 23.39 3.36
CA ARG D 328 30.40 23.41 2.85
C ARG D 328 29.80 22.01 3.02
N ILE D 329 28.98 21.84 4.05
CA ILE D 329 28.42 20.53 4.44
C ILE D 329 27.02 20.31 3.83
N GLY D 330 26.86 19.22 3.10
CA GLY D 330 25.62 18.84 2.46
C GLY D 330 25.82 18.21 1.08
N ARG D 331 24.81 18.30 0.22
CA ARG D 331 24.93 17.83 -1.14
C ARG D 331 24.14 18.64 -2.15
N ASN D 332 24.61 18.61 -3.41
CA ASN D 332 23.80 19.12 -4.47
C ASN D 332 22.56 18.25 -4.60
N GLU D 333 21.43 18.89 -4.87
CA GLU D 333 20.22 18.11 -5.11
C GLU D 333 20.43 17.18 -6.30
N ARG D 334 21.04 17.71 -7.35
CA ARG D 334 21.47 16.90 -8.50
C ARG D 334 22.95 17.17 -8.76
N THR D 335 23.76 16.11 -8.83
CA THR D 335 25.19 16.27 -9.12
C THR D 335 25.45 16.24 -10.61
N TRP D 336 24.47 15.83 -11.41
CA TRP D 336 24.57 15.85 -12.86
C TRP D 336 23.42 16.68 -13.38
N ILE D 337 23.75 17.80 -14.01
CA ILE D 337 22.80 18.67 -14.64
C ILE D 337 23.29 18.90 -16.07
N ASN D 338 22.39 18.78 -17.05
CA ASN D 338 22.74 18.96 -18.45
C ASN D 338 24.01 18.14 -18.78
N ASN D 339 25.05 18.79 -19.31
CA ASN D 339 26.28 18.08 -19.66
C ASN D 339 27.40 18.28 -18.63
N CYS D 340 27.01 18.48 -17.37
CA CYS D 340 27.96 18.73 -16.28
C CYS D 340 27.73 17.80 -15.09
N VAL D 341 28.79 17.12 -14.66
CA VAL D 341 28.76 16.23 -13.51
C VAL D 341 29.78 16.66 -12.45
N ALA D 342 29.32 16.85 -11.21
CA ALA D 342 30.22 17.23 -10.15
C ALA D 342 30.81 16.02 -9.49
N VAL D 343 32.11 16.10 -9.20
CA VAL D 343 32.79 15.00 -8.51
C VAL D 343 33.63 15.61 -7.39
N GLY D 344 33.48 15.07 -6.19
CA GLY D 344 34.17 15.56 -5.00
C GLY D 344 33.41 16.61 -4.20
N LEU D 345 34.16 17.54 -3.63
CA LEU D 345 33.57 18.57 -2.78
C LEU D 345 32.53 19.43 -3.48
N SER D 346 32.65 19.60 -4.81
CA SER D 346 31.65 20.32 -5.59
C SER D 346 30.28 19.65 -5.57
N ALA D 347 30.27 18.32 -5.44
CA ALA D 347 29.06 17.52 -5.47
C ALA D 347 28.46 17.45 -4.07
N ALA D 348 29.31 17.14 -3.10
CA ALA D 348 28.87 16.87 -1.72
C ALA D 348 30.03 16.74 -0.75
N PHE D 349 29.75 17.01 0.52
CA PHE D 349 30.77 16.85 1.55
C PHE D 349 30.12 16.70 2.90
N VAL D 350 30.63 15.76 3.66
CA VAL D 350 30.32 15.63 5.09
C VAL D 350 31.66 15.64 5.84
N GLU D 351 31.62 16.02 7.11
CA GLU D 351 32.80 15.95 7.95
C GLU D 351 33.43 14.56 7.86
N PRO D 352 34.78 14.49 7.93
CA PRO D 352 35.46 13.23 7.68
C PRO D 352 35.45 12.24 8.87
N LEU D 353 34.34 12.18 9.59
CA LEU D 353 34.23 11.35 10.77
C LEU D 353 34.26 9.85 10.47
N GLU D 354 33.90 9.47 9.26
CA GLU D 354 34.00 8.07 8.85
C GLU D 354 34.76 7.95 7.54
N SER D 355 35.66 8.90 7.28
CA SER D 355 36.63 8.80 6.19
C SER D 355 35.96 8.57 4.84
N THR D 356 34.96 9.40 4.52
CA THR D 356 34.13 9.19 3.34
C THR D 356 34.54 9.97 2.07
N GLY D 357 35.52 10.88 2.16
CA GLY D 357 35.80 11.80 1.04
C GLY D 357 36.25 11.16 -0.24
N ILE D 358 37.24 10.26 -0.14
CA ILE D 358 37.74 9.52 -1.30
C ILE D 358 36.69 8.55 -1.84
N PHE D 359 35.97 7.88 -0.95
CA PHE D 359 34.83 7.01 -1.34
C PHE D 359 33.78 7.77 -2.16
N PHE D 360 33.44 9.00 -1.77
CA PHE D 360 32.41 9.73 -2.52
C PHE D 360 32.93 10.03 -3.92
N ILE D 361 34.21 10.37 -4.03
CA ILE D 361 34.84 10.58 -5.34
C ILE D 361 34.83 9.28 -6.14
N GLN D 362 35.30 8.21 -5.53
CA GLN D 362 35.39 6.92 -6.24
C GLN D 362 34.04 6.46 -6.78
N HIS D 363 33.03 6.45 -5.93
CA HIS D 363 31.70 6.04 -6.35
C HIS D 363 31.13 6.90 -7.49
N ALA D 364 31.32 8.23 -7.38
CA ALA D 364 30.85 9.15 -8.40
C ALA D 364 31.50 8.91 -9.77
N ILE D 365 32.78 8.55 -9.75
CA ILE D 365 33.56 8.29 -10.95
C ILE D 365 33.19 6.94 -11.52
N GLU D 366 33.10 5.93 -10.67
CA GLU D 366 32.77 4.58 -11.13
C GLU D 366 31.37 4.56 -11.73
N GLN D 367 30.46 5.30 -11.07
CA GLN D 367 29.09 5.41 -11.59
C GLN D 367 28.97 6.32 -12.79
N LEU D 368 29.89 7.27 -12.94
CA LEU D 368 29.90 8.07 -14.17
C LEU D 368 30.24 7.21 -15.39
N VAL D 369 31.20 6.30 -15.20
CA VAL D 369 31.51 5.33 -16.25
C VAL D 369 30.29 4.45 -16.54
N LYS D 370 29.68 3.93 -15.49
CA LYS D 370 28.50 3.10 -15.69
C LYS D 370 27.33 3.86 -16.33
N HIS D 371 27.20 5.16 -16.03
CA HIS D 371 26.13 5.98 -16.57
C HIS D 371 26.64 6.92 -17.66
N PHE D 372 27.75 6.57 -18.32
CA PHE D 372 28.39 7.48 -19.28
C PHE D 372 27.39 7.79 -20.42
N PRO D 373 27.31 9.05 -20.86
CA PRO D 373 26.25 9.39 -21.81
C PRO D 373 26.62 9.06 -23.24
N GLY D 374 25.60 8.85 -24.04
CA GLY D 374 25.73 8.87 -25.48
C GLY D 374 25.36 10.24 -26.01
N GLU D 375 25.39 10.38 -27.33
CA GLU D 375 25.01 11.63 -27.97
C GLU D 375 23.53 12.01 -27.72
N ARG D 376 22.68 11.03 -27.35
CA ARG D 376 21.27 11.31 -27.04
C ARG D 376 21.08 11.84 -25.61
N TRP D 377 22.11 11.74 -24.76
CA TRP D 377 22.01 12.25 -23.39
C TRP D 377 20.69 11.81 -22.72
N ASP D 378 20.46 10.50 -22.72
CA ASP D 378 19.29 9.88 -22.10
C ASP D 378 19.03 10.45 -20.70
N PRO D 379 17.88 11.13 -20.50
CA PRO D 379 17.62 11.67 -19.15
C PRO D 379 17.33 10.60 -18.09
N VAL D 380 16.89 9.41 -18.50
CA VAL D 380 16.58 8.36 -17.53
C VAL D 380 17.89 7.85 -16.91
N LEU D 381 18.92 7.74 -17.74
CA LEU D 381 20.22 7.31 -17.28
C LEU D 381 20.78 8.36 -16.34
N ILE D 382 20.67 9.64 -16.71
CA ILE D 382 21.10 10.75 -15.85
C ILE D 382 20.30 10.80 -14.51
N SER D 383 19.00 10.65 -14.61
CA SER D 383 18.18 10.57 -13.39
C SER D 383 18.64 9.47 -12.42
N ALA D 384 18.91 8.29 -12.96
CA ALA D 384 19.39 7.17 -12.16
C ALA D 384 20.69 7.46 -11.43
N TYR D 385 21.60 8.13 -12.11
CA TYR D 385 22.88 8.54 -11.51
C TYR D 385 22.69 9.50 -10.34
N ASN D 386 21.87 10.49 -10.55
CA ASN D 386 21.54 11.46 -9.51
C ASN D 386 20.95 10.79 -8.29
N GLU D 387 20.05 9.81 -8.51
CA GLU D 387 19.38 9.14 -7.40
C GLU D 387 20.40 8.34 -6.55
N ARG D 388 21.29 7.61 -7.21
CA ARG D 388 22.36 6.87 -6.56
C ARG D 388 23.25 7.80 -5.74
N MET D 389 23.60 8.94 -6.32
CA MET D 389 24.52 9.84 -5.64
C MET D 389 23.83 10.42 -4.40
N ALA D 390 22.54 10.69 -4.52
CA ALA D 390 21.78 11.27 -3.42
C ALA D 390 21.68 10.29 -2.25
N HIS D 391 21.36 9.02 -2.55
CA HIS D 391 21.27 7.98 -1.51
C HIS D 391 22.60 7.69 -0.82
N MET D 392 23.67 7.72 -1.60
CA MET D 392 25.03 7.55 -1.08
C MET D 392 25.25 8.53 0.09
N VAL D 393 25.03 9.81 -0.17
CA VAL D 393 25.32 10.83 0.84
C VAL D 393 24.30 10.86 1.95
N ASP D 394 23.02 10.70 1.59
CA ASP D 394 21.94 10.68 2.61
C ASP D 394 22.07 9.53 3.60
N GLY D 395 22.46 8.35 3.12
CA GLY D 395 22.77 7.25 4.03
C GLY D 395 23.90 7.56 5.00
N VAL D 396 24.97 8.15 4.49
CA VAL D 396 26.10 8.58 5.33
C VAL D 396 25.65 9.68 6.30
N LYS D 397 24.79 10.57 5.83
CA LYS D 397 24.20 11.61 6.70
C LYS D 397 23.53 11.00 7.91
N GLU D 398 22.65 10.02 7.68
CA GLU D 398 21.97 9.32 8.80
C GLU D 398 22.95 8.63 9.73
N PHE D 399 23.89 7.88 9.14
CA PHE D 399 24.90 7.17 9.95
C PHE D 399 25.68 8.17 10.83
N LEU D 400 26.05 9.30 10.26
CA LEU D 400 26.82 10.28 11.03
C LEU D 400 26.01 10.90 12.15
N VAL D 401 24.75 11.24 11.90
CA VAL D 401 23.94 11.79 12.96
C VAL D 401 23.82 10.79 14.10
N LEU D 402 23.72 9.49 13.77
CA LEU D 402 23.71 8.43 14.79
C LEU D 402 24.95 8.47 15.71
N HIS D 403 26.09 8.90 15.17
CA HIS D 403 27.30 9.06 16.02
C HIS D 403 27.00 10.09 17.11
N TYR D 404 26.43 11.22 16.70
CA TYR D 404 26.19 12.26 17.67
C TYR D 404 25.08 11.88 18.64
N LYS D 405 24.08 11.13 18.18
CA LYS D 405 23.00 10.68 19.05
C LYS D 405 23.43 9.57 20.03
N GLY D 406 24.35 8.71 19.60
CA GLY D 406 24.89 7.66 20.47
C GLY D 406 25.87 8.17 21.52
N ALA D 407 26.59 9.24 21.18
CA ALA D 407 27.62 9.77 22.07
C ALA D 407 26.96 10.10 23.43
N GLN D 408 27.48 9.59 24.54
CA GLN D 408 26.79 9.80 25.85
C GLN D 408 27.22 11.04 26.62
N ARG D 409 28.34 11.63 26.23
CA ARG D 409 28.84 12.77 26.96
C ARG D 409 27.90 13.95 26.81
N GLU D 410 27.80 14.73 27.89
CA GLU D 410 26.84 15.82 28.01
C GLU D 410 27.45 17.00 28.79
N ASP D 411 28.76 17.19 28.66
CA ASP D 411 29.56 18.00 29.59
C ASP D 411 29.78 19.45 29.15
N THR D 412 29.52 19.74 27.87
CA THR D 412 29.64 21.09 27.33
C THR D 412 28.37 21.49 26.59
N PRO D 413 28.15 22.81 26.38
CA PRO D 413 27.02 23.24 25.58
C PRO D 413 26.85 22.45 24.26
N TYR D 414 27.96 22.18 23.59
CA TYR D 414 27.93 21.52 22.30
C TYR D 414 27.32 20.14 22.41
N TRP D 415 27.76 19.39 23.43
CA TRP D 415 27.31 18.00 23.56
C TRP D 415 25.88 17.94 24.08
N LYS D 416 25.48 18.93 24.86
CA LYS D 416 24.08 19.03 25.32
C LYS D 416 23.15 19.31 24.14
N ALA D 417 23.59 20.20 23.24
CA ALA D 417 22.87 20.56 22.02
C ALA D 417 22.74 19.39 21.06
N ALA D 418 23.79 18.59 20.99
CA ALA D 418 23.77 17.36 20.19
C ALA D 418 22.63 16.44 20.61
N LYS D 419 22.32 16.37 21.91
CA LYS D 419 21.28 15.46 22.42
C LYS D 419 19.87 15.82 21.90
N THR D 420 19.57 17.11 21.77
CA THR D 420 18.24 17.56 21.44
C THR D 420 18.09 18.10 20.00
N ARG D 421 19.16 18.04 19.22
CA ARG D 421 19.14 18.59 17.87
C ARG D 421 18.27 17.72 16.97
N ALA D 422 17.61 18.36 16.02
CA ALA D 422 16.83 17.67 14.99
C ALA D 422 17.65 16.61 14.30
N MET D 423 16.97 15.58 13.83
CA MET D 423 17.63 14.53 13.08
C MET D 423 16.88 14.19 11.81
N PRO D 424 17.56 13.50 10.88
CA PRO D 424 16.80 13.11 9.69
C PRO D 424 15.67 12.17 10.09
N ASP D 425 14.53 12.29 9.41
CA ASP D 425 13.33 11.54 9.78
C ASP D 425 13.50 10.00 9.84
N GLY D 426 14.30 9.40 8.96
CA GLY D 426 14.50 7.94 8.98
C GLY D 426 15.24 7.40 10.20
N LEU D 427 15.87 8.28 10.97
CA LEU D 427 16.65 7.83 12.10
C LEU D 427 15.80 7.44 13.31
N ALA D 428 14.62 8.08 13.49
CA ALA D 428 13.77 7.79 14.67
C ALA D 428 13.49 6.30 14.74
N ARG D 429 13.08 5.72 13.63
CA ARG D 429 12.76 4.28 13.59
C ARG D 429 13.97 3.43 13.99
N LYS D 430 15.13 3.81 13.47
CA LYS D 430 16.35 3.06 13.69
C LYS D 430 16.70 3.12 15.17
N LEU D 431 16.54 4.30 15.80
CA LEU D 431 16.74 4.43 17.25
C LEU D 431 15.74 3.64 18.10
N GLU D 432 14.47 3.65 17.69
CA GLU D 432 13.41 2.89 18.39
C GLU D 432 13.71 1.37 18.30
N LEU D 433 14.10 0.92 17.12
CA LEU D 433 14.51 -0.48 16.98
C LEU D 433 15.72 -0.83 17.86
N SER D 434 16.66 0.10 17.95
CA SER D 434 17.97 -0.19 18.53
C SER D 434 17.85 -0.30 20.05
N ALA D 435 16.79 0.26 20.61
CA ALA D 435 16.49 0.18 22.07
C ALA D 435 16.04 -1.22 22.43
N SER D 436 15.57 -1.95 21.41
CA SER D 436 14.97 -3.26 21.58
C SER D 436 15.89 -4.36 21.12
N HIS D 437 16.47 -4.21 19.94
CA HIS D 437 17.38 -5.21 19.39
C HIS D 437 18.33 -4.60 18.37
N LEU D 438 19.35 -5.35 17.95
CA LEU D 438 20.32 -4.82 17.03
C LEU D 438 19.73 -4.61 15.64
N LEU D 439 20.17 -3.54 14.99
CA LEU D 439 19.84 -3.35 13.61
C LEU D 439 20.41 -4.46 12.76
N ASP D 440 19.82 -4.67 11.60
CA ASP D 440 20.35 -5.64 10.66
C ASP D 440 20.21 -5.16 9.23
N GLU D 441 20.49 -6.06 8.29
CA GLU D 441 20.52 -5.69 6.89
C GLU D 441 19.23 -5.06 6.41
N GLN D 442 18.13 -5.47 7.02
CA GLN D 442 16.82 -4.99 6.61
C GLN D 442 16.38 -3.69 7.30
N THR D 443 17.13 -3.25 8.31
CA THR D 443 16.73 -2.06 9.08
C THR D 443 17.73 -0.89 9.12
N ILE D 444 18.93 -1.07 8.59
CA ILE D 444 19.81 0.08 8.35
C ILE D 444 19.33 0.81 7.09
N TYR D 445 20.03 1.88 6.73
CA TYR D 445 19.69 2.60 5.53
C TYR D 445 19.76 1.62 4.35
N PRO D 446 18.68 1.56 3.56
CA PRO D 446 18.47 0.47 2.61
C PRO D 446 19.12 0.59 1.23
N TYR D 447 19.72 1.72 0.90
CA TYR D 447 20.38 1.93 -0.39
C TYR D 447 21.87 2.05 -0.15
N TYR D 448 22.64 1.84 -1.20
CA TYR D 448 24.11 1.79 -1.04
C TYR D 448 24.65 3.10 -0.51
N HIS D 449 25.37 3.02 0.59
CA HIS D 449 25.96 4.23 1.16
C HIS D 449 27.36 4.00 1.73
N GLY D 450 27.99 2.89 1.37
CA GLY D 450 29.34 2.58 1.72
C GLY D 450 29.53 1.84 3.04
N PHE D 451 28.44 1.66 3.81
CA PHE D 451 28.50 0.97 5.08
C PHE D 451 27.47 -0.13 5.14
N GLU D 452 27.84 -1.17 5.86
CA GLU D 452 27.07 -2.39 6.05
C GLU D 452 26.60 -2.47 7.48
N THR D 453 25.83 -3.50 7.78
CA THR D 453 25.23 -3.68 9.10
C THR D 453 26.23 -3.64 10.25
N TYR D 454 27.35 -4.37 10.15
CA TYR D 454 28.29 -4.34 11.26
C TYR D 454 28.74 -2.91 11.65
N SER D 455 28.89 -2.01 10.69
CA SER D 455 29.32 -0.64 10.98
C SER D 455 28.27 0.05 11.85
N TRP D 456 26.98 -0.11 11.50
CA TRP D 456 25.88 0.53 12.23
C TRP D 456 25.84 0.01 13.67
N ILE D 457 25.90 -1.30 13.80
CA ILE D 457 25.81 -1.84 15.16
C ILE D 457 27.05 -1.61 16.00
N THR D 458 28.22 -1.56 15.34
CA THR D 458 29.48 -1.31 16.08
C THR D 458 29.50 0.10 16.66
N MET D 459 29.05 1.09 15.89
CA MET D 459 28.93 2.43 16.43
C MET D 459 27.92 2.50 17.57
N ASN D 460 26.75 1.85 17.40
CA ASN D 460 25.76 1.83 18.48
C ASN D 460 26.32 1.22 19.75
N LEU D 461 26.86 0.01 19.67
CA LEU D 461 27.33 -0.64 20.85
C LEU D 461 28.55 0.05 21.45
N GLY D 462 29.41 0.62 20.61
CA GLY D 462 30.58 1.36 21.10
C GLY D 462 30.18 2.61 21.86
N LEU D 463 29.21 3.34 21.31
CA LEU D 463 28.85 4.63 21.85
C LEU D 463 27.92 4.49 23.03
N GLY D 464 27.09 3.45 23.01
CA GLY D 464 26.16 3.20 24.10
C GLY D 464 24.69 3.06 23.78
N ILE D 465 24.33 2.90 22.50
CA ILE D 465 22.91 2.60 22.16
C ILE D 465 22.80 1.09 22.10
N VAL D 466 22.45 0.49 23.25
CA VAL D 466 22.48 -0.94 23.47
C VAL D 466 21.07 -1.47 23.74
N PRO D 467 20.73 -2.67 23.21
CA PRO D 467 19.40 -3.17 23.48
C PRO D 467 19.18 -3.39 24.99
N GLU D 468 17.95 -3.18 25.42
CA GLU D 468 17.58 -3.28 26.83
C GLU D 468 17.99 -4.64 27.38
N ARG D 469 17.73 -5.68 26.59
CA ARG D 469 18.07 -7.04 26.93
C ARG D 469 18.56 -7.74 25.67
N PRO D 470 19.28 -8.87 25.83
CA PRO D 470 19.72 -9.63 24.65
C PRO D 470 18.54 -10.29 23.93
N ARG D 471 18.78 -10.77 22.72
CA ARG D 471 17.73 -11.44 21.93
C ARG D 471 17.22 -12.60 22.66
N PRO D 472 15.89 -12.64 22.89
CA PRO D 472 15.36 -13.71 23.70
C PRO D 472 15.71 -15.12 23.21
N ALA D 473 15.78 -15.29 21.90
CA ALA D 473 16.06 -16.63 21.35
C ALA D 473 17.35 -17.21 21.91
N LEU D 474 18.31 -16.35 22.23
CA LEU D 474 19.62 -16.85 22.64
C LEU D 474 19.55 -17.60 23.95
N LEU D 475 18.60 -17.25 24.81
CA LEU D 475 18.49 -17.91 26.09
C LEU D 475 17.98 -19.33 25.96
N HIS D 476 17.42 -19.66 24.81
CA HIS D 476 16.91 -21.01 24.55
C HIS D 476 17.95 -21.89 23.83
N MET D 477 19.14 -21.33 23.54
CA MET D 477 20.11 -21.98 22.66
C MET D 477 21.40 -22.40 23.41
N ASP D 478 22.03 -23.45 22.91
CA ASP D 478 23.31 -23.90 23.44
C ASP D 478 24.37 -22.82 23.19
N PRO D 479 24.98 -22.30 24.27
CA PRO D 479 25.96 -21.24 24.08
C PRO D 479 27.37 -21.75 23.74
N ALA D 480 27.61 -23.06 23.75
CA ALA D 480 28.98 -23.57 23.50
C ALA D 480 29.61 -23.08 22.18
N PRO D 481 28.88 -23.21 21.07
CA PRO D 481 29.44 -22.77 19.77
C PRO D 481 29.92 -21.33 19.80
N ALA D 482 29.12 -20.43 20.38
CA ALA D 482 29.50 -19.03 20.49
C ALA D 482 30.71 -18.86 21.40
N LEU D 483 30.70 -19.53 22.55
CA LEU D 483 31.84 -19.42 23.45
C LEU D 483 33.11 -19.94 22.81
N ALA D 484 32.99 -21.01 22.02
CA ALA D 484 34.13 -21.52 21.26
C ALA D 484 34.65 -20.52 20.21
N GLU D 485 33.74 -19.80 19.56
CA GLU D 485 34.16 -18.79 18.58
C GLU D 485 34.83 -17.59 19.25
N PHE D 486 34.32 -17.17 20.41
CA PHE D 486 34.97 -16.09 21.17
C PHE D 486 36.41 -16.53 21.47
N GLU D 487 36.57 -17.81 21.80
CA GLU D 487 37.87 -18.35 22.19
C GLU D 487 38.82 -18.40 21.00
N ARG D 488 38.32 -18.85 19.84
CA ARG D 488 39.07 -18.76 18.56
C ARG D 488 39.55 -17.34 18.23
N LEU D 489 38.66 -16.37 18.38
CA LEU D 489 39.02 -14.97 18.10
C LEU D 489 40.20 -14.50 19.00
N ARG D 490 40.13 -14.84 20.28
CA ARG D 490 41.19 -14.47 21.22
C ARG D 490 42.52 -15.14 20.83
N ARG D 491 42.48 -16.45 20.60
CA ARG D 491 43.67 -17.22 20.25
C ARG D 491 44.26 -16.81 18.88
N GLU D 492 43.40 -16.60 17.88
CA GLU D 492 43.87 -16.09 16.59
C GLU D 492 44.55 -14.72 16.74
N GLY D 493 43.91 -13.84 17.52
CA GLY D 493 44.53 -12.57 17.90
C GLY D 493 45.92 -12.75 18.49
N ASP D 494 46.06 -13.69 19.43
CA ASP D 494 47.34 -13.94 20.08
C ASP D 494 48.39 -14.35 19.07
N GLU D 495 48.03 -15.30 18.21
CA GLU D 495 48.97 -15.80 17.22
C GLU D 495 49.41 -14.67 16.26
N LEU D 496 48.45 -13.90 15.77
CA LEU D 496 48.71 -12.81 14.82
C LEU D 496 49.60 -11.68 15.39
N ILE D 497 49.42 -11.32 16.66
CA ILE D 497 50.22 -10.23 17.22
C ILE D 497 51.67 -10.68 17.44
N ALA D 498 51.84 -11.97 17.70
CA ALA D 498 53.18 -12.56 17.82
C ALA D 498 53.84 -12.72 16.45
N ALA D 499 53.07 -12.96 15.40
CA ALA D 499 53.64 -13.26 14.08
C ALA D 499 53.87 -12.04 13.22
N LEU D 500 53.01 -11.04 13.33
CA LEU D 500 53.06 -9.88 12.44
C LEU D 500 54.09 -8.85 12.89
N PRO D 501 54.66 -8.11 11.92
CA PRO D 501 55.53 -6.98 12.26
C PRO D 501 54.70 -5.77 12.69
N SER D 502 55.37 -4.73 13.15
CA SER D 502 54.65 -3.50 13.47
C SER D 502 54.29 -2.75 12.20
N CYS D 503 53.36 -1.82 12.37
CA CYS D 503 52.97 -0.92 11.29
C CYS D 503 54.21 -0.22 10.71
N TYR D 504 55.01 0.38 11.59
CA TYR D 504 56.21 1.06 11.11
C TYR D 504 57.19 0.12 10.43
N GLU D 505 57.42 -1.04 11.03
CA GLU D 505 58.39 -2.00 10.48
C GLU D 505 58.03 -2.41 9.06
N TYR D 506 56.74 -2.76 8.87
CA TYR D 506 56.34 -3.19 7.53
C TYR D 506 56.49 -2.05 6.52
N LEU D 507 56.11 -0.85 6.92
CA LEU D 507 56.23 0.29 6.02
C LEU D 507 57.69 0.65 5.74
N ALA D 508 58.53 0.61 6.76
CA ALA D 508 59.97 0.79 6.53
C ALA D 508 60.44 -0.19 5.45
N SER D 509 59.93 -1.42 5.50
CA SER D 509 60.37 -2.49 4.60
C SER D 509 59.92 -2.36 3.15
N ILE D 510 58.97 -1.46 2.86
CA ILE D 510 58.55 -1.22 1.47
C ILE D 510 58.97 0.14 0.92
N GLN D 511 59.66 0.96 1.70
CA GLN D 511 60.17 2.24 1.19
C GLN D 511 61.19 2.01 0.08
N TRP E . -32.61 -0.46 -0.75
CA TRP E . -33.77 -0.76 -1.64
C TRP E . -34.90 0.22 -1.35
O TRP E . -36.00 0.08 -1.92
CB TRP E . -34.23 -2.20 -1.45
CG TRP E . -34.82 -2.56 -0.10
CD1 TRP E . -34.84 -1.80 1.02
CD2 TRP E . -35.47 -3.77 0.23
NE1 TRP E . -35.45 -2.49 2.06
CE2 TRP E . -35.88 -3.68 1.58
CE3 TRP E . -35.79 -4.93 -0.49
CZ2 TRP E . -36.56 -4.69 2.21
CZ3 TRP E . -36.45 -5.94 0.14
CH2 TRP E . -36.84 -5.82 1.48
OXT TRP E . -34.68 1.17 -0.58
N TRP F . -17.33 16.83 2.83
CA TRP F . -16.91 17.79 3.91
C TRP F . -18.05 18.66 4.37
O TRP F . -17.87 19.56 5.22
CB TRP F . -15.71 18.63 3.50
CG TRP F . -15.92 19.64 2.42
CD1 TRP F . -17.03 19.76 1.59
CD2 TRP F . -15.02 20.66 2.02
NE1 TRP F . -16.84 20.82 0.72
CE2 TRP F . -15.59 21.36 0.95
CE3 TRP F . -13.73 21.03 2.46
CZ2 TRP F . -14.97 22.45 0.33
CZ3 TRP F . -13.12 22.11 1.85
CH2 TRP F . -13.72 22.78 0.78
OXT TRP F . -19.20 18.41 3.90
N TRP G . 17.42 -16.20 -4.90
CA TRP G . 16.90 -17.59 -4.61
C TRP G . 17.99 -18.66 -4.60
O TRP G . 17.73 -19.86 -4.44
CB TRP G . 15.78 -18.00 -5.58
CG TRP G . 16.20 -18.21 -7.02
CD1 TRP G . 17.40 -17.88 -7.61
CD2 TRP G . 15.39 -18.79 -8.04
NE1 TRP G . 17.38 -18.25 -8.95
CE2 TRP G . 16.16 -18.80 -9.24
CE3 TRP G . 14.10 -19.33 -8.07
CZ2 TRP G . 15.67 -19.34 -10.43
CZ3 TRP G . 13.62 -19.82 -9.23
CH2 TRP G . 14.39 -19.83 -10.41
OXT TRP G . 19.16 -18.28 -4.70
N TRP H . 32.30 -0.44 4.06
CA TRP H . 33.58 0.22 3.68
C TRP H . 34.68 -0.77 3.48
O TRP H . 35.84 -0.47 3.23
CB TRP H . 33.93 1.29 4.72
CG TRP H . 34.33 0.80 6.10
CD1 TRP H . 34.26 -0.45 6.57
CD2 TRP H . 34.88 1.60 7.12
NE1 TRP H . 34.72 -0.49 7.87
CE2 TRP H . 35.13 0.78 8.22
CE3 TRP H . 35.23 2.96 7.21
CZ2 TRP H . 35.68 1.24 9.37
CZ3 TRP H . 35.76 3.42 8.37
CH2 TRP H . 35.99 2.56 9.45
OXT TRP H . 34.38 -1.97 3.58
#